data_8RTY
#
_entry.id   8RTY
#
_cell.length_a   1.00
_cell.length_b   1.00
_cell.length_c   1.00
_cell.angle_alpha   90.00
_cell.angle_beta   90.00
_cell.angle_gamma   90.00
#
_symmetry.space_group_name_H-M   'P 1'
#
loop_
_entity.id
_entity.type
_entity.pdbx_description
1 polymer 'Actin, cytoplasmic 1, N-terminally processed'
2 polymer 'Methylated-DNA--protein-cysteine methyltransferase,Cell division control protein 12'
3 polymer 'Phalloidin (Amanita phalloides)'
4 polymer Profilin-1
5 non-polymer "ADENOSINE-5'-DIPHOSPHATE"
6 non-polymer 'MAGNESIUM ION'
7 non-polymer 'PHOSPHATE ION'
#
loop_
_entity_poly.entity_id
_entity_poly.type
_entity_poly.pdbx_seq_one_letter_code
_entity_poly.pdbx_strand_id
1 'polypeptide(L)'
;DDDIAALVVDNGSGMCKAGFAGDDAPRAVFPSIVGRPRHQGVMVGMGQKDSYVGDEAQSKRGILTLKYPIE(HIC)GIVT
NWDDMEKIWHHTFYNELRVAPEEHPVLLTEAPLNPKANREKMTQIMFETFNTPAMYVAIQAVLSLYASGRTTGIVMDSGD
GVTHTVPIYEGYALPHAILRLDLAGRDLTDYLMKILTERGYSFTTTAEREIVRDIKEKLCYVALDFEQEMATAASSSSLE
KSYELPDGQVITIGNERFRCPEALFQPSFLGMESAGIHETTFNSIMKCDVDIRKDLYANTVLSGGTTMYPGIADRMQKEI
TALAPSTMKIKIIAPPERKYSVWIGGSILASLSTFQQMWISKQEYDESGPSIVHRKCF
;
A,B,C,D
2 'polypeptide(L)'
;GAMADKDCEMKRTTLDSPLGKLELSGCEQGLHEIKLLGKGTSAADAVEVPAPAAVLGGPEPLMQATAWLNAYFHQPEAIE
EFPVPALHHPVFQQESFTRQVLWKLLKVVKFGEVISYQQLAALAGNPAATAAVKTALSGNPVPILIPCHRVVSSSGAVGG
YEGGLAVKEWLLAHEGHRLGKPGLGPAGIGAPGSNNSKITNFDIPNDATSLPTIITHPTPPPPPPLPVKTSLNTFSHPDS
VNIVANDTSVAGVMPAFPPPPPPPPPLVSAAGGKFVSPAVSNNISKDDLHKTTGLTRRPTRRLKQMHWEKLNSGLEFTFW
TGPSDEANKILETLHTSGVLDELDESFAMKEAKTLVKKTCARTDYMSSELQKLFGIHFHKLSHKNPNEIIRMILHCDDSM
NECVEFLSSDKVLNQPKLKADLEPYRIDWANGGDLVNSEKDASELSRWDYLYVRLIVDLGGYWNQRMNALKVKNIIETNY
ENLVRQTKLIGRAALELRDSKVFKGLLYLILYLGNYMNDYVRQAKGFAIGSLQRLPLIKNANNTKSLLHILDITIRKHFP
QFDNFSPELSTVTEAAKLNIEAIEQECSELIRGCQNLQIDCDSGALSDPTVFHPDDKILSVILPWLMEGTKKMDFLKEHL
RTMNTTLNNAMRYFGEQPNDPNSKNLFFKRVDSFIIDYSKARSDNLKSEEEEASQHRRLNLVN
;
E,F
3 'polypeptide(L)' W(EEP)A(DTH)C(HYP)A H,I,J
4 'polypeptide(L)'
;AGWNAYIDNLMADGTCQDAAIVGYKDSPCVWAAVPGKTFVNITPAEVGVLVGKDRSSFYVNGLTLGGQKCMVIRDSLLQD
GEFSMDLRTKSTGGAPTFNVTVTKTDKTLVLLMGKEGVHGGLINKKCYEMASHLRRSQY
;
P
#
# COMPACT_ATOMS: atom_id res chain seq x y z
N ALA A 5 -49.08 -38.47 33.22
CA ALA A 5 -49.54 -39.05 31.97
C ALA A 5 -50.09 -37.98 31.04
N ALA A 6 -49.21 -37.34 30.28
CA ALA A 6 -49.63 -36.27 29.39
C ALA A 6 -50.57 -36.80 28.30
N LEU A 7 -51.45 -35.92 27.82
CA LEU A 7 -52.46 -36.30 26.85
C LEU A 7 -52.06 -35.80 25.47
N VAL A 8 -52.07 -36.69 24.49
CA VAL A 8 -51.78 -36.35 23.10
C VAL A 8 -53.09 -36.43 22.33
N VAL A 9 -53.47 -35.31 21.71
CA VAL A 9 -54.69 -35.23 20.91
C VAL A 9 -54.31 -34.63 19.57
N ASP A 10 -54.68 -35.31 18.49
CA ASP A 10 -54.27 -34.92 17.14
C ASP A 10 -55.52 -34.64 16.31
N ASN A 11 -55.87 -33.36 16.19
CA ASN A 11 -57.00 -32.96 15.35
C ASN A 11 -56.56 -32.89 13.90
N GLY A 12 -57.11 -33.79 13.07
CA GLY A 12 -56.75 -33.85 11.68
C GLY A 12 -57.90 -33.36 10.81
N SER A 13 -57.54 -32.97 9.58
CA SER A 13 -58.54 -32.44 8.66
C SER A 13 -59.64 -33.46 8.37
N GLY A 14 -59.31 -34.73 8.35
CA GLY A 14 -60.30 -35.76 8.12
C GLY A 14 -60.40 -36.80 9.20
N MET A 15 -59.40 -36.86 10.09
CA MET A 15 -59.32 -37.96 11.04
C MET A 15 -58.57 -37.49 12.28
N CYS A 16 -59.18 -37.65 13.45
CA CYS A 16 -58.56 -37.24 14.70
C CYS A 16 -58.10 -38.46 15.49
N LYS A 17 -56.90 -38.38 16.05
CA LYS A 17 -56.30 -39.47 16.82
C LYS A 17 -55.93 -38.93 18.20
N ALA A 18 -56.26 -39.70 19.24
CA ALA A 18 -55.94 -39.33 20.61
C ALA A 18 -55.46 -40.55 21.38
N GLY A 19 -54.66 -40.32 22.39
CA GLY A 19 -54.13 -41.40 23.21
C GLY A 19 -53.39 -40.86 24.42
N PHE A 20 -52.53 -41.71 24.98
CA PHE A 20 -51.72 -41.37 26.15
C PHE A 20 -50.24 -41.33 25.77
N ALA A 21 -49.48 -40.60 26.58
CA ALA A 21 -48.05 -40.50 26.36
C ALA A 21 -47.36 -41.83 26.63
N GLY A 22 -46.31 -42.10 25.86
CA GLY A 22 -45.52 -43.30 26.03
C GLY A 22 -46.09 -44.54 25.39
N ASP A 23 -47.22 -44.45 24.71
CA ASP A 23 -47.84 -45.60 24.07
C ASP A 23 -47.30 -45.78 22.65
N ASP A 24 -47.80 -46.80 21.96
CA ASP A 24 -47.38 -47.09 20.59
C ASP A 24 -48.46 -46.82 19.55
N ALA A 25 -49.73 -46.98 19.90
CA ALA A 25 -50.84 -46.75 18.98
C ALA A 25 -51.88 -45.88 19.67
N PRO A 26 -52.61 -45.06 18.91
CA PRO A 26 -53.64 -44.22 19.52
C PRO A 26 -54.70 -45.06 20.21
N ARG A 27 -55.13 -44.60 21.39
CA ARG A 27 -56.13 -45.34 22.15
C ARG A 27 -57.50 -45.24 21.49
N ALA A 28 -57.92 -44.04 21.11
CA ALA A 28 -59.23 -43.80 20.51
C ALA A 28 -59.03 -43.24 19.11
N VAL A 29 -59.63 -43.89 18.13
CA VAL A 29 -59.45 -43.56 16.72
C VAL A 29 -60.83 -43.45 16.09
N PHE A 30 -61.36 -42.24 16.00
CA PHE A 30 -62.71 -42.01 15.50
C PHE A 30 -62.71 -40.81 14.54
N PRO A 31 -63.64 -40.78 13.59
CA PRO A 31 -63.60 -39.74 12.56
C PRO A 31 -63.90 -38.35 13.12
N SER A 32 -63.44 -37.34 12.39
CA SER A 32 -63.63 -35.94 12.77
C SER A 32 -64.81 -35.35 12.00
N ILE A 33 -66.01 -35.67 12.45
CA ILE A 33 -67.23 -35.25 11.79
C ILE A 33 -68.27 -34.83 12.83
N VAL A 34 -69.05 -33.80 12.50
CA VAL A 34 -70.20 -33.39 13.28
C VAL A 34 -71.36 -33.20 12.32
N GLY A 35 -72.45 -33.93 12.54
CA GLY A 35 -73.61 -33.87 11.68
C GLY A 35 -74.88 -33.75 12.50
N ARG A 36 -75.91 -33.16 11.88
CA ARG A 36 -77.19 -32.95 12.52
C ARG A 36 -78.32 -33.44 11.62
N PRO A 37 -79.41 -33.92 12.20
CA PRO A 37 -80.52 -34.42 11.38
C PRO A 37 -81.14 -33.32 10.53
N ARG A 38 -81.55 -33.70 9.32
CA ARG A 38 -82.26 -32.81 8.42
C ARG A 38 -83.76 -33.06 8.40
N HIS A 39 -84.24 -34.01 9.20
CA HIS A 39 -85.66 -34.36 9.27
C HIS A 39 -86.13 -34.24 10.72
N GLN A 40 -87.36 -34.68 10.95
CA GLN A 40 -87.98 -34.62 12.27
C GLN A 40 -88.27 -36.02 12.78
N GLY A 41 -88.14 -36.20 14.09
CA GLY A 41 -88.40 -37.49 14.71
C GLY A 41 -89.88 -37.71 15.00
N VAL A 42 -90.54 -38.51 14.18
CA VAL A 42 -91.96 -38.80 14.38
C VAL A 42 -92.20 -39.65 15.63
N MET A 43 -91.25 -40.50 16.00
CA MET A 43 -91.38 -41.38 17.15
C MET A 43 -90.93 -40.64 18.41
N VAL A 44 -91.28 -41.22 19.57
CA VAL A 44 -90.95 -40.60 20.84
C VAL A 44 -89.45 -40.45 21.01
N GLY A 45 -89.05 -39.62 21.96
CA GLY A 45 -87.65 -39.30 22.18
C GLY A 45 -86.88 -40.30 23.01
N MET A 46 -86.50 -41.43 22.43
CA MET A 46 -85.65 -42.38 23.13
C MET A 46 -84.17 -42.04 22.94
N GLY A 47 -83.83 -40.77 23.12
CA GLY A 47 -82.46 -40.33 23.10
C GLY A 47 -81.96 -39.67 21.82
N GLN A 48 -82.84 -39.09 21.01
CA GLN A 48 -82.40 -38.32 19.85
C GLN A 48 -81.77 -37.00 20.28
N LYS A 49 -80.44 -36.97 20.34
CA LYS A 49 -79.69 -35.79 20.73
C LYS A 49 -79.75 -34.73 19.63
N ASP A 50 -79.29 -33.53 19.94
CA ASP A 50 -79.24 -32.47 18.93
C ASP A 50 -78.21 -32.79 17.85
N SER A 51 -77.03 -33.24 18.24
CA SER A 51 -75.96 -33.55 17.29
C SER A 51 -75.27 -34.85 17.67
N TYR A 52 -74.80 -35.57 16.67
CA TYR A 52 -74.01 -36.79 16.86
C TYR A 52 -72.59 -36.53 16.41
N VAL A 53 -71.63 -37.05 17.17
CA VAL A 53 -70.21 -36.78 16.95
C VAL A 53 -69.44 -38.08 17.02
N GLY A 54 -68.47 -38.24 16.11
CA GLY A 54 -67.60 -39.40 16.12
C GLY A 54 -68.12 -40.56 15.29
N ASP A 55 -67.81 -41.78 15.70
CA ASP A 55 -68.28 -42.97 15.00
C ASP A 55 -69.80 -43.11 15.08
N GLU A 56 -70.44 -42.46 16.05
CA GLU A 56 -71.89 -42.50 16.14
C GLU A 56 -72.53 -41.89 14.90
N ALA A 57 -71.98 -40.77 14.42
CA ALA A 57 -72.48 -40.17 13.19
C ALA A 57 -72.27 -41.09 12.00
N GLN A 58 -71.13 -41.78 11.95
CA GLN A 58 -70.84 -42.68 10.84
C GLN A 58 -71.87 -43.80 10.74
N SER A 59 -72.30 -44.32 11.89
CA SER A 59 -73.31 -45.39 11.89
C SER A 59 -74.63 -44.90 11.30
N LYS A 60 -75.02 -43.67 11.62
CA LYS A 60 -76.26 -43.07 11.13
C LYS A 60 -75.98 -41.93 10.16
N ARG A 61 -74.96 -42.09 9.31
CA ARG A 61 -74.62 -41.05 8.36
C ARG A 61 -75.67 -40.87 7.27
N GLY A 62 -76.54 -41.85 7.08
CA GLY A 62 -77.55 -41.75 6.03
C GLY A 62 -78.66 -40.76 6.32
N ILE A 63 -78.83 -40.38 7.59
CA ILE A 63 -79.91 -39.48 7.99
C ILE A 63 -79.38 -38.08 8.30
N LEU A 64 -78.15 -37.98 8.83
CA LEU A 64 -77.62 -36.68 9.23
C LEU A 64 -76.98 -35.98 8.03
N THR A 65 -76.65 -34.70 8.25
CA THR A 65 -75.96 -33.87 7.27
C THR A 65 -74.51 -33.72 7.75
N LEU A 66 -73.62 -34.54 7.20
CA LEU A 66 -72.25 -34.55 7.65
C LEU A 66 -71.53 -33.28 7.23
N LYS A 67 -70.88 -32.63 8.19
CA LYS A 67 -70.09 -31.44 7.94
C LYS A 67 -68.79 -31.54 8.74
N TYR A 68 -67.67 -31.24 8.09
CA TYR A 68 -66.38 -31.30 8.76
C TYR A 68 -66.09 -29.97 9.43
N PRO A 69 -65.97 -29.92 10.76
CA PRO A 69 -65.62 -28.65 11.42
C PRO A 69 -64.24 -28.16 11.06
N ILE A 70 -63.37 -29.03 10.53
CA ILE A 70 -62.01 -28.68 10.16
C ILE A 70 -61.89 -28.78 8.64
N GLU A 71 -61.30 -27.76 8.03
CA GLU A 71 -61.13 -27.70 6.59
C GLU A 71 -59.78 -27.09 6.22
N GLY A 73 -57.03 -27.76 7.31
CA GLY A 73 -56.30 -27.51 8.54
C GLY A 73 -56.69 -26.20 9.20
N ILE A 74 -57.87 -25.70 8.86
CA ILE A 74 -58.38 -24.44 9.40
C ILE A 74 -59.78 -24.70 9.97
N VAL A 75 -60.00 -24.27 11.21
CA VAL A 75 -61.28 -24.47 11.87
C VAL A 75 -62.26 -23.41 11.35
N THR A 76 -63.27 -23.84 10.60
CA THR A 76 -64.28 -22.94 10.07
C THR A 76 -65.48 -22.78 11.00
N ASN A 77 -65.58 -23.59 12.06
CA ASN A 77 -66.68 -23.49 13.00
C ASN A 77 -66.13 -23.92 14.35
N TRP A 78 -65.98 -22.95 15.27
CA TRP A 78 -65.41 -23.25 16.57
C TRP A 78 -66.43 -23.90 17.48
N ASP A 79 -67.72 -23.86 17.10
CA ASP A 79 -68.77 -24.48 17.91
C ASP A 79 -68.72 -26.00 17.80
N ASP A 80 -68.81 -26.54 16.57
CA ASP A 80 -68.80 -27.98 16.41
C ASP A 80 -67.49 -28.61 16.85
N MET A 81 -66.39 -27.86 16.81
CA MET A 81 -65.10 -28.38 17.26
C MET A 81 -65.10 -28.65 18.76
N GLU A 82 -65.71 -27.77 19.55
CA GLU A 82 -65.76 -28.00 20.99
C GLU A 82 -66.46 -29.31 21.30
N LYS A 83 -67.39 -29.70 20.43
CA LYS A 83 -68.11 -30.96 20.61
C LYS A 83 -67.17 -32.16 20.49
N ILE A 84 -66.26 -32.15 19.51
CA ILE A 84 -65.41 -33.32 19.31
C ILE A 84 -64.42 -33.47 20.47
N TRP A 85 -63.87 -32.35 20.95
CA TRP A 85 -62.91 -32.44 22.04
C TRP A 85 -63.61 -32.77 23.36
N HIS A 86 -64.81 -32.22 23.55
CA HIS A 86 -65.62 -32.62 24.70
C HIS A 86 -65.97 -34.09 24.63
N HIS A 87 -66.34 -34.57 23.44
CA HIS A 87 -66.63 -36.00 23.27
C HIS A 87 -65.37 -36.85 23.42
N THR A 88 -64.22 -36.30 23.04
CA THR A 88 -62.98 -37.07 23.10
C THR A 88 -62.63 -37.46 24.53
N PHE A 89 -62.70 -36.50 25.46
CA PHE A 89 -62.23 -36.75 26.82
C PHE A 89 -63.21 -37.59 27.62
N TYR A 90 -64.51 -37.39 27.40
CA TYR A 90 -65.52 -37.99 28.26
C TYR A 90 -66.19 -39.23 27.66
N ASN A 91 -65.94 -39.53 26.40
CA ASN A 91 -66.61 -40.66 25.76
C ASN A 91 -65.61 -41.64 25.17
N GLU A 92 -64.43 -41.16 24.77
CA GLU A 92 -63.42 -41.98 24.13
C GLU A 92 -62.33 -42.42 25.10
N LEU A 93 -61.65 -41.45 25.72
CA LEU A 93 -60.54 -41.77 26.61
C LEU A 93 -60.95 -41.82 28.08
N ARG A 94 -62.12 -41.28 28.42
CA ARG A 94 -62.71 -41.39 29.75
C ARG A 94 -61.75 -40.91 30.83
N VAL A 95 -61.17 -39.73 30.62
CA VAL A 95 -60.21 -39.14 31.57
C VAL A 95 -60.56 -37.67 31.75
N ALA A 96 -60.42 -37.19 32.98
CA ALA A 96 -60.57 -35.75 33.23
C ALA A 96 -59.34 -35.02 32.72
N PRO A 97 -59.50 -33.96 31.93
CA PRO A 97 -58.34 -33.25 31.37
C PRO A 97 -57.80 -32.12 32.23
N GLU A 98 -58.28 -31.96 33.47
CA GLU A 98 -57.79 -30.91 34.35
C GLU A 98 -56.55 -31.33 35.14
N GLU A 99 -56.06 -32.55 34.94
CA GLU A 99 -54.93 -33.06 35.69
C GLU A 99 -53.71 -33.35 34.83
N HIS A 100 -53.84 -33.35 33.51
CA HIS A 100 -52.74 -33.69 32.63
C HIS A 100 -52.60 -32.66 31.52
N PRO A 101 -51.38 -32.36 31.10
CA PRO A 101 -51.19 -31.46 29.96
C PRO A 101 -51.60 -32.12 28.65
N VAL A 102 -51.89 -31.27 27.66
CA VAL A 102 -52.42 -31.71 26.37
C VAL A 102 -51.53 -31.18 25.26
N LEU A 103 -51.27 -32.03 24.27
CA LEU A 103 -50.51 -31.65 23.08
C LEU A 103 -51.46 -31.53 21.89
N LEU A 104 -51.16 -30.58 21.00
CA LEU A 104 -51.93 -30.36 19.78
C LEU A 104 -50.97 -30.24 18.61
N THR A 105 -51.45 -30.62 17.43
CA THR A 105 -50.67 -30.53 16.20
C THR A 105 -51.33 -29.55 15.24
N GLU A 106 -50.53 -28.63 14.71
CA GLU A 106 -51.00 -27.63 13.78
C GLU A 106 -50.11 -27.62 12.55
N ALA A 107 -50.75 -27.49 11.38
CA ALA A 107 -49.99 -27.41 10.14
C ALA A 107 -49.24 -26.08 10.05
N PRO A 108 -48.11 -26.05 9.38
CA PRO A 108 -47.36 -24.80 9.25
C PRO A 108 -48.11 -23.76 8.44
N LEU A 109 -47.67 -22.52 8.58
CA LEU A 109 -48.15 -21.39 7.78
C LEU A 109 -49.63 -21.13 7.97
N ASN A 110 -50.18 -21.56 9.11
CA ASN A 110 -51.59 -21.32 9.40
C ASN A 110 -51.78 -19.92 9.97
N PRO A 111 -52.97 -19.34 9.81
CA PRO A 111 -53.23 -18.01 10.37
C PRO A 111 -53.07 -18.00 11.87
N LYS A 112 -52.58 -16.87 12.40
CA LYS A 112 -52.38 -16.73 13.83
C LYS A 112 -53.70 -16.81 14.59
N ALA A 113 -54.80 -16.42 13.94
CA ALA A 113 -56.10 -16.44 14.59
C ALA A 113 -56.56 -17.84 14.94
N ASN A 114 -56.17 -18.85 14.16
CA ASN A 114 -56.55 -20.23 14.48
C ASN A 114 -55.91 -20.68 15.79
N ARG A 115 -54.59 -20.56 15.89
CA ARG A 115 -53.87 -21.16 17.00
C ARG A 115 -54.07 -20.41 18.32
N GLU A 116 -54.41 -19.12 18.27
CA GLU A 116 -54.72 -18.43 19.52
C GLU A 116 -56.07 -18.87 20.07
N LYS A 117 -57.01 -19.23 19.18
CA LYS A 117 -58.35 -19.60 19.63
C LYS A 117 -58.36 -20.95 20.34
N MET A 118 -57.63 -21.95 19.83
CA MET A 118 -57.59 -23.24 20.50
C MET A 118 -57.00 -23.12 21.91
N THR A 119 -55.98 -22.27 22.06
CA THR A 119 -55.38 -22.08 23.39
C THR A 119 -56.36 -21.42 24.35
N GLN A 120 -56.96 -20.30 23.92
CA GLN A 120 -57.82 -19.52 24.79
C GLN A 120 -58.91 -20.38 25.42
N ILE A 121 -59.58 -21.20 24.61
CA ILE A 121 -60.72 -21.96 25.09
C ILE A 121 -60.27 -23.07 26.03
N MET A 122 -59.17 -23.76 25.71
CA MET A 122 -58.77 -24.92 26.51
C MET A 122 -58.32 -24.51 27.91
N PHE A 123 -57.70 -23.32 28.03
CA PHE A 123 -57.38 -22.79 29.34
C PHE A 123 -58.63 -22.30 30.06
N GLU A 124 -59.75 -22.15 29.37
CA GLU A 124 -60.99 -21.64 29.95
C GLU A 124 -62.09 -22.67 30.07
N THR A 125 -62.24 -23.58 29.09
CA THR A 125 -63.28 -24.58 29.14
C THR A 125 -62.87 -25.85 29.88
N PHE A 126 -61.80 -26.51 29.43
CA PHE A 126 -61.33 -27.72 30.09
C PHE A 126 -60.29 -27.45 31.17
N ASN A 127 -59.70 -26.26 31.19
CA ASN A 127 -58.79 -25.84 32.27
C ASN A 127 -57.59 -26.79 32.38
N THR A 128 -56.87 -26.95 31.28
CA THR A 128 -55.73 -27.87 31.27
C THR A 128 -54.58 -27.28 32.08
N PRO A 129 -53.86 -28.12 32.83
CA PRO A 129 -52.70 -27.60 33.59
C PRO A 129 -51.60 -27.02 32.71
N ALA A 130 -51.36 -27.59 31.53
CA ALA A 130 -50.32 -27.12 30.64
C ALA A 130 -50.72 -27.43 29.21
N MET A 131 -50.00 -26.85 28.26
CA MET A 131 -50.38 -26.96 26.85
C MET A 131 -49.13 -26.79 25.99
N TYR A 132 -49.20 -27.34 24.77
CA TYR A 132 -48.20 -27.10 23.75
C TYR A 132 -48.76 -27.51 22.40
N VAL A 133 -48.36 -26.77 21.36
CA VAL A 133 -48.76 -27.06 19.99
C VAL A 133 -47.49 -27.24 19.17
N ALA A 134 -47.44 -28.32 18.38
CA ALA A 134 -46.28 -28.67 17.59
C ALA A 134 -46.67 -28.87 16.14
N ILE A 135 -45.69 -28.72 15.25
CA ILE A 135 -45.92 -28.94 13.82
C ILE A 135 -46.13 -30.42 13.55
N GLN A 136 -47.12 -30.71 12.69
CA GLN A 136 -47.38 -32.10 12.32
C GLN A 136 -46.17 -32.75 11.66
N ALA A 137 -45.53 -32.02 10.73
CA ALA A 137 -44.39 -32.59 10.01
C ALA A 137 -43.21 -32.82 10.94
N VAL A 138 -43.01 -31.92 11.91
CA VAL A 138 -41.87 -32.06 12.82
C VAL A 138 -41.99 -33.35 13.62
N LEU A 139 -43.19 -33.65 14.13
CA LEU A 139 -43.38 -34.87 14.91
C LEU A 139 -43.24 -36.11 14.04
N SER A 140 -43.52 -35.99 12.74
CA SER A 140 -43.41 -37.15 11.86
C SER A 140 -41.98 -37.66 11.78
N LEU A 141 -41.00 -36.77 11.71
CA LEU A 141 -39.60 -37.17 11.70
C LEU A 141 -39.21 -37.85 13.01
N TYR A 142 -39.79 -37.39 14.13
CA TYR A 142 -39.49 -37.99 15.42
C TYR A 142 -39.82 -39.47 15.44
N ALA A 143 -40.93 -39.86 14.79
CA ALA A 143 -41.30 -41.27 14.72
C ALA A 143 -40.24 -42.08 13.98
N SER A 144 -39.69 -41.52 12.90
CA SER A 144 -38.64 -42.20 12.15
C SER A 144 -37.35 -42.31 12.94
N GLY A 145 -37.20 -41.57 14.04
CA GLY A 145 -36.00 -41.63 14.83
C GLY A 145 -34.78 -41.02 14.20
N ARG A 146 -34.95 -40.21 13.17
CA ARG A 146 -33.82 -39.60 12.46
C ARG A 146 -33.58 -38.19 13.00
N THR A 147 -32.70 -37.45 12.32
CA THR A 147 -32.42 -36.07 12.68
C THR A 147 -32.42 -35.10 11.51
N THR A 148 -32.30 -35.58 10.28
CA THR A 148 -32.15 -34.71 9.12
C THR A 148 -32.97 -35.27 7.96
N GLY A 149 -33.70 -34.40 7.28
CA GLY A 149 -34.45 -34.81 6.11
C GLY A 149 -35.63 -33.90 5.88
N ILE A 150 -36.40 -34.23 4.83
CA ILE A 150 -37.62 -33.52 4.48
C ILE A 150 -38.79 -34.49 4.65
N VAL A 151 -39.84 -34.03 5.32
CA VAL A 151 -41.00 -34.86 5.62
C VAL A 151 -42.15 -34.41 4.73
N MET A 152 -42.80 -35.38 4.09
CA MET A 152 -43.97 -35.12 3.26
C MET A 152 -45.19 -35.53 4.06
N ASP A 153 -45.91 -34.54 4.60
CA ASP A 153 -47.10 -34.76 5.40
C ASP A 153 -48.32 -34.34 4.57
N SER A 154 -48.95 -35.32 3.94
CA SER A 154 -50.15 -35.10 3.15
C SER A 154 -51.32 -35.80 3.84
N GLY A 155 -52.16 -35.02 4.51
CA GLY A 155 -53.33 -35.58 5.17
C GLY A 155 -54.58 -35.47 4.34
N ASP A 156 -55.72 -35.22 4.98
CA ASP A 156 -56.98 -35.07 4.27
C ASP A 156 -57.19 -33.68 3.72
N GLY A 157 -56.66 -32.64 4.38
CA GLY A 157 -56.92 -31.28 3.98
C GLY A 157 -55.75 -30.53 3.39
N VAL A 158 -54.54 -30.77 3.91
CA VAL A 158 -53.36 -30.02 3.50
C VAL A 158 -52.21 -30.98 3.21
N THR A 159 -51.29 -30.52 2.38
CA THR A 159 -50.06 -31.24 2.05
C THR A 159 -48.90 -30.26 2.21
N HIS A 160 -48.09 -30.47 3.24
CA HIS A 160 -46.99 -29.57 3.57
C HIS A 160 -45.69 -30.36 3.67
N THR A 161 -44.62 -29.80 3.12
CA THR A 161 -43.28 -30.37 3.18
C THR A 161 -42.38 -29.44 3.99
N VAL A 162 -41.75 -29.99 5.02
CA VAL A 162 -40.91 -29.21 5.93
C VAL A 162 -39.53 -29.86 5.97
N PRO A 163 -38.52 -29.22 5.40
CA PRO A 163 -37.16 -29.77 5.49
C PRO A 163 -36.48 -29.35 6.78
N ILE A 164 -35.74 -30.30 7.36
CA ILE A 164 -34.96 -30.07 8.57
C ILE A 164 -33.57 -30.63 8.34
N TYR A 165 -32.55 -29.89 8.79
CA TYR A 165 -31.17 -30.38 8.79
C TYR A 165 -30.66 -30.34 10.22
N GLU A 166 -30.47 -31.52 10.82
CA GLU A 166 -29.87 -31.66 12.14
C GLU A 166 -30.64 -30.88 13.22
N GLY A 167 -31.97 -31.02 13.22
CA GLY A 167 -32.79 -30.38 14.23
C GLY A 167 -33.14 -28.93 13.98
N TYR A 168 -32.65 -28.37 12.87
CA TYR A 168 -32.93 -26.98 12.52
C TYR A 168 -33.81 -26.97 11.27
N ALA A 169 -34.97 -26.31 11.37
CA ALA A 169 -35.88 -26.21 10.25
C ALA A 169 -35.78 -24.83 9.62
N LEU A 170 -35.90 -24.78 8.29
CA LEU A 170 -35.79 -23.53 7.55
C LEU A 170 -37.19 -22.99 7.30
N PRO A 171 -37.62 -21.93 7.99
CA PRO A 171 -38.98 -21.42 7.78
C PRO A 171 -39.25 -20.90 6.39
N HIS A 172 -38.24 -20.37 5.71
CA HIS A 172 -38.43 -19.84 4.36
C HIS A 172 -38.81 -20.90 3.35
N ALA A 173 -38.21 -22.08 3.43
CA ALA A 173 -38.40 -23.12 2.43
C ALA A 173 -39.63 -23.99 2.68
N ILE A 174 -40.52 -23.59 3.60
CA ILE A 174 -41.72 -24.36 3.88
C ILE A 174 -42.74 -24.08 2.78
N LEU A 175 -43.10 -25.10 2.03
CA LEU A 175 -44.09 -24.99 0.96
C LEU A 175 -45.38 -25.66 1.40
N ARG A 176 -46.48 -24.92 1.35
CA ARG A 176 -47.79 -25.42 1.73
C ARG A 176 -48.66 -25.57 0.49
N LEU A 177 -49.18 -26.78 0.29
CA LEU A 177 -50.01 -27.10 -0.86
C LEU A 177 -51.41 -27.44 -0.39
N ASP A 178 -52.41 -26.75 -0.94
CA ASP A 178 -53.81 -26.98 -0.60
C ASP A 178 -54.39 -28.08 -1.50
N LEU A 179 -53.70 -29.21 -1.53
CA LEU A 179 -54.11 -30.36 -2.33
C LEU A 179 -53.93 -31.61 -1.48
N ALA A 180 -55.02 -32.28 -1.16
CA ALA A 180 -54.95 -33.44 -0.28
C ALA A 180 -56.07 -34.40 -0.65
N GLY A 181 -56.34 -35.37 0.24
CA GLY A 181 -57.26 -36.44 -0.08
C GLY A 181 -58.68 -35.95 -0.33
N ARG A 182 -59.12 -34.94 0.42
CA ARG A 182 -60.48 -34.43 0.24
C ARG A 182 -60.68 -33.91 -1.18
N ASP A 183 -59.68 -33.23 -1.73
CA ASP A 183 -59.76 -32.82 -3.13
C ASP A 183 -59.77 -34.04 -4.06
N LEU A 184 -58.97 -35.06 -3.74
CA LEU A 184 -58.93 -36.26 -4.56
C LEU A 184 -60.30 -36.95 -4.59
N THR A 185 -61.00 -36.99 -3.45
CA THR A 185 -62.36 -37.49 -3.44
C THR A 185 -63.25 -36.64 -4.35
N ASP A 186 -63.08 -35.32 -4.32
CA ASP A 186 -63.85 -34.45 -5.19
C ASP A 186 -63.52 -34.70 -6.65
N TYR A 187 -62.26 -35.02 -6.96
CA TYR A 187 -61.92 -35.34 -8.34
C TYR A 187 -62.57 -36.65 -8.76
N LEU A 188 -62.56 -37.66 -7.87
CA LEU A 188 -63.35 -38.86 -8.11
C LEU A 188 -64.82 -38.53 -8.20
N MET A 189 -65.27 -37.54 -7.42
CA MET A 189 -66.67 -37.13 -7.45
C MET A 189 -67.07 -36.62 -8.83
N LYS A 190 -66.09 -36.19 -9.63
CA LYS A 190 -66.39 -35.63 -10.94
C LYS A 190 -66.18 -36.65 -12.05
N ILE A 191 -65.21 -37.56 -11.90
CA ILE A 191 -64.85 -38.47 -12.99
C ILE A 191 -65.67 -39.76 -12.98
N LEU A 192 -66.20 -40.17 -11.83
CA LEU A 192 -66.99 -41.40 -11.76
C LEU A 192 -68.33 -41.31 -12.48
N THR A 193 -68.75 -40.11 -12.87
CA THR A 193 -70.02 -39.95 -13.58
C THR A 193 -69.97 -40.49 -15.01
N GLU A 194 -68.77 -40.74 -15.55
CA GLU A 194 -68.68 -41.23 -16.91
C GLU A 194 -69.20 -42.65 -17.04
N ARG A 195 -69.11 -43.45 -15.97
CA ARG A 195 -69.54 -44.84 -16.00
C ARG A 195 -70.98 -45.03 -15.55
N GLY A 196 -71.69 -43.95 -15.22
CA GLY A 196 -73.09 -44.02 -14.87
C GLY A 196 -73.39 -43.93 -13.39
N TYR A 197 -72.40 -44.10 -12.53
CA TYR A 197 -72.61 -44.00 -11.09
C TYR A 197 -72.63 -42.53 -10.67
N SER A 198 -73.73 -42.12 -10.05
CA SER A 198 -73.95 -40.73 -9.68
C SER A 198 -74.10 -40.64 -8.16
N PHE A 199 -73.18 -39.92 -7.52
CA PHE A 199 -73.25 -39.62 -6.10
C PHE A 199 -73.39 -38.11 -5.95
N THR A 200 -74.27 -37.68 -5.03
CA THR A 200 -74.54 -36.26 -4.86
C THR A 200 -74.18 -35.75 -3.47
N THR A 201 -74.73 -36.36 -2.42
CA THR A 201 -74.68 -35.76 -1.09
C THR A 201 -73.36 -36.06 -0.39
N THR A 202 -73.09 -35.28 0.66
CA THR A 202 -71.87 -35.44 1.44
C THR A 202 -71.85 -36.75 2.20
N ALA A 203 -73.02 -37.25 2.62
CA ALA A 203 -73.07 -38.56 3.25
C ALA A 203 -72.67 -39.65 2.26
N GLU A 204 -73.12 -39.53 1.01
CA GLU A 204 -72.71 -40.45 -0.05
C GLU A 204 -71.26 -40.27 -0.44
N ARG A 205 -70.63 -39.16 -0.07
CA ARG A 205 -69.21 -38.95 -0.33
C ARG A 205 -68.35 -39.90 0.50
N GLU A 206 -68.83 -40.29 1.68
CA GLU A 206 -68.09 -41.24 2.51
C GLU A 206 -67.88 -42.57 1.82
N ILE A 207 -68.82 -43.00 0.97
CA ILE A 207 -68.64 -44.22 0.20
C ILE A 207 -67.47 -44.07 -0.76
N VAL A 208 -67.35 -42.90 -1.40
CA VAL A 208 -66.21 -42.63 -2.27
C VAL A 208 -64.91 -42.67 -1.47
N ARG A 209 -64.96 -42.20 -0.22
CA ARG A 209 -63.79 -42.29 0.64
C ARG A 209 -63.37 -43.73 0.88
N ASP A 210 -64.34 -44.66 0.84
CA ASP A 210 -64.02 -46.06 1.07
C ASP A 210 -63.41 -46.70 -0.18
N ILE A 211 -63.93 -46.39 -1.35
CA ILE A 211 -63.48 -47.07 -2.58
C ILE A 211 -62.05 -46.66 -2.90
N LYS A 212 -61.69 -45.40 -2.64
CA LYS A 212 -60.32 -44.96 -2.90
C LYS A 212 -59.31 -45.67 -2.00
N GLU A 213 -59.75 -46.10 -0.82
CA GLU A 213 -58.86 -46.75 0.13
C GLU A 213 -58.65 -48.22 -0.18
N LYS A 214 -59.38 -48.77 -1.15
CA LYS A 214 -59.33 -50.21 -1.44
C LYS A 214 -58.93 -50.53 -2.87
N LEU A 215 -59.31 -49.72 -3.84
CA LEU A 215 -59.05 -50.00 -5.25
C LEU A 215 -58.08 -49.06 -5.92
N CYS A 216 -58.00 -47.80 -5.48
CA CYS A 216 -57.09 -46.86 -6.10
C CYS A 216 -55.65 -47.19 -5.78
N TYR A 217 -54.78 -46.98 -6.77
CA TYR A 217 -53.36 -47.25 -6.62
C TYR A 217 -52.60 -46.35 -7.60
N VAL A 218 -51.29 -46.26 -7.38
CA VAL A 218 -50.42 -45.42 -8.21
C VAL A 218 -49.80 -46.27 -9.30
N ALA A 219 -50.02 -45.87 -10.55
CA ALA A 219 -49.41 -46.55 -11.69
C ALA A 219 -48.00 -46.06 -11.91
N LEU A 220 -47.13 -46.96 -12.40
CA LEU A 220 -45.73 -46.59 -12.61
C LEU A 220 -45.59 -45.52 -13.67
N ASP A 221 -46.32 -45.65 -14.78
CA ASP A 221 -46.30 -44.66 -15.85
C ASP A 221 -47.72 -44.48 -16.38
N PHE A 222 -48.19 -43.24 -16.42
CA PHE A 222 -49.58 -42.98 -16.77
C PHE A 222 -49.86 -43.27 -18.24
N GLU A 223 -48.93 -42.90 -19.13
CA GLU A 223 -49.21 -42.94 -20.56
C GLU A 223 -49.34 -44.38 -21.07
N GLN A 224 -48.51 -45.29 -20.57
CA GLN A 224 -48.62 -46.68 -21.00
C GLN A 224 -49.82 -47.35 -20.35
N GLU A 225 -50.10 -47.02 -19.09
CA GLU A 225 -51.23 -47.64 -18.40
C GLU A 225 -52.57 -47.26 -19.03
N MET A 226 -52.74 -45.98 -19.40
CA MET A 226 -53.99 -45.58 -20.05
C MET A 226 -54.16 -46.27 -21.39
N ALA A 227 -53.07 -46.45 -22.15
CA ALA A 227 -53.13 -47.22 -23.38
C ALA A 227 -53.47 -48.68 -23.10
N THR A 228 -52.85 -49.26 -22.08
CA THR A 228 -53.15 -50.65 -21.72
C THR A 228 -54.57 -50.80 -21.20
N ALA A 229 -55.01 -49.86 -20.35
CA ALA A 229 -56.36 -49.94 -19.79
C ALA A 229 -57.44 -49.78 -20.86
N ALA A 230 -57.15 -49.03 -21.93
CA ALA A 230 -58.10 -48.85 -23.02
C ALA A 230 -58.07 -50.01 -24.02
N SER A 231 -57.19 -50.98 -23.83
CA SER A 231 -57.06 -52.11 -24.74
C SER A 231 -57.52 -53.43 -24.12
N SER A 232 -57.71 -53.49 -22.81
CA SER A 232 -58.09 -54.74 -22.15
C SER A 232 -58.97 -54.40 -20.96
N SER A 233 -59.22 -55.40 -20.11
CA SER A 233 -60.03 -55.24 -18.90
C SER A 233 -59.33 -55.86 -17.69
N SER A 234 -58.01 -56.04 -17.78
CA SER A 234 -57.27 -56.65 -16.68
C SER A 234 -57.25 -55.77 -15.43
N LEU A 235 -57.41 -54.46 -15.58
CA LEU A 235 -57.39 -53.55 -14.45
C LEU A 235 -58.76 -53.33 -13.83
N GLU A 236 -59.79 -54.01 -14.33
CA GLU A 236 -61.13 -53.86 -13.78
C GLU A 236 -61.21 -54.43 -12.37
N LYS A 237 -61.87 -53.70 -11.47
CA LYS A 237 -62.09 -54.14 -10.11
C LYS A 237 -63.55 -53.94 -9.74
N SER A 238 -64.08 -54.88 -8.97
CA SER A 238 -65.48 -54.85 -8.57
C SER A 238 -65.59 -54.39 -7.13
N TYR A 239 -66.43 -53.39 -6.90
CA TYR A 239 -66.70 -52.86 -5.57
C TYR A 239 -68.18 -52.96 -5.28
N GLU A 240 -68.52 -53.39 -4.06
CA GLU A 240 -69.89 -53.60 -3.65
C GLU A 240 -70.38 -52.37 -2.88
N LEU A 241 -71.54 -51.86 -3.26
CA LEU A 241 -72.15 -50.76 -2.54
C LEU A 241 -72.81 -51.28 -1.26
N PRO A 242 -72.98 -50.41 -0.26
CA PRO A 242 -73.61 -50.86 0.99
C PRO A 242 -75.02 -51.41 0.80
N ASP A 243 -75.73 -50.97 -0.23
CA ASP A 243 -77.07 -51.47 -0.50
C ASP A 243 -77.08 -52.86 -1.14
N GLY A 244 -75.92 -53.36 -1.56
CA GLY A 244 -75.83 -54.63 -2.25
C GLY A 244 -75.49 -54.52 -3.72
N GLN A 245 -75.57 -53.33 -4.31
CA GLN A 245 -75.17 -53.16 -5.70
C GLN A 245 -73.66 -53.26 -5.84
N VAL A 246 -73.22 -53.74 -7.00
CA VAL A 246 -71.80 -53.90 -7.31
C VAL A 246 -71.44 -52.95 -8.44
N ILE A 247 -70.28 -52.32 -8.32
CA ILE A 247 -69.79 -51.38 -9.31
C ILE A 247 -68.41 -51.83 -9.79
N THR A 248 -68.06 -51.38 -11.00
CA THR A 248 -66.78 -51.71 -11.61
C THR A 248 -66.13 -50.41 -12.07
N ILE A 249 -64.85 -50.24 -11.73
CA ILE A 249 -64.07 -49.05 -12.11
C ILE A 249 -62.79 -49.53 -12.78
N GLY A 250 -62.43 -48.89 -13.89
CA GLY A 250 -61.29 -49.31 -14.67
C GLY A 250 -60.10 -48.38 -14.60
N ASN A 251 -59.93 -47.55 -15.63
CA ASN A 251 -58.79 -46.65 -15.71
C ASN A 251 -58.74 -45.64 -14.57
N GLU A 252 -59.89 -45.34 -13.94
CA GLU A 252 -59.94 -44.35 -12.89
C GLU A 252 -59.18 -44.77 -11.63
N ARG A 253 -58.78 -46.04 -11.53
CA ARG A 253 -58.05 -46.50 -10.36
C ARG A 253 -56.72 -45.75 -10.20
N PHE A 254 -55.99 -45.56 -11.29
CA PHE A 254 -54.72 -44.88 -11.26
C PHE A 254 -54.83 -43.38 -11.57
N ARG A 255 -55.93 -42.96 -12.19
CA ARG A 255 -56.10 -41.56 -12.57
C ARG A 255 -56.17 -40.62 -11.36
N CYS A 256 -56.87 -41.01 -10.30
CA CYS A 256 -56.95 -40.16 -9.13
C CYS A 256 -55.62 -39.97 -8.43
N PRO A 257 -54.85 -41.02 -8.10
CA PRO A 257 -53.51 -40.77 -7.53
C PRO A 257 -52.58 -40.04 -8.47
N GLU A 258 -52.80 -40.16 -9.78
CA GLU A 258 -52.03 -39.40 -10.76
C GLU A 258 -52.26 -37.90 -10.61
N ALA A 259 -53.44 -37.49 -10.13
CA ALA A 259 -53.73 -36.06 -9.95
C ALA A 259 -52.81 -35.41 -8.92
N LEU A 260 -52.26 -36.18 -7.99
CA LEU A 260 -51.29 -35.62 -7.04
C LEU A 260 -50.03 -35.15 -7.75
N PHE A 261 -49.82 -35.63 -8.98
CA PHE A 261 -48.63 -35.27 -9.74
C PHE A 261 -48.93 -34.29 -10.88
N GLN A 262 -50.16 -34.28 -11.39
CA GLN A 262 -50.58 -33.36 -12.44
C GLN A 262 -51.88 -32.70 -12.01
N PRO A 263 -51.81 -31.68 -11.15
CA PRO A 263 -53.04 -31.00 -10.70
C PRO A 263 -53.71 -30.18 -11.79
N SER A 264 -53.18 -30.18 -13.02
CA SER A 264 -53.84 -29.49 -14.12
C SER A 264 -55.21 -30.05 -14.41
N PHE A 265 -55.46 -31.32 -14.09
CA PHE A 265 -56.77 -31.90 -14.32
C PHE A 265 -57.82 -31.26 -13.41
N LEU A 266 -57.43 -30.90 -12.19
CA LEU A 266 -58.32 -30.18 -11.29
C LEU A 266 -58.33 -28.68 -11.54
N GLY A 267 -57.50 -28.19 -12.48
CA GLY A 267 -57.47 -26.79 -12.80
C GLY A 267 -56.62 -25.94 -11.88
N MET A 268 -56.01 -26.52 -10.85
CA MET A 268 -55.18 -25.75 -9.94
C MET A 268 -53.85 -25.40 -10.60
N GLU A 269 -53.49 -24.12 -10.53
CA GLU A 269 -52.23 -23.66 -11.12
C GLU A 269 -51.01 -24.13 -10.32
N SER A 270 -51.20 -24.67 -9.13
CA SER A 270 -50.10 -25.25 -8.38
C SER A 270 -49.52 -26.45 -9.12
N ALA A 271 -48.39 -26.94 -8.62
CA ALA A 271 -47.71 -28.04 -9.26
C ALA A 271 -47.86 -29.32 -8.45
N GLY A 272 -47.44 -30.44 -9.05
CA GLY A 272 -47.56 -31.73 -8.41
C GLY A 272 -46.67 -31.86 -7.19
N ILE A 273 -47.06 -32.79 -6.32
CA ILE A 273 -46.33 -32.98 -5.07
C ILE A 273 -44.88 -33.37 -5.32
N HIS A 274 -44.62 -34.10 -6.41
CA HIS A 274 -43.24 -34.40 -6.77
C HIS A 274 -42.48 -33.12 -7.11
N GLU A 275 -43.13 -32.19 -7.81
CA GLU A 275 -42.47 -30.94 -8.19
C GLU A 275 -42.31 -30.02 -6.99
N THR A 276 -43.30 -30.00 -6.09
CA THR A 276 -43.23 -29.12 -4.93
C THR A 276 -42.05 -29.49 -4.04
N THR A 277 -41.82 -30.78 -3.82
CA THR A 277 -40.65 -31.21 -3.06
C THR A 277 -39.36 -30.73 -3.73
N PHE A 278 -39.33 -30.72 -5.05
CA PHE A 278 -38.15 -30.22 -5.76
C PHE A 278 -37.94 -28.73 -5.49
N ASN A 279 -39.02 -27.94 -5.49
CA ASN A 279 -38.88 -26.52 -5.24
C ASN A 279 -38.34 -26.26 -3.83
N SER A 280 -38.87 -26.98 -2.84
CA SER A 280 -38.44 -26.78 -1.46
C SER A 280 -36.95 -27.10 -1.30
N ILE A 281 -36.50 -28.22 -1.87
CA ILE A 281 -35.11 -28.62 -1.70
C ILE A 281 -34.18 -27.70 -2.47
N MET A 282 -34.63 -27.18 -3.62
CA MET A 282 -33.85 -26.17 -4.33
C MET A 282 -33.75 -24.89 -3.52
N LYS A 283 -34.85 -24.50 -2.85
CA LYS A 283 -34.82 -23.33 -2.00
C LYS A 283 -33.85 -23.49 -0.84
N CYS A 284 -33.57 -24.72 -0.43
CA CYS A 284 -32.61 -24.97 0.64
C CYS A 284 -31.20 -24.70 0.15
N ASP A 285 -30.25 -24.73 1.09
CA ASP A 285 -28.86 -24.46 0.78
C ASP A 285 -28.25 -25.60 -0.03
N VAL A 286 -27.23 -25.26 -0.82
CA VAL A 286 -26.56 -26.26 -1.64
C VAL A 286 -25.82 -27.28 -0.78
N ASP A 287 -25.24 -26.82 0.33
CA ASP A 287 -24.43 -27.69 1.18
C ASP A 287 -25.24 -28.79 1.86
N ILE A 288 -26.55 -28.59 2.04
CA ILE A 288 -27.40 -29.56 2.73
C ILE A 288 -28.24 -30.38 1.78
N ARG A 289 -28.19 -30.09 0.48
CA ARG A 289 -29.04 -30.81 -0.47
C ARG A 289 -28.66 -32.28 -0.57
N LYS A 290 -27.37 -32.60 -0.40
CA LYS A 290 -26.94 -33.99 -0.49
C LYS A 290 -27.61 -34.87 0.55
N ASP A 291 -27.64 -34.41 1.81
CA ASP A 291 -28.16 -35.22 2.90
C ASP A 291 -29.66 -35.49 2.78
N LEU A 292 -30.44 -34.48 2.42
CA LEU A 292 -31.88 -34.61 2.35
C LEU A 292 -32.36 -35.40 1.14
N TYR A 293 -31.52 -35.56 0.12
CA TYR A 293 -31.91 -36.38 -1.03
C TYR A 293 -32.16 -37.82 -0.63
N ALA A 294 -31.33 -38.36 0.26
CA ALA A 294 -31.47 -39.74 0.71
C ALA A 294 -32.32 -39.85 1.98
N ASN A 295 -32.85 -38.75 2.49
CA ASN A 295 -33.60 -38.75 3.74
C ASN A 295 -35.00 -38.17 3.55
N THR A 296 -35.69 -38.58 2.49
CA THR A 296 -37.06 -38.13 2.24
C THR A 296 -38.04 -38.96 3.06
N VAL A 297 -38.74 -38.31 3.99
CA VAL A 297 -39.65 -38.98 4.91
C VAL A 297 -41.07 -38.78 4.41
N LEU A 298 -41.82 -39.88 4.32
CA LEU A 298 -43.18 -39.85 3.80
C LEU A 298 -44.16 -40.14 4.92
N SER A 299 -45.26 -39.37 4.96
CA SER A 299 -46.25 -39.49 6.01
C SER A 299 -47.60 -39.02 5.49
N GLY A 300 -48.64 -39.32 6.26
CA GLY A 300 -49.98 -38.94 5.91
C GLY A 300 -50.76 -40.07 5.26
N GLY A 301 -52.08 -40.07 5.52
CA GLY A 301 -52.94 -41.10 4.98
C GLY A 301 -53.16 -41.01 3.48
N THR A 302 -52.83 -39.87 2.87
CA THR A 302 -52.96 -39.74 1.43
C THR A 302 -52.03 -40.69 0.68
N THR A 303 -50.82 -40.87 1.18
CA THR A 303 -49.81 -41.66 0.49
C THR A 303 -49.86 -43.14 0.85
N MET A 304 -51.02 -43.64 1.27
CA MET A 304 -51.23 -45.06 1.48
C MET A 304 -51.31 -45.84 0.18
N TYR A 305 -51.38 -45.15 -0.95
CA TYR A 305 -51.61 -45.82 -2.22
C TYR A 305 -50.46 -46.77 -2.54
N PRO A 306 -50.75 -47.96 -3.09
CA PRO A 306 -49.68 -48.88 -3.47
C PRO A 306 -48.87 -48.32 -4.62
N GLY A 307 -47.54 -48.39 -4.51
CA GLY A 307 -46.65 -47.95 -5.55
C GLY A 307 -46.37 -46.45 -5.58
N ILE A 308 -46.87 -45.69 -4.60
CA ILE A 308 -46.63 -44.25 -4.61
C ILE A 308 -45.15 -43.96 -4.39
N ALA A 309 -44.49 -44.70 -3.51
CA ALA A 309 -43.07 -44.48 -3.25
C ALA A 309 -42.23 -44.76 -4.49
N ASP A 310 -42.56 -45.86 -5.20
CA ASP A 310 -41.84 -46.18 -6.43
C ASP A 310 -42.03 -45.09 -7.47
N ARG A 311 -43.26 -44.60 -7.63
CA ARG A 311 -43.50 -43.47 -8.54
C ARG A 311 -42.81 -42.21 -8.05
N MET A 312 -43.01 -41.87 -6.77
CA MET A 312 -42.40 -40.65 -6.21
C MET A 312 -40.90 -40.61 -6.45
N GLN A 313 -40.24 -41.77 -6.35
CA GLN A 313 -38.80 -41.81 -6.59
C GLN A 313 -38.46 -41.49 -8.04
N LYS A 314 -39.32 -41.88 -8.97
CA LYS A 314 -38.97 -41.83 -10.39
C LYS A 314 -38.79 -40.39 -10.88
N GLU A 315 -39.76 -39.52 -10.62
CA GLU A 315 -39.68 -38.16 -11.15
C GLU A 315 -38.56 -37.37 -10.48
N ILE A 316 -38.32 -37.61 -9.20
CA ILE A 316 -37.25 -36.91 -8.50
C ILE A 316 -35.90 -37.21 -9.16
N THR A 317 -35.69 -38.46 -9.56
CA THR A 317 -34.47 -38.80 -10.29
C THR A 317 -34.39 -38.04 -11.61
N ALA A 318 -35.51 -37.91 -12.30
CA ALA A 318 -35.52 -37.17 -13.56
C ALA A 318 -35.15 -35.71 -13.34
N LEU A 319 -35.74 -35.08 -12.32
CA LEU A 319 -35.45 -33.67 -12.07
C LEU A 319 -34.06 -33.47 -11.46
N ALA A 320 -33.70 -34.30 -10.49
CA ALA A 320 -32.41 -34.18 -9.82
C ALA A 320 -31.29 -34.69 -10.72
N PRO A 321 -30.05 -34.27 -10.46
CA PRO A 321 -28.92 -34.81 -11.21
C PRO A 321 -28.78 -36.32 -11.01
N SER A 322 -28.33 -37.00 -12.07
CA SER A 322 -28.27 -38.45 -12.05
C SER A 322 -27.21 -38.97 -11.07
N THR A 323 -26.24 -38.13 -10.69
CA THR A 323 -25.16 -38.59 -9.83
C THR A 323 -25.70 -39.01 -8.46
N MET A 324 -26.63 -38.24 -7.90
CA MET A 324 -27.15 -38.54 -6.57
C MET A 324 -28.14 -39.70 -6.61
N LYS A 325 -28.08 -40.54 -5.58
CA LYS A 325 -29.05 -41.60 -5.36
C LYS A 325 -30.24 -41.04 -4.58
N ILE A 326 -31.41 -41.63 -4.81
CA ILE A 326 -32.66 -41.19 -4.19
C ILE A 326 -33.21 -42.33 -3.35
N LYS A 327 -33.58 -42.03 -2.11
CA LYS A 327 -34.17 -42.99 -1.20
C LYS A 327 -35.46 -42.40 -0.64
N ILE A 328 -36.54 -43.16 -0.71
CA ILE A 328 -37.83 -42.76 -0.15
C ILE A 328 -38.09 -43.63 1.07
N ILE A 329 -38.10 -43.00 2.25
CA ILE A 329 -38.39 -43.70 3.50
C ILE A 329 -39.90 -43.81 3.65
N ALA A 330 -40.40 -45.04 3.62
CA ALA A 330 -41.83 -45.33 3.72
C ALA A 330 -42.03 -46.40 4.79
N PRO A 331 -42.03 -46.00 6.06
CA PRO A 331 -42.34 -46.97 7.11
C PRO A 331 -43.75 -47.50 6.94
N PRO A 332 -43.97 -48.77 7.25
CA PRO A 332 -45.33 -49.32 7.11
C PRO A 332 -46.37 -48.61 7.95
N GLU A 333 -45.99 -48.08 9.12
CA GLU A 333 -46.93 -47.44 10.03
C GLU A 333 -46.82 -45.92 9.97
N ARG A 334 -46.59 -45.37 8.76
CA ARG A 334 -46.53 -43.93 8.57
C ARG A 334 -47.87 -43.25 8.72
N LYS A 335 -48.97 -44.02 8.81
CA LYS A 335 -50.29 -43.41 8.94
C LYS A 335 -50.42 -42.59 10.22
N TYR A 336 -50.11 -43.19 11.37
CA TYR A 336 -50.10 -42.50 12.65
C TYR A 336 -48.71 -42.08 13.08
N SER A 337 -47.83 -41.78 12.12
CA SER A 337 -46.48 -41.35 12.45
C SER A 337 -46.48 -40.08 13.29
N VAL A 338 -47.40 -39.16 13.01
CA VAL A 338 -47.48 -37.92 13.80
C VAL A 338 -47.85 -38.24 15.23
N TRP A 339 -48.80 -39.15 15.44
CA TRP A 339 -49.24 -39.46 16.80
C TRP A 339 -48.13 -40.14 17.59
N ILE A 340 -47.52 -41.18 17.03
CA ILE A 340 -46.39 -41.82 17.69
C ILE A 340 -45.21 -40.85 17.78
N GLY A 341 -45.06 -39.99 16.77
CA GLY A 341 -44.09 -38.92 16.88
C GLY A 341 -44.38 -38.00 18.05
N GLY A 342 -45.63 -37.57 18.19
CA GLY A 342 -46.00 -36.75 19.33
C GLY A 342 -45.98 -37.51 20.63
N SER A 343 -46.09 -38.84 20.58
CA SER A 343 -46.09 -39.64 21.79
C SER A 343 -44.75 -39.56 22.52
N ILE A 344 -43.64 -39.69 21.78
CA ILE A 344 -42.34 -39.75 22.41
C ILE A 344 -41.95 -38.40 23.01
N LEU A 345 -42.36 -37.30 22.38
CA LEU A 345 -42.04 -35.97 22.90
C LEU A 345 -42.63 -35.77 24.28
N ALA A 346 -43.89 -36.17 24.48
CA ALA A 346 -44.50 -36.08 25.79
C ALA A 346 -43.75 -36.90 26.83
N SER A 347 -43.08 -37.95 26.41
CA SER A 347 -42.28 -38.78 27.31
C SER A 347 -40.89 -38.24 27.55
N LEU A 348 -40.48 -37.20 26.84
CA LEU A 348 -39.14 -36.63 27.03
C LEU A 348 -39.11 -35.72 28.24
N SER A 349 -38.10 -35.91 29.09
CA SER A 349 -37.95 -35.07 30.27
C SER A 349 -37.57 -33.64 29.90
N THR A 350 -36.84 -33.48 28.78
CA THR A 350 -36.47 -32.14 28.33
C THR A 350 -37.70 -31.31 27.96
N PHE A 351 -38.70 -31.93 27.33
CA PHE A 351 -39.89 -31.21 26.90
C PHE A 351 -40.69 -30.65 28.08
N GLN A 352 -40.50 -31.18 29.28
CA GLN A 352 -41.23 -30.68 30.44
C GLN A 352 -40.94 -29.22 30.72
N GLN A 353 -39.78 -28.72 30.31
CA GLN A 353 -39.45 -27.31 30.54
C GLN A 353 -40.32 -26.39 29.70
N MET A 354 -40.59 -26.75 28.45
CA MET A 354 -41.26 -25.88 27.51
C MET A 354 -42.79 -25.98 27.57
N TRP A 355 -43.34 -26.48 28.68
CA TRP A 355 -44.78 -26.53 28.82
C TRP A 355 -45.34 -25.12 29.03
N ILE A 356 -46.49 -24.85 28.42
CA ILE A 356 -47.16 -23.56 28.58
C ILE A 356 -47.99 -23.64 29.86
N SER A 357 -47.47 -23.06 30.94
CA SER A 357 -48.16 -23.11 32.22
C SER A 357 -49.41 -22.24 32.19
N LYS A 358 -50.35 -22.57 33.08
CA LYS A 358 -51.60 -21.82 33.14
C LYS A 358 -51.36 -20.37 33.56
N GLN A 359 -50.43 -20.15 34.49
CA GLN A 359 -50.14 -18.79 34.93
C GLN A 359 -49.58 -17.95 33.80
N GLU A 360 -48.73 -18.55 32.94
CA GLU A 360 -48.17 -17.81 31.82
C GLU A 360 -49.27 -17.32 30.87
N TYR A 361 -50.26 -18.16 30.62
CA TYR A 361 -51.39 -17.72 29.80
C TYR A 361 -52.18 -16.62 30.50
N ASP A 362 -52.33 -16.73 31.82
CA ASP A 362 -53.08 -15.73 32.58
C ASP A 362 -52.42 -14.36 32.51
N GLU A 363 -51.10 -14.32 32.68
CA GLU A 363 -50.39 -13.04 32.71
C GLU A 363 -50.23 -12.42 31.33
N SER A 364 -50.32 -13.22 30.27
CA SER A 364 -50.13 -12.74 28.90
C SER A 364 -51.40 -12.74 28.08
N GLY A 365 -52.13 -13.86 28.06
CA GLY A 365 -53.31 -14.00 27.24
C GLY A 365 -53.09 -14.99 26.13
N PRO A 366 -53.89 -14.88 25.07
CA PRO A 366 -53.74 -15.81 23.93
C PRO A 366 -52.53 -15.51 23.07
N SER A 367 -51.85 -14.38 23.27
CA SER A 367 -50.68 -14.02 22.48
C SER A 367 -49.43 -14.80 22.87
N ILE A 368 -49.45 -15.50 24.00
CA ILE A 368 -48.29 -16.25 24.44
C ILE A 368 -47.95 -17.40 23.50
N VAL A 369 -48.94 -17.93 22.77
CA VAL A 369 -48.71 -19.11 21.94
C VAL A 369 -47.76 -18.78 20.80
N HIS A 370 -47.86 -17.58 20.23
CA HIS A 370 -46.98 -17.20 19.13
C HIS A 370 -45.53 -17.13 19.59
N ARG A 371 -45.29 -16.57 20.76
CA ARG A 371 -43.92 -16.44 21.27
C ARG A 371 -43.35 -17.76 21.75
N LYS A 372 -44.16 -18.57 22.43
CA LYS A 372 -43.69 -19.81 23.04
C LYS A 372 -43.79 -21.02 22.13
N CYS A 373 -44.30 -20.87 20.91
CA CYS A 373 -44.41 -21.99 19.99
C CYS A 373 -43.93 -21.56 18.62
N PHE A 374 -43.44 -22.54 17.86
CA PHE A 374 -42.93 -22.30 16.51
C PHE A 374 -44.03 -22.50 15.46
N ALA B 5 -33.54 9.03 -35.12
CA ALA B 5 -34.75 8.45 -34.54
C ALA B 5 -34.42 7.14 -33.83
N ALA B 6 -33.38 7.16 -33.00
CA ALA B 6 -32.93 5.96 -32.31
C ALA B 6 -33.99 5.48 -31.32
N LEU B 7 -34.02 4.17 -31.10
CA LEU B 7 -35.00 3.57 -30.20
C LEU B 7 -34.36 3.26 -28.86
N VAL B 8 -35.05 3.63 -27.79
CA VAL B 8 -34.58 3.42 -26.42
C VAL B 8 -35.54 2.44 -25.77
N VAL B 9 -35.11 1.20 -25.62
CA VAL B 9 -35.87 0.14 -24.97
C VAL B 9 -35.05 -0.39 -23.81
N ASP B 10 -35.62 -0.42 -22.62
CA ASP B 10 -34.97 -0.92 -21.42
C ASP B 10 -35.75 -2.11 -20.86
N ASN B 11 -35.46 -3.29 -21.40
CA ASN B 11 -36.12 -4.51 -20.93
C ASN B 11 -35.82 -4.76 -19.46
N GLY B 12 -36.87 -5.02 -18.69
CA GLY B 12 -36.72 -5.25 -17.26
C GLY B 12 -37.24 -6.62 -16.88
N SER B 13 -36.98 -6.99 -15.63
CA SER B 13 -37.44 -8.28 -15.13
C SER B 13 -38.96 -8.38 -15.18
N GLY B 14 -39.65 -7.33 -14.76
CA GLY B 14 -41.09 -7.31 -14.80
C GLY B 14 -41.67 -6.19 -15.64
N MET B 15 -40.92 -5.10 -15.78
CA MET B 15 -41.40 -3.91 -16.46
C MET B 15 -40.39 -3.44 -17.49
N CYS B 16 -40.87 -3.20 -18.71
CA CYS B 16 -40.05 -2.68 -19.81
C CYS B 16 -40.68 -1.40 -20.33
N LYS B 17 -39.83 -0.44 -20.70
CA LYS B 17 -40.26 0.85 -21.21
C LYS B 17 -39.59 1.08 -22.57
N ALA B 18 -40.38 1.52 -23.55
CA ALA B 18 -39.89 1.76 -24.89
C ALA B 18 -40.32 3.13 -25.37
N GLY B 19 -39.40 3.85 -25.98
CA GLY B 19 -39.69 5.19 -26.50
C GLY B 19 -38.74 5.62 -27.61
N PHE B 20 -38.58 6.93 -27.77
CA PHE B 20 -37.74 7.48 -28.82
C PHE B 20 -36.68 8.39 -28.21
N ALA B 21 -35.60 8.59 -28.97
CA ALA B 21 -34.53 9.48 -28.53
C ALA B 21 -35.00 10.92 -28.51
N GLY B 22 -34.49 11.68 -27.53
CA GLY B 22 -34.81 13.08 -27.41
C GLY B 22 -36.12 13.39 -26.71
N ASP B 23 -36.86 12.38 -26.27
CA ASP B 23 -38.11 12.59 -25.59
C ASP B 23 -37.89 12.65 -24.08
N ASP B 24 -38.95 12.97 -23.34
CA ASP B 24 -38.89 13.08 -21.89
C ASP B 24 -39.54 11.92 -21.16
N ALA B 25 -40.45 11.19 -21.78
CA ALA B 25 -41.13 10.07 -21.16
C ALA B 25 -41.17 8.90 -22.13
N PRO B 26 -41.12 7.66 -21.61
CA PRO B 26 -41.22 6.50 -22.50
C PRO B 26 -42.56 6.47 -23.23
N ARG B 27 -42.52 6.05 -24.49
CA ARG B 27 -43.73 6.04 -25.31
C ARG B 27 -44.65 4.90 -24.91
N ALA B 28 -44.10 3.71 -24.68
CA ALA B 28 -44.89 2.52 -24.40
C ALA B 28 -44.60 2.04 -22.99
N VAL B 29 -45.66 1.82 -22.21
CA VAL B 29 -45.58 1.45 -20.80
C VAL B 29 -46.51 0.27 -20.56
N PHE B 30 -45.96 -0.95 -20.65
CA PHE B 30 -46.76 -2.15 -20.48
C PHE B 30 -45.96 -3.22 -19.77
N PRO B 31 -46.63 -4.12 -19.04
CA PRO B 31 -45.90 -5.15 -18.28
C PRO B 31 -45.19 -6.15 -19.21
N SER B 32 -44.10 -6.71 -18.70
CA SER B 32 -43.27 -7.65 -19.46
C SER B 32 -43.58 -9.08 -19.05
N ILE B 33 -44.75 -9.57 -19.48
CA ILE B 33 -45.18 -10.92 -19.18
C ILE B 33 -45.78 -11.55 -20.43
N VAL B 34 -45.43 -12.80 -20.68
CA VAL B 34 -46.03 -13.62 -21.73
C VAL B 34 -46.77 -14.77 -21.07
N GLY B 35 -48.05 -14.92 -21.41
CA GLY B 35 -48.89 -15.94 -20.81
C GLY B 35 -49.62 -16.75 -21.86
N ARG B 36 -49.97 -17.98 -21.50
CA ARG B 36 -50.70 -18.89 -22.36
C ARG B 36 -51.86 -19.51 -21.59
N PRO B 37 -52.97 -19.79 -22.27
CA PRO B 37 -54.13 -20.37 -21.57
C PRO B 37 -53.84 -21.78 -21.08
N ARG B 38 -54.41 -22.12 -19.93
CA ARG B 38 -54.33 -23.46 -19.38
C ARG B 38 -55.55 -24.31 -19.70
N HIS B 39 -56.56 -23.74 -20.34
CA HIS B 39 -57.75 -24.44 -20.75
C HIS B 39 -57.80 -24.56 -22.27
N GLN B 40 -58.90 -25.09 -22.79
CA GLN B 40 -59.11 -25.22 -24.23
C GLN B 40 -60.27 -24.32 -24.63
N GLY B 41 -60.12 -23.67 -25.79
CA GLY B 41 -61.16 -22.76 -26.25
C GLY B 41 -62.42 -23.52 -26.63
N VAL B 42 -63.57 -22.90 -26.34
CA VAL B 42 -64.86 -23.47 -26.66
C VAL B 42 -65.57 -22.72 -27.77
N MET B 43 -65.67 -21.39 -27.68
CA MET B 43 -66.32 -20.59 -28.70
C MET B 43 -65.36 -20.39 -29.87
N VAL B 44 -65.81 -20.78 -31.07
CA VAL B 44 -64.96 -20.65 -32.25
C VAL B 44 -65.05 -19.29 -32.91
N GLY B 45 -66.08 -18.50 -32.60
CA GLY B 45 -66.22 -17.19 -33.21
C GLY B 45 -65.13 -16.22 -32.81
N MET B 46 -64.78 -16.19 -31.52
CA MET B 46 -63.76 -15.27 -31.04
C MET B 46 -62.37 -15.75 -31.45
N GLY B 47 -61.57 -14.84 -31.99
CA GLY B 47 -60.27 -15.20 -32.54
C GLY B 47 -59.20 -15.42 -31.49
N GLN B 48 -59.22 -16.57 -30.83
CA GLN B 48 -58.21 -16.88 -29.83
C GLN B 48 -56.82 -16.94 -30.46
N LYS B 49 -55.85 -16.32 -29.79
CA LYS B 49 -54.45 -16.43 -30.16
C LYS B 49 -53.79 -17.55 -29.35
N ASP B 50 -52.50 -17.75 -29.61
CA ASP B 50 -51.72 -18.76 -28.91
C ASP B 50 -51.23 -18.26 -27.55
N SER B 51 -50.57 -17.11 -27.53
CA SER B 51 -50.08 -16.50 -26.31
C SER B 51 -50.40 -15.02 -26.34
N TYR B 52 -50.48 -14.41 -25.15
CA TYR B 52 -50.77 -13.00 -25.01
C TYR B 52 -49.68 -12.34 -24.19
N VAL B 53 -49.27 -11.14 -24.60
CA VAL B 53 -48.13 -10.44 -24.02
C VAL B 53 -48.54 -9.02 -23.68
N GLY B 54 -48.03 -8.52 -22.55
CA GLY B 54 -48.24 -7.14 -22.17
C GLY B 54 -49.55 -6.89 -21.44
N ASP B 55 -50.13 -5.71 -21.63
CA ASP B 55 -51.38 -5.36 -20.97
C ASP B 55 -52.53 -6.26 -21.41
N GLU B 56 -52.46 -6.83 -22.61
CA GLU B 56 -53.49 -7.77 -23.06
C GLU B 56 -53.55 -8.98 -22.14
N ALA B 57 -52.39 -9.51 -21.74
CA ALA B 57 -52.37 -10.59 -20.77
C ALA B 57 -52.93 -10.14 -19.43
N GLN B 58 -52.60 -8.91 -19.00
CA GLN B 58 -53.11 -8.41 -17.74
C GLN B 58 -54.63 -8.30 -17.75
N SER B 59 -55.20 -7.97 -18.90
CA SER B 59 -56.66 -7.92 -19.02
C SER B 59 -57.28 -9.29 -18.80
N LYS B 60 -56.65 -10.33 -19.34
CA LYS B 60 -57.13 -11.70 -19.22
C LYS B 60 -56.24 -12.56 -18.33
N ARG B 61 -55.65 -11.95 -17.29
CA ARG B 61 -54.75 -12.67 -16.42
C ARG B 61 -55.45 -13.77 -15.60
N GLY B 62 -56.77 -13.70 -15.47
CA GLY B 62 -57.48 -14.70 -14.70
C GLY B 62 -57.60 -16.04 -15.40
N ILE B 63 -57.32 -16.10 -16.69
CA ILE B 63 -57.43 -17.32 -17.47
C ILE B 63 -56.06 -17.82 -17.93
N LEU B 64 -55.07 -16.92 -17.96
CA LEU B 64 -53.76 -17.27 -18.49
C LEU B 64 -52.85 -17.80 -17.39
N THR B 65 -51.74 -18.38 -17.81
CA THR B 65 -50.65 -18.80 -16.91
C THR B 65 -49.49 -17.85 -17.15
N LEU B 66 -49.48 -16.74 -16.40
CA LEU B 66 -48.47 -15.71 -16.63
C LEU B 66 -47.09 -16.23 -16.28
N LYS B 67 -46.10 -15.89 -17.11
CA LYS B 67 -44.73 -16.29 -16.92
C LYS B 67 -43.82 -15.11 -17.25
N TYR B 68 -42.78 -14.92 -16.43
CA TYR B 68 -41.84 -13.84 -16.64
C TYR B 68 -40.67 -14.37 -17.46
N PRO B 69 -40.49 -13.92 -18.70
CA PRO B 69 -39.34 -14.40 -19.50
C PRO B 69 -38.00 -14.00 -18.91
N ILE B 70 -37.95 -12.97 -18.06
CA ILE B 70 -36.72 -12.49 -17.45
C ILE B 70 -36.81 -12.70 -15.95
N GLU B 71 -35.83 -13.40 -15.39
CA GLU B 71 -35.75 -13.61 -13.96
C GLU B 71 -34.40 -13.14 -13.43
N GLY B 73 -33.06 -10.28 -13.85
CA GLY B 73 -32.39 -9.59 -14.93
C GLY B 73 -31.69 -10.52 -15.91
N ILE B 74 -32.15 -11.77 -15.95
CA ILE B 74 -31.55 -12.80 -16.80
C ILE B 74 -32.67 -13.41 -17.64
N VAL B 75 -32.43 -13.49 -18.95
CA VAL B 75 -33.41 -14.06 -19.87
C VAL B 75 -33.33 -15.58 -19.80
N THR B 76 -34.27 -16.19 -19.08
CA THR B 76 -34.34 -17.64 -18.96
C THR B 76 -35.12 -18.29 -20.10
N ASN B 77 -35.78 -17.50 -20.94
CA ASN B 77 -36.56 -18.05 -22.06
C ASN B 77 -36.34 -17.12 -23.25
N TRP B 78 -35.41 -17.49 -24.13
CA TRP B 78 -35.09 -16.64 -25.27
C TRP B 78 -36.17 -16.67 -26.33
N ASP B 79 -36.95 -17.74 -26.42
CA ASP B 79 -38.07 -17.77 -27.35
C ASP B 79 -39.09 -16.70 -27.01
N ASP B 80 -39.52 -16.64 -25.75
CA ASP B 80 -40.43 -15.58 -25.31
C ASP B 80 -39.79 -14.21 -25.40
N MET B 81 -38.45 -14.14 -25.33
CA MET B 81 -37.78 -12.85 -25.34
C MET B 81 -37.93 -12.17 -26.70
N GLU B 82 -37.93 -12.96 -27.78
CA GLU B 82 -38.20 -12.40 -29.10
C GLU B 82 -39.64 -11.92 -29.21
N LYS B 83 -40.59 -12.64 -28.61
CA LYS B 83 -42.00 -12.29 -28.74
C LYS B 83 -42.28 -10.89 -28.22
N ILE B 84 -41.73 -10.53 -27.06
CA ILE B 84 -42.00 -9.21 -26.50
C ILE B 84 -41.45 -8.12 -27.40
N TRP B 85 -40.23 -8.30 -27.90
CA TRP B 85 -39.65 -7.30 -28.79
C TRP B 85 -40.44 -7.21 -30.10
N HIS B 86 -40.90 -8.35 -30.61
CA HIS B 86 -41.75 -8.33 -31.79
C HIS B 86 -43.02 -7.51 -31.54
N HIS B 87 -43.58 -7.61 -30.33
CA HIS B 87 -44.77 -6.84 -30.00
C HIS B 87 -44.45 -5.37 -29.78
N THR B 88 -43.26 -5.05 -29.25
CA THR B 88 -42.92 -3.65 -28.98
C THR B 88 -42.84 -2.85 -30.28
N PHE B 89 -42.06 -3.34 -31.25
CA PHE B 89 -41.75 -2.51 -32.42
C PHE B 89 -42.94 -2.38 -33.36
N TYR B 90 -43.77 -3.41 -33.46
CA TYR B 90 -44.83 -3.44 -34.45
C TYR B 90 -46.22 -3.14 -33.88
N ASN B 91 -46.41 -3.27 -32.58
CA ASN B 91 -47.70 -2.98 -31.97
C ASN B 91 -47.69 -1.72 -31.13
N GLU B 92 -46.70 -1.56 -30.25
CA GLU B 92 -46.63 -0.39 -29.38
C GLU B 92 -46.01 0.81 -30.10
N LEU B 93 -44.76 0.66 -30.55
CA LEU B 93 -44.09 1.75 -31.25
C LEU B 93 -44.56 1.88 -32.69
N ARG B 94 -44.96 0.76 -33.31
CA ARG B 94 -45.46 0.75 -34.69
C ARG B 94 -44.42 1.30 -35.66
N VAL B 95 -43.16 0.97 -35.44
CA VAL B 95 -42.06 1.41 -36.29
C VAL B 95 -41.22 0.21 -36.69
N ALA B 96 -40.46 0.39 -37.77
CA ALA B 96 -39.58 -0.66 -38.27
C ALA B 96 -38.17 -0.45 -37.72
N PRO B 97 -37.60 -1.43 -37.00
CA PRO B 97 -36.25 -1.26 -36.46
C PRO B 97 -35.14 -1.33 -37.50
N GLU B 98 -35.46 -1.55 -38.77
CA GLU B 98 -34.44 -1.72 -39.79
C GLU B 98 -33.75 -0.43 -40.18
N GLU B 99 -34.30 0.73 -39.82
CA GLU B 99 -33.73 2.01 -40.20
C GLU B 99 -33.22 2.84 -39.05
N HIS B 100 -33.43 2.41 -37.79
CA HIS B 100 -32.97 3.18 -36.66
C HIS B 100 -32.09 2.31 -35.76
N PRO B 101 -30.99 2.88 -35.25
CA PRO B 101 -30.24 2.19 -34.20
C PRO B 101 -31.06 2.13 -32.91
N VAL B 102 -30.83 1.08 -32.14
CA VAL B 102 -31.57 0.83 -30.90
C VAL B 102 -30.57 0.57 -29.79
N LEU B 103 -30.83 1.13 -28.61
CA LEU B 103 -29.98 0.97 -27.44
C LEU B 103 -30.71 0.09 -26.44
N LEU B 104 -29.95 -0.79 -25.77
CA LEU B 104 -30.52 -1.73 -24.81
C LEU B 104 -29.76 -1.65 -23.50
N THR B 105 -30.43 -2.01 -22.42
CA THR B 105 -29.90 -1.89 -21.07
C THR B 105 -29.81 -3.26 -20.42
N GLU B 106 -28.95 -3.37 -19.41
CA GLU B 106 -28.77 -4.60 -18.67
C GLU B 106 -28.13 -4.29 -17.32
N ALA B 107 -28.31 -5.21 -16.38
CA ALA B 107 -27.67 -5.08 -15.08
C ALA B 107 -26.22 -5.54 -15.16
N PRO B 108 -25.35 -5.02 -14.30
CA PRO B 108 -23.96 -5.47 -14.28
C PRO B 108 -23.83 -6.88 -13.71
N LEU B 109 -22.63 -7.43 -13.88
CA LEU B 109 -22.28 -8.75 -13.34
C LEU B 109 -23.18 -9.85 -13.92
N ASN B 110 -23.65 -9.65 -15.14
CA ASN B 110 -24.46 -10.64 -15.83
C ASN B 110 -23.58 -11.56 -16.66
N PRO B 111 -24.04 -12.79 -16.91
CA PRO B 111 -23.27 -13.70 -17.76
C PRO B 111 -23.09 -13.14 -19.17
N LYS B 112 -21.91 -13.40 -19.74
CA LYS B 112 -21.61 -12.88 -21.07
C LYS B 112 -22.49 -13.49 -22.15
N ALA B 113 -22.94 -14.73 -21.97
CA ALA B 113 -23.83 -15.35 -22.94
C ALA B 113 -25.18 -14.63 -23.02
N ASN B 114 -25.60 -13.97 -21.94
CA ASN B 114 -26.87 -13.24 -21.98
C ASN B 114 -26.79 -12.07 -22.95
N ARG B 115 -25.74 -11.26 -22.86
CA ARG B 115 -25.54 -10.19 -23.82
C ARG B 115 -25.08 -10.69 -25.18
N GLU B 116 -24.49 -11.88 -25.24
CA GLU B 116 -24.15 -12.47 -26.53
C GLU B 116 -25.40 -12.77 -27.34
N LYS B 117 -26.42 -13.33 -26.69
CA LYS B 117 -27.65 -13.70 -27.40
C LYS B 117 -28.42 -12.49 -27.90
N MET B 118 -28.51 -11.41 -27.11
CA MET B 118 -29.31 -10.27 -27.53
C MET B 118 -28.76 -9.63 -28.79
N THR B 119 -27.44 -9.49 -28.89
CA THR B 119 -26.85 -8.90 -30.09
C THR B 119 -27.12 -9.75 -31.33
N GLN B 120 -26.98 -11.07 -31.19
CA GLN B 120 -27.19 -11.95 -32.34
C GLN B 120 -28.64 -11.93 -32.81
N ILE B 121 -29.59 -11.99 -31.88
CA ILE B 121 -30.99 -12.11 -32.27
C ILE B 121 -31.49 -10.83 -32.93
N MET B 122 -31.03 -9.68 -32.43
CA MET B 122 -31.53 -8.41 -32.97
C MET B 122 -30.89 -8.09 -34.32
N PHE B 123 -29.64 -8.49 -34.53
CA PHE B 123 -29.00 -8.29 -35.81
C PHE B 123 -29.44 -9.28 -36.88
N GLU B 124 -30.07 -10.38 -36.49
CA GLU B 124 -30.47 -11.42 -37.43
C GLU B 124 -31.98 -11.52 -37.64
N THR B 125 -32.78 -11.21 -36.64
CA THR B 125 -34.24 -11.22 -36.77
C THR B 125 -34.80 -9.87 -37.21
N PHE B 126 -34.28 -8.78 -36.66
CA PHE B 126 -34.75 -7.45 -37.00
C PHE B 126 -33.79 -6.66 -37.89
N ASN B 127 -32.51 -7.01 -37.89
CA ASN B 127 -31.52 -6.46 -38.81
C ASN B 127 -31.45 -4.93 -38.70
N THR B 128 -31.10 -4.47 -37.51
CA THR B 128 -31.03 -3.04 -37.24
C THR B 128 -29.76 -2.45 -37.84
N PRO B 129 -29.71 -1.12 -38.01
CA PRO B 129 -28.42 -0.49 -38.32
C PRO B 129 -27.38 -0.61 -37.23
N ALA B 130 -27.76 -0.53 -35.94
CA ALA B 130 -26.78 -0.47 -34.87
C ALA B 130 -27.40 -0.85 -33.53
N MET B 131 -26.54 -1.02 -32.53
CA MET B 131 -26.88 -1.32 -31.15
C MET B 131 -25.86 -0.67 -30.22
N TYR B 132 -26.30 -0.41 -29.00
CA TYR B 132 -25.39 -0.22 -27.89
C TYR B 132 -26.02 -0.81 -26.63
N VAL B 133 -25.23 -1.50 -25.83
CA VAL B 133 -25.69 -2.16 -24.63
C VAL B 133 -24.96 -1.54 -23.44
N ALA B 134 -25.71 -0.95 -22.52
CA ALA B 134 -25.15 -0.16 -21.44
C ALA B 134 -25.81 -0.47 -20.11
N ILE B 135 -25.04 -0.31 -19.03
CA ILE B 135 -25.48 -0.68 -17.69
C ILE B 135 -26.66 0.18 -17.26
N GLN B 136 -27.67 -0.46 -16.67
CA GLN B 136 -28.84 0.27 -16.21
C GLN B 136 -28.48 1.31 -15.16
N ALA B 137 -27.63 0.95 -14.21
CA ALA B 137 -27.22 1.90 -13.17
C ALA B 137 -26.47 3.08 -13.76
N VAL B 138 -25.68 2.84 -14.81
CA VAL B 138 -24.93 3.91 -15.44
C VAL B 138 -25.88 4.95 -16.03
N LEU B 139 -26.94 4.49 -16.70
CA LEU B 139 -27.88 5.43 -17.32
C LEU B 139 -28.66 6.22 -16.28
N SER B 140 -28.76 5.71 -15.06
CA SER B 140 -29.52 6.41 -14.02
C SER B 140 -28.92 7.77 -13.70
N LEU B 141 -27.60 7.86 -13.59
CA LEU B 141 -26.96 9.12 -13.20
C LEU B 141 -27.11 10.19 -14.27
N TYR B 142 -27.24 9.80 -15.55
CA TYR B 142 -27.39 10.80 -16.60
C TYR B 142 -28.68 11.60 -16.43
N ALA B 143 -29.76 10.93 -16.03
CA ALA B 143 -31.02 11.64 -15.79
C ALA B 143 -30.85 12.66 -14.67
N SER B 144 -30.10 12.31 -13.63
CA SER B 144 -29.80 13.26 -12.56
C SER B 144 -28.93 14.42 -13.04
N GLY B 145 -28.15 14.22 -14.10
CA GLY B 145 -27.28 15.25 -14.62
C GLY B 145 -25.96 15.42 -13.89
N ARG B 146 -25.67 14.57 -12.90
CA ARG B 146 -24.43 14.67 -12.16
C ARG B 146 -23.30 13.97 -12.91
N THR B 147 -22.11 14.00 -12.32
CA THR B 147 -20.95 13.31 -12.87
C THR B 147 -20.27 12.36 -11.89
N THR B 148 -20.62 12.40 -10.60
CA THR B 148 -20.03 11.54 -9.60
C THR B 148 -21.06 11.23 -8.54
N GLY B 149 -21.18 9.96 -8.16
CA GLY B 149 -22.10 9.58 -7.10
C GLY B 149 -22.50 8.13 -7.12
N ILE B 150 -22.78 7.58 -5.94
CA ILE B 150 -23.15 6.18 -5.82
C ILE B 150 -24.61 6.02 -6.18
N VAL B 151 -24.91 5.10 -7.09
CA VAL B 151 -26.25 4.91 -7.61
C VAL B 151 -26.78 3.57 -7.10
N MET B 152 -27.99 3.60 -6.53
CA MET B 152 -28.62 2.40 -5.97
C MET B 152 -29.82 2.06 -6.84
N ASP B 153 -29.64 1.08 -7.73
CA ASP B 153 -30.70 0.65 -8.64
C ASP B 153 -31.30 -0.63 -8.09
N SER B 154 -32.47 -0.50 -7.46
CA SER B 154 -33.22 -1.64 -6.98
C SER B 154 -34.44 -1.83 -7.86
N GLY B 155 -34.30 -2.64 -8.91
CA GLY B 155 -35.38 -2.86 -9.83
C GLY B 155 -36.36 -3.92 -9.37
N ASP B 156 -36.79 -4.78 -10.29
CA ASP B 156 -37.71 -5.86 -9.95
C ASP B 156 -37.00 -7.16 -9.59
N GLY B 157 -35.93 -7.51 -10.30
CA GLY B 157 -35.23 -8.75 -10.05
C GLY B 157 -33.79 -8.58 -9.62
N VAL B 158 -33.20 -7.42 -9.89
CA VAL B 158 -31.81 -7.15 -9.57
C VAL B 158 -31.73 -5.91 -8.70
N THR B 159 -31.00 -6.01 -7.59
CA THR B 159 -30.66 -4.87 -6.75
C THR B 159 -29.14 -4.70 -6.81
N HIS B 160 -28.69 -3.71 -7.58
CA HIS B 160 -27.27 -3.50 -7.81
C HIS B 160 -26.90 -2.06 -7.51
N THR B 161 -25.64 -1.86 -7.14
CA THR B 161 -25.12 -0.56 -6.73
C THR B 161 -23.76 -0.35 -7.39
N VAL B 162 -23.60 0.79 -8.06
CA VAL B 162 -22.39 1.05 -8.84
C VAL B 162 -21.80 2.41 -8.46
N PRO B 163 -20.54 2.47 -8.05
CA PRO B 163 -19.90 3.77 -7.79
C PRO B 163 -19.31 4.36 -9.06
N ILE B 164 -19.46 5.68 -9.20
CA ILE B 164 -18.89 6.43 -10.31
C ILE B 164 -18.19 7.65 -9.75
N TYR B 165 -17.04 7.99 -10.31
CA TYR B 165 -16.29 9.18 -9.92
C TYR B 165 -15.76 9.86 -11.16
N GLU B 166 -16.31 11.03 -11.48
CA GLU B 166 -15.85 11.85 -12.61
C GLU B 166 -15.91 11.05 -13.92
N GLY B 167 -16.93 10.21 -14.06
CA GLY B 167 -17.12 9.44 -15.26
C GLY B 167 -16.29 8.17 -15.36
N TYR B 168 -15.53 7.84 -14.32
CA TYR B 168 -14.69 6.64 -14.30
C TYR B 168 -15.29 5.65 -13.31
N ALA B 169 -15.60 4.45 -13.80
CA ALA B 169 -16.27 3.45 -12.99
C ALA B 169 -15.25 2.56 -12.27
N LEU B 170 -15.72 1.91 -11.21
CA LEU B 170 -14.90 0.99 -10.43
C LEU B 170 -15.51 -0.40 -10.49
N PRO B 171 -15.09 -1.24 -11.44
CA PRO B 171 -15.71 -2.57 -11.55
C PRO B 171 -15.54 -3.45 -10.32
N HIS B 172 -14.43 -3.32 -9.60
CA HIS B 172 -14.18 -4.14 -8.42
C HIS B 172 -15.14 -3.85 -7.28
N ALA B 173 -15.62 -2.62 -7.15
CA ALA B 173 -16.47 -2.22 -6.04
C ALA B 173 -17.95 -2.38 -6.34
N ILE B 174 -18.30 -2.92 -7.51
CA ILE B 174 -19.70 -3.11 -7.87
C ILE B 174 -20.25 -4.31 -7.12
N LEU B 175 -21.35 -4.11 -6.41
CA LEU B 175 -22.00 -5.17 -5.65
C LEU B 175 -23.41 -5.39 -6.18
N ARG B 176 -23.77 -6.65 -6.38
CA ARG B 176 -25.08 -7.05 -6.89
C ARG B 176 -25.81 -7.87 -5.85
N LEU B 177 -27.06 -7.53 -5.59
CA LEU B 177 -27.91 -8.27 -4.67
C LEU B 177 -29.11 -8.81 -5.43
N ASP B 178 -29.36 -10.11 -5.31
CA ASP B 178 -30.50 -10.75 -5.97
C ASP B 178 -31.71 -10.76 -5.04
N LEU B 179 -32.02 -9.58 -4.50
CA LEU B 179 -33.18 -9.38 -3.65
C LEU B 179 -33.85 -8.07 -4.05
N ALA B 180 -35.02 -8.16 -4.65
CA ALA B 180 -35.71 -6.98 -5.16
C ALA B 180 -37.21 -7.21 -5.03
N GLY B 181 -38.00 -6.40 -5.72
CA GLY B 181 -39.43 -6.36 -5.47
C GLY B 181 -40.13 -7.70 -5.63
N ARG B 182 -39.74 -8.49 -6.63
CA ARG B 182 -40.39 -9.78 -6.85
C ARG B 182 -40.24 -10.69 -5.64
N ASP B 183 -39.06 -10.71 -5.03
CA ASP B 183 -38.89 -11.44 -3.78
C ASP B 183 -39.76 -10.86 -2.68
N LEU B 184 -39.88 -9.53 -2.63
CA LEU B 184 -40.74 -8.90 -1.65
C LEU B 184 -42.20 -9.27 -1.86
N THR B 185 -42.62 -9.42 -3.12
CA THR B 185 -43.96 -9.94 -3.38
C THR B 185 -44.12 -11.33 -2.78
N ASP B 186 -43.10 -12.18 -2.94
CA ASP B 186 -43.14 -13.51 -2.34
C ASP B 186 -43.14 -13.42 -0.82
N TYR B 187 -42.37 -12.49 -0.26
CA TYR B 187 -42.40 -12.32 1.18
C TYR B 187 -43.73 -11.76 1.66
N LEU B 188 -44.28 -10.77 0.95
CA LEU B 188 -45.56 -10.22 1.33
C LEU B 188 -46.64 -11.29 1.32
N MET B 189 -46.64 -12.17 0.31
CA MET B 189 -47.69 -13.16 0.22
C MET B 189 -47.64 -14.21 1.33
N LYS B 190 -46.44 -14.59 1.82
CA LYS B 190 -46.41 -15.53 2.93
C LYS B 190 -46.83 -14.87 4.23
N ILE B 191 -46.59 -13.56 4.39
CA ILE B 191 -46.98 -12.89 5.63
C ILE B 191 -48.42 -12.41 5.62
N LEU B 192 -49.10 -12.44 4.48
CA LEU B 192 -50.54 -12.16 4.48
C LEU B 192 -51.34 -13.33 5.02
N THR B 193 -50.80 -14.54 4.98
CA THR B 193 -51.53 -15.73 5.40
C THR B 193 -51.87 -15.74 6.88
N GLU B 194 -51.06 -15.07 7.72
CA GLU B 194 -51.32 -15.08 9.15
C GLU B 194 -52.63 -14.40 9.51
N ARG B 195 -53.11 -13.48 8.67
CA ARG B 195 -54.41 -12.87 8.89
C ARG B 195 -55.54 -13.71 8.30
N GLY B 196 -55.22 -14.70 7.48
CA GLY B 196 -56.24 -15.63 7.01
C GLY B 196 -56.50 -15.52 5.52
N TYR B 197 -55.50 -15.03 4.79
CA TYR B 197 -55.64 -14.59 3.42
C TYR B 197 -54.72 -15.40 2.53
N SER B 198 -55.28 -16.12 1.56
CA SER B 198 -54.51 -17.06 0.75
C SER B 198 -54.37 -16.53 -0.67
N PHE B 199 -53.12 -16.43 -1.13
CA PHE B 199 -52.81 -16.03 -2.51
C PHE B 199 -51.70 -16.94 -3.02
N THR B 200 -52.05 -17.86 -3.91
CA THR B 200 -51.13 -18.91 -4.34
C THR B 200 -50.80 -18.86 -5.82
N THR B 201 -51.79 -18.72 -6.69
CA THR B 201 -51.54 -18.80 -8.13
C THR B 201 -50.76 -17.58 -8.61
N THR B 202 -50.15 -17.73 -9.79
CA THR B 202 -49.38 -16.64 -10.37
C THR B 202 -50.25 -15.43 -10.68
N ALA B 203 -51.49 -15.65 -11.09
CA ALA B 203 -52.41 -14.54 -11.32
C ALA B 203 -52.68 -13.79 -10.01
N GLU B 204 -52.64 -14.50 -8.89
CA GLU B 204 -52.81 -13.88 -7.58
C GLU B 204 -51.55 -13.22 -7.07
N ARG B 205 -50.45 -13.28 -7.82
CA ARG B 205 -49.27 -12.51 -7.47
C ARG B 205 -49.45 -11.04 -7.84
N GLU B 206 -50.10 -10.77 -8.97
CA GLU B 206 -50.28 -9.39 -9.42
C GLU B 206 -51.13 -8.59 -8.45
N ILE B 207 -52.19 -9.19 -7.90
CA ILE B 207 -53.00 -8.51 -6.90
C ILE B 207 -52.16 -8.20 -5.67
N VAL B 208 -51.24 -9.10 -5.30
CA VAL B 208 -50.31 -8.82 -4.23
C VAL B 208 -49.34 -7.73 -4.64
N ARG B 209 -48.95 -7.71 -5.92
CA ARG B 209 -48.13 -6.60 -6.40
C ARG B 209 -48.86 -5.27 -6.29
N ASP B 210 -50.19 -5.29 -6.46
CA ASP B 210 -50.97 -4.06 -6.36
C ASP B 210 -51.06 -3.57 -4.92
N ILE B 211 -51.20 -4.47 -3.95
CA ILE B 211 -51.43 -4.06 -2.56
C ILE B 211 -50.19 -3.37 -1.98
N LYS B 212 -49.00 -3.85 -2.35
CA LYS B 212 -47.79 -3.24 -1.79
C LYS B 212 -47.56 -1.85 -2.36
N GLU B 213 -47.93 -1.63 -3.61
CA GLU B 213 -47.62 -0.38 -4.29
C GLU B 213 -48.41 0.80 -3.78
N LYS B 214 -49.42 0.56 -2.93
CA LYS B 214 -50.26 1.63 -2.42
C LYS B 214 -50.26 1.75 -0.90
N LEU B 215 -50.24 0.62 -0.17
CA LEU B 215 -50.35 0.66 1.28
C LEU B 215 -49.04 0.42 2.01
N CYS B 216 -48.14 -0.40 1.47
CA CYS B 216 -46.87 -0.65 2.15
C CYS B 216 -46.02 0.62 2.18
N TYR B 217 -45.32 0.82 3.30
CA TYR B 217 -44.49 1.99 3.50
C TYR B 217 -43.37 1.64 4.45
N VAL B 218 -42.36 2.51 4.51
CA VAL B 218 -41.17 2.29 5.32
C VAL B 218 -41.33 3.04 6.63
N ALA B 219 -41.18 2.33 7.74
CA ALA B 219 -41.24 2.95 9.05
C ALA B 219 -39.83 3.36 9.50
N LEU B 220 -39.73 4.53 10.14
CA LEU B 220 -38.43 5.04 10.55
C LEU B 220 -37.77 4.15 11.59
N ASP B 221 -38.54 3.72 12.60
CA ASP B 221 -38.02 2.87 13.66
C ASP B 221 -38.86 1.60 13.71
N PHE B 222 -38.32 0.50 13.17
CA PHE B 222 -39.04 -0.78 13.21
C PHE B 222 -39.30 -1.23 14.63
N GLU B 223 -38.29 -1.15 15.50
CA GLU B 223 -38.41 -1.63 16.88
C GLU B 223 -39.47 -0.85 17.65
N GLN B 224 -39.59 0.45 17.36
CA GLN B 224 -40.64 1.24 17.99
C GLN B 224 -42.01 0.85 17.46
N GLU B 225 -42.11 0.56 16.17
CA GLU B 225 -43.41 0.54 15.50
C GLU B 225 -44.25 -0.69 15.86
N MET B 226 -43.66 -1.89 15.94
CA MET B 226 -44.52 -3.05 16.13
C MET B 226 -45.23 -2.97 17.47
N ALA B 227 -44.58 -2.36 18.47
CA ALA B 227 -45.26 -2.13 19.74
C ALA B 227 -46.44 -1.18 19.57
N THR B 228 -46.27 -0.13 18.76
CA THR B 228 -47.40 0.74 18.43
C THR B 228 -48.42 -0.01 17.58
N ALA B 229 -47.95 -0.79 16.60
CA ALA B 229 -48.87 -1.51 15.72
C ALA B 229 -49.64 -2.59 16.46
N ALA B 230 -49.04 -3.19 17.49
CA ALA B 230 -49.70 -4.21 18.28
C ALA B 230 -50.51 -3.63 19.45
N SER B 231 -50.55 -2.30 19.59
CA SER B 231 -51.27 -1.67 20.68
C SER B 231 -52.50 -0.90 20.23
N SER B 232 -52.68 -0.67 18.94
CA SER B 232 -53.83 0.07 18.44
C SER B 232 -54.19 -0.43 17.05
N SER B 233 -55.05 0.31 16.35
CA SER B 233 -55.47 -0.06 15.01
C SER B 233 -55.41 1.12 14.04
N SER B 234 -54.75 2.22 14.43
CA SER B 234 -54.67 3.38 13.56
C SER B 234 -53.88 3.10 12.29
N LEU B 235 -52.91 2.17 12.35
CA LEU B 235 -52.10 1.85 11.19
C LEU B 235 -52.82 0.93 10.21
N GLU B 236 -53.97 0.39 10.57
CA GLU B 236 -54.70 -0.52 9.69
C GLU B 236 -55.29 0.24 8.51
N LYS B 237 -55.23 -0.38 7.33
CA LYS B 237 -55.78 0.19 6.11
C LYS B 237 -56.63 -0.85 5.40
N SER B 238 -57.67 -0.36 4.73
CA SER B 238 -58.65 -1.21 4.06
C SER B 238 -58.48 -1.10 2.56
N TYR B 239 -58.41 -2.25 1.88
CA TYR B 239 -58.28 -2.33 0.43
C TYR B 239 -59.33 -3.25 -0.15
N GLU B 240 -59.81 -2.92 -1.35
CA GLU B 240 -60.88 -3.67 -2.00
C GLU B 240 -60.30 -4.50 -3.14
N LEU B 241 -60.61 -5.79 -3.15
CA LEU B 241 -60.20 -6.66 -4.24
C LEU B 241 -61.11 -6.47 -5.45
N PRO B 242 -60.64 -6.83 -6.65
CA PRO B 242 -61.49 -6.68 -7.84
C PRO B 242 -62.77 -7.49 -7.79
N ASP B 243 -62.83 -8.55 -6.98
CA ASP B 243 -64.04 -9.32 -6.85
C ASP B 243 -65.05 -8.69 -5.89
N GLY B 244 -64.72 -7.54 -5.29
CA GLY B 244 -65.62 -6.83 -4.42
C GLY B 244 -65.33 -7.00 -2.93
N GLN B 245 -64.54 -8.00 -2.57
CA GLN B 245 -64.24 -8.26 -1.16
C GLN B 245 -63.11 -7.35 -0.70
N VAL B 246 -63.18 -6.91 0.55
CA VAL B 246 -62.36 -5.81 1.06
C VAL B 246 -61.35 -6.35 2.07
N ILE B 247 -60.11 -5.84 2.01
CA ILE B 247 -58.97 -6.36 2.75
C ILE B 247 -58.49 -5.33 3.76
N THR B 248 -58.11 -5.81 4.94
CA THR B 248 -57.53 -4.98 6.00
C THR B 248 -56.17 -5.54 6.39
N ILE B 249 -55.15 -4.66 6.43
CA ILE B 249 -53.77 -5.04 6.76
C ILE B 249 -53.31 -4.16 7.91
N GLY B 250 -52.67 -4.76 8.91
CA GLY B 250 -52.15 -4.01 10.04
C GLY B 250 -50.66 -3.81 10.01
N ASN B 251 -49.95 -4.51 10.92
CA ASN B 251 -48.51 -4.36 11.07
C ASN B 251 -47.72 -4.76 9.82
N GLU B 252 -48.29 -5.54 8.93
CA GLU B 252 -47.59 -6.01 7.74
C GLU B 252 -47.23 -4.88 6.78
N ARG B 253 -47.80 -3.69 6.95
CA ARG B 253 -47.51 -2.59 6.03
C ARG B 253 -46.04 -2.21 6.05
N PHE B 254 -45.44 -2.17 7.24
CA PHE B 254 -44.03 -1.82 7.37
C PHE B 254 -43.12 -3.03 7.42
N ARG B 255 -43.65 -4.21 7.75
CA ARG B 255 -42.82 -5.40 7.88
C ARG B 255 -42.24 -5.87 6.55
N CYS B 256 -43.05 -5.84 5.48
CA CYS B 256 -42.54 -6.27 4.18
C CYS B 256 -41.40 -5.39 3.68
N PRO B 257 -41.51 -4.06 3.63
CA PRO B 257 -40.35 -3.25 3.22
C PRO B 257 -39.18 -3.34 4.18
N GLU B 258 -39.42 -3.73 5.43
CA GLU B 258 -38.34 -3.91 6.39
C GLU B 258 -37.36 -5.00 5.96
N ALA B 259 -37.82 -6.00 5.21
CA ALA B 259 -36.94 -7.05 4.73
C ALA B 259 -35.82 -6.51 3.84
N LEU B 260 -36.02 -5.33 3.24
CA LEU B 260 -34.95 -4.71 2.46
C LEU B 260 -33.74 -4.40 3.34
N PHE B 261 -33.97 -4.19 4.64
CA PHE B 261 -32.90 -3.91 5.57
C PHE B 261 -32.57 -5.09 6.47
N GLN B 262 -33.49 -6.03 6.62
CA GLN B 262 -33.28 -7.24 7.43
C GLN B 262 -33.62 -8.46 6.59
N PRO B 263 -32.72 -8.88 5.70
CA PRO B 263 -32.98 -10.05 4.87
C PRO B 263 -33.01 -11.36 5.63
N SER B 264 -32.66 -11.36 6.93
CA SER B 264 -32.73 -12.57 7.73
C SER B 264 -34.14 -13.14 7.79
N PHE B 265 -35.17 -12.29 7.62
CA PHE B 265 -36.53 -12.78 7.58
C PHE B 265 -36.74 -13.69 6.37
N LEU B 266 -36.14 -13.36 5.24
CA LEU B 266 -36.20 -14.20 4.05
C LEU B 266 -35.24 -15.38 4.11
N GLY B 267 -34.38 -15.43 5.12
CA GLY B 267 -33.38 -16.48 5.22
C GLY B 267 -32.12 -16.24 4.43
N MET B 268 -32.00 -15.10 3.76
CA MET B 268 -30.81 -14.79 2.98
C MET B 268 -29.71 -14.24 3.89
N GLU B 269 -28.48 -14.71 3.63
CA GLU B 269 -27.33 -14.30 4.43
C GLU B 269 -26.70 -13.00 3.95
N SER B 270 -27.22 -12.40 2.89
CA SER B 270 -26.65 -11.16 2.38
C SER B 270 -26.88 -10.01 3.34
N ALA B 271 -26.12 -8.93 3.15
CA ALA B 271 -26.27 -7.75 3.97
C ALA B 271 -27.46 -6.92 3.48
N GLY B 272 -27.91 -6.01 4.35
CA GLY B 272 -29.01 -5.14 4.00
C GLY B 272 -28.63 -4.12 2.94
N ILE B 273 -29.66 -3.53 2.32
CA ILE B 273 -29.42 -2.56 1.27
C ILE B 273 -28.61 -1.38 1.80
N HIS B 274 -28.90 -0.94 3.03
CA HIS B 274 -28.06 0.09 3.66
C HIS B 274 -26.64 -0.42 3.88
N GLU B 275 -26.51 -1.66 4.36
CA GLU B 275 -25.19 -2.22 4.59
C GLU B 275 -24.42 -2.46 3.30
N THR B 276 -25.08 -3.00 2.27
CA THR B 276 -24.41 -3.22 1.00
C THR B 276 -23.95 -1.92 0.38
N THR B 277 -24.79 -0.88 0.46
CA THR B 277 -24.37 0.44 -0.01
C THR B 277 -23.17 0.93 0.79
N PHE B 278 -23.19 0.73 2.11
CA PHE B 278 -22.03 1.06 2.93
C PHE B 278 -20.85 0.16 2.56
N ASN B 279 -21.09 -1.12 2.34
CA ASN B 279 -20.01 -2.04 2.02
C ASN B 279 -19.37 -1.69 0.68
N SER B 280 -20.18 -1.30 -0.31
CA SER B 280 -19.64 -0.99 -1.62
C SER B 280 -18.68 0.18 -1.58
N ILE B 281 -19.01 1.21 -0.80
CA ILE B 281 -18.16 2.40 -0.79
C ILE B 281 -16.94 2.19 0.10
N MET B 282 -17.04 1.28 1.08
CA MET B 282 -15.84 0.86 1.80
C MET B 282 -14.84 0.21 0.86
N LYS B 283 -15.32 -0.51 -0.15
CA LYS B 283 -14.43 -1.09 -1.14
C LYS B 283 -13.70 -0.01 -1.93
N CYS B 284 -14.31 1.16 -2.09
CA CYS B 284 -13.65 2.29 -2.72
C CYS B 284 -12.59 2.86 -1.77
N ASP B 285 -11.70 3.67 -2.34
CA ASP B 285 -10.64 4.26 -1.53
C ASP B 285 -11.17 5.47 -0.76
N VAL B 286 -10.32 5.98 0.14
CA VAL B 286 -10.71 7.06 1.04
C VAL B 286 -11.00 8.34 0.27
N ASP B 287 -10.21 8.61 -0.77
CA ASP B 287 -10.23 9.93 -1.42
C ASP B 287 -11.60 10.29 -1.96
N ILE B 288 -12.26 9.36 -2.65
CA ILE B 288 -13.54 9.65 -3.28
C ILE B 288 -14.72 9.40 -2.36
N ARG B 289 -14.49 8.81 -1.18
CA ARG B 289 -15.60 8.47 -0.30
C ARG B 289 -16.38 9.70 0.15
N LYS B 290 -15.68 10.80 0.44
CA LYS B 290 -16.36 12.02 0.87
C LYS B 290 -17.34 12.51 -0.19
N ASP B 291 -16.89 12.63 -1.44
CA ASP B 291 -17.78 13.03 -2.53
C ASP B 291 -18.90 12.04 -2.76
N LEU B 292 -18.59 10.74 -2.75
CA LEU B 292 -19.60 9.71 -2.95
C LEU B 292 -20.63 9.68 -1.82
N TYR B 293 -20.24 10.05 -0.61
CA TYR B 293 -21.18 10.17 0.50
C TYR B 293 -22.29 11.17 0.21
N ALA B 294 -21.96 12.31 -0.39
CA ALA B 294 -22.91 13.39 -0.60
C ALA B 294 -23.68 13.26 -1.91
N ASN B 295 -23.45 12.22 -2.69
CA ASN B 295 -24.10 12.06 -3.97
C ASN B 295 -24.74 10.68 -4.09
N THR B 296 -25.49 10.27 -3.07
CA THR B 296 -26.16 8.99 -3.10
C THR B 296 -27.46 9.08 -3.89
N VAL B 297 -27.59 8.25 -4.93
CA VAL B 297 -28.73 8.30 -5.84
C VAL B 297 -29.48 6.98 -5.75
N LEU B 298 -30.79 7.08 -5.53
CA LEU B 298 -31.68 5.93 -5.49
C LEU B 298 -32.46 5.85 -6.80
N SER B 299 -32.80 4.62 -7.19
CA SER B 299 -33.54 4.40 -8.43
C SER B 299 -34.23 3.05 -8.36
N GLY B 300 -35.08 2.79 -9.35
CA GLY B 300 -35.84 1.57 -9.40
C GLY B 300 -37.20 1.70 -8.75
N GLY B 301 -38.15 0.89 -9.22
CA GLY B 301 -39.49 0.91 -8.68
C GLY B 301 -39.61 0.40 -7.26
N THR B 302 -38.61 -0.33 -6.78
CA THR B 302 -38.64 -0.78 -5.39
C THR B 302 -38.50 0.40 -4.43
N THR B 303 -37.73 1.42 -4.81
CA THR B 303 -37.48 2.57 -3.97
C THR B 303 -38.64 3.57 -3.97
N MET B 304 -39.79 3.20 -4.51
CA MET B 304 -40.98 4.06 -4.50
C MET B 304 -41.56 4.21 -3.10
N TYR B 305 -41.10 3.43 -2.14
CA TYR B 305 -41.77 3.34 -0.85
C TYR B 305 -41.70 4.67 -0.11
N PRO B 306 -42.81 5.13 0.47
CA PRO B 306 -42.79 6.38 1.23
C PRO B 306 -41.91 6.28 2.47
N GLY B 307 -41.05 7.27 2.68
CA GLY B 307 -40.17 7.29 3.83
C GLY B 307 -38.92 6.45 3.69
N ILE B 308 -38.66 5.87 2.51
CA ILE B 308 -37.49 5.03 2.33
C ILE B 308 -36.21 5.86 2.43
N ALA B 309 -36.23 7.10 1.94
CA ALA B 309 -35.04 7.95 2.00
C ALA B 309 -34.67 8.30 3.43
N ASP B 310 -35.68 8.57 4.27
CA ASP B 310 -35.41 8.87 5.67
C ASP B 310 -34.80 7.68 6.39
N ARG B 311 -35.27 6.46 6.07
CA ARG B 311 -34.69 5.28 6.71
C ARG B 311 -33.29 5.01 6.21
N MET B 312 -33.06 5.16 4.89
CA MET B 312 -31.72 4.90 4.35
C MET B 312 -30.69 5.90 4.88
N GLN B 313 -31.08 7.17 5.00
CA GLN B 313 -30.14 8.16 5.52
C GLN B 313 -29.85 7.89 7.00
N LYS B 314 -30.86 7.46 7.76
CA LYS B 314 -30.65 7.16 9.16
C LYS B 314 -29.75 5.94 9.33
N GLU B 315 -29.97 4.90 8.54
CA GLU B 315 -29.17 3.69 8.66
C GLU B 315 -27.71 3.95 8.30
N ILE B 316 -27.47 4.66 7.20
CA ILE B 316 -26.09 4.92 6.78
C ILE B 316 -25.40 5.86 7.75
N THR B 317 -26.16 6.74 8.41
CA THR B 317 -25.57 7.68 9.34
C THR B 317 -24.88 6.96 10.50
N ALA B 318 -25.50 5.89 11.01
CA ALA B 318 -24.89 5.12 12.08
C ALA B 318 -23.58 4.50 11.64
N LEU B 319 -23.56 3.92 10.42
CA LEU B 319 -22.34 3.28 9.93
C LEU B 319 -21.29 4.30 9.52
N ALA B 320 -21.70 5.36 8.84
CA ALA B 320 -20.76 6.36 8.36
C ALA B 320 -20.22 7.19 9.52
N PRO B 321 -19.03 7.79 9.35
CA PRO B 321 -18.51 8.68 10.39
C PRO B 321 -19.45 9.86 10.64
N SER B 322 -19.52 10.28 11.91
CA SER B 322 -20.44 11.33 12.30
C SER B 322 -20.10 12.67 11.64
N THR B 323 -18.82 12.91 11.36
CA THR B 323 -18.42 14.19 10.79
C THR B 323 -19.02 14.43 9.41
N MET B 324 -19.19 13.37 8.63
CA MET B 324 -19.70 13.51 7.27
C MET B 324 -21.19 13.79 7.26
N LYS B 325 -21.62 14.58 6.28
CA LYS B 325 -23.03 14.84 6.01
C LYS B 325 -23.46 13.92 4.87
N ILE B 326 -24.44 13.07 5.12
CA ILE B 326 -24.98 12.17 4.11
C ILE B 326 -26.18 12.84 3.45
N LYS B 327 -26.19 12.86 2.13
CA LYS B 327 -27.24 13.52 1.35
C LYS B 327 -27.88 12.49 0.42
N ILE B 328 -29.17 12.23 0.63
CA ILE B 328 -29.90 11.28 -0.21
C ILE B 328 -30.63 12.07 -1.30
N ILE B 329 -30.35 11.73 -2.55
CA ILE B 329 -30.99 12.36 -3.70
C ILE B 329 -32.16 11.49 -4.14
N ALA B 330 -33.37 12.03 -4.07
CA ALA B 330 -34.60 11.31 -4.43
C ALA B 330 -35.43 12.17 -5.36
N PRO B 331 -35.05 12.25 -6.64
CA PRO B 331 -35.91 12.95 -7.60
C PRO B 331 -37.25 12.26 -7.71
N PRO B 332 -38.34 13.03 -7.84
CA PRO B 332 -39.67 12.40 -7.83
C PRO B 332 -39.92 11.43 -8.97
N GLU B 333 -39.21 11.57 -10.09
CA GLU B 333 -39.43 10.76 -11.29
C GLU B 333 -38.46 9.60 -11.40
N ARG B 334 -37.81 9.22 -10.29
CA ARG B 334 -36.74 8.23 -10.35
C ARG B 334 -37.19 6.86 -10.84
N LYS B 335 -38.50 6.64 -11.00
CA LYS B 335 -38.96 5.37 -11.57
C LYS B 335 -38.48 5.20 -13.00
N TYR B 336 -38.47 6.27 -13.78
CA TYR B 336 -38.13 6.21 -15.20
C TYR B 336 -36.77 6.84 -15.49
N SER B 337 -35.90 6.90 -14.47
CA SER B 337 -34.60 7.54 -14.65
C SER B 337 -33.74 6.78 -15.64
N VAL B 338 -33.79 5.45 -15.62
CA VAL B 338 -32.96 4.65 -16.51
C VAL B 338 -33.31 4.93 -17.97
N TRP B 339 -34.60 4.94 -18.29
CA TRP B 339 -35.01 5.24 -19.67
C TRP B 339 -34.72 6.69 -20.03
N ILE B 340 -35.04 7.62 -19.12
CA ILE B 340 -34.84 9.04 -19.41
C ILE B 340 -33.37 9.35 -19.59
N GLY B 341 -32.51 8.75 -18.74
CA GLY B 341 -31.08 8.85 -18.97
C GLY B 341 -30.68 8.29 -20.32
N GLY B 342 -31.34 7.21 -20.76
CA GLY B 342 -31.10 6.66 -22.08
C GLY B 342 -31.44 7.60 -23.21
N SER B 343 -32.48 8.43 -23.04
CA SER B 343 -32.82 9.40 -24.07
C SER B 343 -31.69 10.40 -24.29
N ILE B 344 -31.00 10.79 -23.23
CA ILE B 344 -29.89 11.73 -23.37
C ILE B 344 -28.76 11.11 -24.19
N LEU B 345 -28.38 9.87 -23.88
CA LEU B 345 -27.24 9.25 -24.56
C LEU B 345 -27.49 9.10 -26.05
N ALA B 346 -28.69 8.66 -26.43
CA ALA B 346 -29.00 8.55 -27.85
C ALA B 346 -29.00 9.89 -28.54
N SER B 347 -29.30 10.96 -27.80
CA SER B 347 -29.29 12.31 -28.35
C SER B 347 -27.90 12.94 -28.37
N LEU B 348 -26.92 12.34 -27.69
CA LEU B 348 -25.58 12.90 -27.66
C LEU B 348 -24.89 12.74 -29.00
N SER B 349 -24.14 13.77 -29.40
CA SER B 349 -23.43 13.72 -30.67
C SER B 349 -22.19 12.85 -30.58
N THR B 350 -21.50 12.86 -29.44
CA THR B 350 -20.30 12.04 -29.29
C THR B 350 -20.64 10.55 -29.32
N PHE B 351 -21.85 10.18 -28.93
CA PHE B 351 -22.23 8.78 -28.83
C PHE B 351 -22.33 8.07 -30.18
N GLN B 352 -22.42 8.82 -31.28
CA GLN B 352 -22.56 8.20 -32.59
C GLN B 352 -21.36 7.37 -33.01
N GLN B 353 -20.20 7.59 -32.40
CA GLN B 353 -19.00 6.82 -32.73
C GLN B 353 -18.92 5.48 -32.01
N MET B 354 -19.74 5.27 -30.97
CA MET B 354 -19.72 4.02 -30.23
C MET B 354 -20.83 3.07 -30.63
N TRP B 355 -21.57 3.38 -31.69
CA TRP B 355 -22.55 2.43 -32.22
C TRP B 355 -21.84 1.25 -32.84
N ILE B 356 -22.37 0.04 -32.60
CA ILE B 356 -21.82 -1.16 -33.21
C ILE B 356 -22.40 -1.26 -34.62
N SER B 357 -21.53 -1.38 -35.62
CA SER B 357 -21.99 -1.46 -36.98
C SER B 357 -22.31 -2.90 -37.36
N LYS B 358 -23.12 -3.04 -38.42
CA LYS B 358 -23.38 -4.37 -38.95
C LYS B 358 -22.12 -5.01 -39.52
N GLN B 359 -21.26 -4.20 -40.13
CA GLN B 359 -19.99 -4.71 -40.64
C GLN B 359 -19.12 -5.22 -39.51
N GLU B 360 -19.07 -4.49 -38.39
CA GLU B 360 -18.27 -4.93 -37.26
C GLU B 360 -18.80 -6.26 -36.70
N TYR B 361 -20.11 -6.40 -36.61
CA TYR B 361 -20.69 -7.67 -36.17
C TYR B 361 -20.50 -8.76 -37.21
N ASP B 362 -20.51 -8.39 -38.50
CA ASP B 362 -20.34 -9.38 -39.56
C ASP B 362 -18.95 -10.01 -39.52
N GLU B 363 -17.91 -9.20 -39.27
CA GLU B 363 -16.56 -9.71 -39.34
C GLU B 363 -16.19 -10.54 -38.11
N SER B 364 -16.73 -10.19 -36.94
CA SER B 364 -16.37 -10.84 -35.69
C SER B 364 -17.48 -11.75 -35.18
N GLY B 365 -18.71 -11.24 -35.05
CA GLY B 365 -19.81 -12.02 -34.55
C GLY B 365 -20.35 -11.47 -33.25
N PRO B 366 -21.05 -12.30 -32.48
CA PRO B 366 -21.63 -11.84 -31.22
C PRO B 366 -20.59 -11.45 -30.18
N SER B 367 -19.34 -11.89 -30.32
CA SER B 367 -18.31 -11.61 -29.33
C SER B 367 -17.84 -10.16 -29.35
N ILE B 368 -18.23 -9.37 -30.34
CA ILE B 368 -17.75 -8.00 -30.45
C ILE B 368 -18.28 -7.15 -29.30
N VAL B 369 -19.42 -7.52 -28.71
CA VAL B 369 -20.04 -6.68 -27.69
C VAL B 369 -19.17 -6.62 -26.44
N HIS B 370 -18.46 -7.71 -26.11
CA HIS B 370 -17.71 -7.75 -24.86
C HIS B 370 -16.59 -6.70 -24.85
N ARG B 371 -15.87 -6.54 -25.95
CA ARG B 371 -14.78 -5.57 -26.02
C ARG B 371 -15.29 -4.17 -26.37
N LYS B 372 -16.52 -4.05 -26.88
CA LYS B 372 -17.06 -2.77 -27.31
C LYS B 372 -18.10 -2.19 -26.36
N CYS B 373 -18.58 -2.97 -25.39
CA CYS B 373 -19.51 -2.46 -24.39
C CYS B 373 -19.06 -2.91 -23.00
N PHE B 374 -19.33 -2.06 -22.02
CA PHE B 374 -18.98 -2.36 -20.63
C PHE B 374 -20.06 -3.19 -19.95
N ALA C 5 7.41 -31.52 27.12
CA ALA C 5 7.15 -31.14 25.74
C ALA C 5 6.61 -29.72 25.66
N ALA C 6 6.76 -29.09 24.50
CA ALA C 6 6.27 -27.75 24.24
C ALA C 6 5.31 -27.79 23.07
N LEU C 7 4.17 -27.12 23.21
CA LEU C 7 3.15 -27.15 22.17
C LEU C 7 3.42 -26.08 21.12
N VAL C 8 3.09 -26.39 19.88
CA VAL C 8 3.28 -25.47 18.75
C VAL C 8 1.92 -25.26 18.11
N VAL C 9 1.44 -24.02 18.15
CA VAL C 9 0.17 -23.64 17.52
C VAL C 9 0.45 -22.51 16.55
N ASP C 10 0.06 -22.69 15.29
CA ASP C 10 0.28 -21.70 14.24
C ASP C 10 -1.05 -21.18 13.70
N ASN C 11 -1.56 -20.12 14.33
CA ASN C 11 -2.82 -19.54 13.92
C ASN C 11 -2.69 -18.92 12.53
N GLY C 12 -3.59 -19.30 11.63
CA GLY C 12 -3.59 -18.76 10.28
C GLY C 12 -4.91 -18.06 9.99
N SER C 13 -4.93 -17.34 8.88
CA SER C 13 -6.12 -16.59 8.50
C SER C 13 -7.31 -17.52 8.27
N GLY C 14 -7.09 -18.65 7.60
CA GLY C 14 -8.14 -19.61 7.38
C GLY C 14 -7.86 -20.99 7.92
N MET C 15 -6.58 -21.35 7.99
CA MET C 15 -6.15 -22.68 8.36
C MET C 15 -5.21 -22.58 9.55
N CYS C 16 -5.55 -23.30 10.62
CA CYS C 16 -4.75 -23.32 11.84
C CYS C 16 -4.37 -24.76 12.17
N LYS C 17 -3.12 -24.96 12.58
CA LYS C 17 -2.58 -26.28 12.86
C LYS C 17 -2.00 -26.27 14.26
N ALA C 18 -1.82 -27.46 14.84
CA ALA C 18 -1.18 -27.62 16.13
C ALA C 18 -0.62 -29.02 16.26
N GLY C 19 0.46 -29.13 17.04
CA GLY C 19 1.10 -30.41 17.27
C GLY C 19 2.07 -30.37 18.43
N PHE C 20 3.12 -31.19 18.38
CA PHE C 20 4.09 -31.28 19.46
C PHE C 20 5.50 -31.05 18.91
N ALA C 21 6.36 -30.53 19.78
CA ALA C 21 7.75 -30.26 19.39
C ALA C 21 8.47 -31.56 19.04
N GLY C 22 9.28 -31.51 17.98
CA GLY C 22 10.00 -32.66 17.50
C GLY C 22 9.23 -33.51 16.51
N ASP C 23 7.92 -33.32 16.41
CA ASP C 23 7.11 -34.09 15.48
C ASP C 23 7.30 -33.57 14.05
N ASP C 24 7.17 -34.49 13.10
CA ASP C 24 7.32 -34.16 11.68
C ASP C 24 5.99 -33.80 11.01
N ALA C 25 4.87 -33.90 11.72
CA ALA C 25 3.58 -33.59 11.14
C ALA C 25 2.69 -33.02 12.24
N PRO C 26 1.97 -31.93 11.96
CA PRO C 26 1.07 -31.36 12.97
C PRO C 26 -0.01 -32.37 13.36
N ARG C 27 -0.36 -32.37 14.65
CA ARG C 27 -1.32 -33.34 15.17
C ARG C 27 -2.74 -33.00 14.73
N ALA C 28 -3.12 -31.73 14.81
CA ALA C 28 -4.49 -31.31 14.52
C ALA C 28 -4.52 -30.50 13.24
N VAL C 29 -5.43 -30.86 12.33
CA VAL C 29 -5.62 -30.18 11.06
C VAL C 29 -7.11 -29.90 10.90
N PHE C 30 -7.52 -28.67 11.19
CA PHE C 30 -8.89 -28.23 10.99
C PHE C 30 -8.90 -26.73 10.71
N PRO C 31 -9.79 -26.27 9.83
CA PRO C 31 -9.85 -24.84 9.52
C PRO C 31 -10.37 -24.03 10.70
N SER C 32 -9.97 -22.76 10.74
CA SER C 32 -10.31 -21.87 11.86
C SER C 32 -11.51 -20.99 11.49
N ILE C 33 -12.70 -21.58 11.66
CA ILE C 33 -13.95 -20.89 11.42
C ILE C 33 -14.92 -21.24 12.55
N VAL C 34 -15.64 -20.22 13.04
CA VAL C 34 -16.72 -20.41 13.99
C VAL C 34 -18.00 -19.86 13.36
N GLY C 35 -19.06 -20.65 13.38
CA GLY C 35 -20.33 -20.25 12.82
C GLY C 35 -21.43 -20.34 13.85
N ARG C 36 -22.46 -19.52 13.66
CA ARG C 36 -23.63 -19.52 14.53
C ARG C 36 -24.88 -19.79 13.71
N PRO C 37 -25.76 -20.68 14.18
CA PRO C 37 -26.94 -21.06 13.38
C PRO C 37 -27.94 -19.92 13.32
N ARG C 38 -28.15 -19.40 12.10
CA ARG C 38 -29.14 -18.36 11.89
C ARG C 38 -30.55 -18.84 12.17
N HIS C 39 -30.86 -20.08 11.78
CA HIS C 39 -32.18 -20.64 11.98
C HIS C 39 -32.40 -20.97 13.46
N GLN C 40 -33.66 -21.21 13.81
CA GLN C 40 -34.06 -21.46 15.19
C GLN C 40 -34.17 -22.96 15.43
N GLY C 41 -33.71 -23.40 16.59
CA GLY C 41 -33.81 -24.81 16.93
C GLY C 41 -35.25 -25.25 17.06
N VAL C 42 -35.58 -26.39 16.45
CA VAL C 42 -36.92 -26.95 16.50
C VAL C 42 -36.90 -28.19 17.37
N MET C 43 -35.92 -29.06 17.15
CA MET C 43 -35.80 -30.31 17.87
C MET C 43 -34.95 -30.13 19.13
N VAL C 44 -35.33 -30.82 20.19
CA VAL C 44 -34.61 -30.80 21.46
C VAL C 44 -33.91 -32.12 21.75
N GLY C 45 -33.88 -33.05 20.79
CA GLY C 45 -33.28 -34.35 21.06
C GLY C 45 -31.78 -34.28 21.29
N MET C 46 -31.07 -33.54 20.44
CA MET C 46 -29.62 -33.42 20.55
C MET C 46 -29.25 -32.15 21.31
N GLY C 47 -27.95 -31.96 21.50
CA GLY C 47 -27.48 -30.79 22.23
C GLY C 47 -27.80 -29.49 21.54
N GLN C 48 -27.55 -29.41 20.22
CA GLN C 48 -27.67 -28.17 19.45
C GLN C 48 -26.90 -27.03 20.13
N LYS C 49 -25.58 -27.22 20.15
CA LYS C 49 -24.69 -26.28 20.81
C LYS C 49 -24.82 -24.88 20.22
N ASP C 50 -24.49 -23.89 21.06
CA ASP C 50 -24.60 -22.50 20.63
C ASP C 50 -23.69 -22.20 19.44
N SER C 51 -22.47 -22.74 19.45
CA SER C 51 -21.53 -22.50 18.37
C SER C 51 -20.72 -23.77 18.12
N TYR C 52 -20.16 -23.86 16.91
CA TYR C 52 -19.33 -24.99 16.51
C TYR C 52 -18.05 -24.45 15.89
N VAL C 53 -16.93 -25.13 16.16
CA VAL C 53 -15.60 -24.67 15.80
C VAL C 53 -14.88 -25.76 15.05
N GLY C 54 -14.25 -25.40 13.93
CA GLY C 54 -13.38 -26.30 13.20
C GLY C 54 -14.09 -27.23 12.25
N ASP C 55 -13.64 -28.50 12.19
CA ASP C 55 -14.26 -29.48 11.31
C ASP C 55 -15.73 -29.73 11.68
N GLU C 56 -16.13 -29.41 12.90
CA GLU C 56 -17.52 -29.58 13.31
C GLU C 56 -18.43 -28.68 12.47
N ALA C 57 -18.00 -27.45 12.22
CA ALA C 57 -18.83 -26.52 11.45
C ALA C 57 -18.97 -26.95 9.99
N GLN C 58 -17.87 -27.31 9.34
CA GLN C 58 -17.92 -27.59 7.90
C GLN C 58 -18.83 -28.78 7.60
N SER C 59 -18.94 -29.73 8.54
CA SER C 59 -19.86 -30.84 8.37
C SER C 59 -21.30 -30.35 8.27
N LYS C 60 -21.64 -29.32 9.05
CA LYS C 60 -22.98 -28.74 9.06
C LYS C 60 -23.00 -27.32 8.51
N ARG C 61 -22.06 -26.98 7.62
CA ARG C 61 -21.85 -25.60 7.21
C ARG C 61 -23.03 -25.00 6.46
N GLY C 62 -23.96 -25.83 5.98
CA GLY C 62 -25.10 -25.30 5.26
C GLY C 62 -25.99 -24.41 6.11
N ILE C 63 -26.09 -24.72 7.40
CA ILE C 63 -27.02 -24.05 8.31
C ILE C 63 -26.29 -23.14 9.31
N LEU C 64 -25.04 -22.80 9.04
CA LEU C 64 -24.26 -21.96 9.94
C LEU C 64 -23.86 -20.68 9.23
N THR C 65 -23.63 -19.64 10.01
CA THR C 65 -23.12 -18.36 9.50
C THR C 65 -21.63 -18.35 9.77
N LEU C 66 -20.86 -18.87 8.81
CA LEU C 66 -19.42 -19.01 9.00
C LEU C 66 -18.75 -17.65 9.07
N LYS C 67 -17.90 -17.46 10.07
CA LYS C 67 -17.16 -16.22 10.27
C LYS C 67 -15.69 -16.53 10.50
N TYR C 68 -14.83 -15.70 9.94
CA TYR C 68 -13.40 -15.84 10.13
C TYR C 68 -12.93 -14.84 11.18
N PRO C 69 -12.55 -15.29 12.39
CA PRO C 69 -12.18 -14.34 13.44
C PRO C 69 -10.94 -13.54 13.11
N ILE C 70 -10.05 -14.03 12.24
CA ILE C 70 -8.81 -13.36 11.90
C ILE C 70 -8.88 -12.94 10.43
N GLU C 71 -8.56 -11.68 10.18
CA GLU C 71 -8.61 -11.11 8.83
C GLU C 71 -7.30 -10.40 8.52
N GLY C 73 -4.45 -11.58 8.79
CA GLY C 73 -3.54 -11.92 9.86
C GLY C 73 -3.77 -11.12 11.13
N ILE C 74 -4.95 -10.51 11.25
CA ILE C 74 -5.32 -9.72 12.41
C ILE C 74 -6.58 -10.29 13.03
N VAL C 75 -6.53 -10.61 14.31
CA VAL C 75 -7.67 -11.18 15.01
C VAL C 75 -8.70 -10.09 15.25
N THR C 76 -9.73 -10.04 14.41
CA THR C 76 -10.76 -9.03 14.55
C THR C 76 -11.65 -9.30 15.75
N ASN C 77 -12.05 -10.56 15.95
CA ASN C 77 -12.95 -10.94 17.03
C ASN C 77 -12.16 -11.77 18.04
N TRP C 78 -11.89 -11.17 19.20
CA TRP C 78 -11.21 -11.91 20.27
C TRP C 78 -12.15 -12.85 21.01
N ASP C 79 -13.44 -12.54 21.06
CA ASP C 79 -14.40 -13.43 21.73
C ASP C 79 -14.46 -14.77 21.04
N ASP C 80 -14.47 -14.80 19.71
CA ASP C 80 -14.47 -16.05 18.99
C ASP C 80 -13.12 -16.75 19.02
N MET C 81 -12.02 -15.97 19.12
CA MET C 81 -10.69 -16.56 19.03
C MET C 81 -10.43 -17.55 20.14
N GLU C 82 -10.82 -17.22 21.37
CA GLU C 82 -10.61 -18.14 22.49
C GLU C 82 -11.38 -19.44 22.29
N LYS C 83 -12.48 -19.41 21.54
CA LYS C 83 -13.22 -20.64 21.27
C LYS C 83 -12.38 -21.64 20.48
N ILE C 84 -11.62 -21.17 19.49
CA ILE C 84 -10.69 -22.06 18.79
C ILE C 84 -9.65 -22.58 19.77
N TRP C 85 -9.02 -21.68 20.52
CA TRP C 85 -7.94 -22.08 21.42
C TRP C 85 -8.42 -23.06 22.46
N HIS C 86 -9.62 -22.83 23.01
CA HIS C 86 -10.20 -23.80 23.93
C HIS C 86 -10.48 -25.13 23.24
N HIS C 87 -10.99 -25.08 22.00
CA HIS C 87 -11.23 -26.30 21.24
C HIS C 87 -9.93 -27.04 20.89
N THR C 88 -8.88 -26.30 20.53
CA THR C 88 -7.62 -26.95 20.17
C THR C 88 -7.07 -27.75 21.33
N PHE C 89 -7.00 -27.14 22.52
CA PHE C 89 -6.27 -27.73 23.63
C PHE C 89 -7.03 -28.88 24.29
N TYR C 90 -8.36 -28.82 24.30
CA TYR C 90 -9.15 -29.80 25.03
C TYR C 90 -9.84 -30.82 24.15
N ASN C 91 -10.21 -30.45 22.92
CA ASN C 91 -10.93 -31.36 22.03
C ASN C 91 -10.02 -32.06 21.03
N GLU C 92 -9.13 -31.32 20.35
CA GLU C 92 -8.23 -31.92 19.38
C GLU C 92 -6.94 -32.42 20.03
N LEU C 93 -6.21 -31.51 20.69
CA LEU C 93 -4.95 -31.88 21.30
C LEU C 93 -5.12 -32.53 22.66
N ARG C 94 -6.30 -32.39 23.26
CA ARG C 94 -6.70 -33.05 24.51
C ARG C 94 -5.58 -33.06 25.55
N VAL C 95 -4.98 -31.89 25.76
CA VAL C 95 -3.92 -31.72 26.74
C VAL C 95 -4.21 -30.47 27.56
N ALA C 96 -3.64 -30.44 28.77
CA ALA C 96 -3.84 -29.33 29.68
C ALA C 96 -2.79 -28.25 29.43
N PRO C 97 -3.18 -27.01 29.14
CA PRO C 97 -2.18 -25.99 28.78
C PRO C 97 -1.25 -25.61 29.92
N GLU C 98 -1.62 -25.83 31.17
CA GLU C 98 -0.84 -25.30 32.29
C GLU C 98 0.41 -26.11 32.59
N GLU C 99 0.69 -27.19 31.86
CA GLU C 99 1.93 -27.94 32.05
C GLU C 99 2.98 -27.68 31.00
N HIS C 100 2.61 -27.17 29.83
CA HIS C 100 3.59 -27.07 28.75
C HIS C 100 3.64 -25.66 28.19
N PRO C 101 4.84 -25.17 27.87
CA PRO C 101 4.93 -23.92 27.10
C PRO C 101 4.36 -24.10 25.71
N VAL C 102 3.80 -23.03 25.17
CA VAL C 102 3.20 -23.03 23.84
C VAL C 102 3.77 -21.85 23.07
N LEU C 103 3.92 -22.04 21.76
CA LEU C 103 4.46 -21.02 20.87
C LEU C 103 3.42 -20.67 19.81
N LEU C 104 3.31 -19.39 19.50
CA LEU C 104 2.37 -18.88 18.51
C LEU C 104 3.14 -18.12 17.45
N THR C 105 2.60 -18.08 16.24
CA THR C 105 3.26 -17.44 15.12
C THR C 105 2.39 -16.33 14.55
N GLU C 106 3.03 -15.28 14.04
CA GLU C 106 2.33 -14.11 13.54
C GLU C 106 2.95 -13.63 12.24
N ALA C 107 2.19 -12.88 11.46
CA ALA C 107 2.74 -12.22 10.29
C ALA C 107 3.52 -10.98 10.70
N PRO C 108 4.51 -10.57 9.91
CA PRO C 108 5.22 -9.32 10.20
C PRO C 108 4.35 -8.12 9.89
N LEU C 109 4.73 -6.98 10.48
CA LEU C 109 4.06 -5.70 10.27
C LEU C 109 2.59 -5.79 10.72
N ASN C 110 2.38 -6.31 11.93
CA ASN C 110 1.07 -6.39 12.53
C ASN C 110 0.88 -5.29 13.56
N PRO C 111 -0.36 -4.89 13.84
CA PRO C 111 -0.60 -3.89 14.88
C PRO C 111 -0.11 -4.37 16.23
N LYS C 112 0.38 -3.43 17.04
CA LYS C 112 0.88 -3.77 18.36
C LYS C 112 -0.22 -4.33 19.26
N ALA C 113 -1.47 -3.95 19.01
CA ALA C 113 -2.58 -4.47 19.81
C ALA C 113 -2.87 -5.93 19.53
N ASN C 114 -2.53 -6.42 18.34
CA ASN C 114 -2.79 -7.82 18.00
C ASN C 114 -2.02 -8.77 18.90
N ARG C 115 -0.71 -8.55 19.01
CA ARG C 115 0.22 -9.45 19.68
C ARG C 115 0.42 -9.12 21.15
N GLU C 116 -0.21 -8.07 21.66
CA GLU C 116 -0.24 -7.85 23.10
C GLU C 116 -1.43 -8.54 23.74
N LYS C 117 -2.54 -8.64 23.02
CA LYS C 117 -3.75 -9.29 23.56
C LYS C 117 -3.57 -10.79 23.73
N MET C 118 -2.90 -11.45 22.78
CA MET C 118 -2.71 -12.90 22.88
C MET C 118 -1.88 -13.27 24.10
N THR C 119 -0.83 -12.49 24.39
CA THR C 119 -0.03 -12.74 25.58
C THR C 119 -0.86 -12.60 26.85
N GLN C 120 -1.74 -11.59 26.88
CA GLN C 120 -2.65 -11.46 28.00
C GLN C 120 -3.56 -12.67 28.12
N ILE C 121 -4.09 -13.16 27.00
CA ILE C 121 -4.96 -14.32 27.01
C ILE C 121 -4.21 -15.56 27.49
N MET C 122 -2.99 -15.76 26.97
CA MET C 122 -2.24 -16.97 27.31
C MET C 122 -1.95 -17.05 28.81
N PHE C 123 -1.56 -15.93 29.42
CA PHE C 123 -1.16 -15.93 30.81
C PHE C 123 -2.31 -15.69 31.78
N GLU C 124 -3.52 -15.47 31.28
CA GLU C 124 -4.69 -15.26 32.13
C GLU C 124 -5.80 -16.28 31.91
N THR C 125 -5.98 -16.78 30.69
CA THR C 125 -7.02 -17.76 30.39
C THR C 125 -6.53 -19.20 30.54
N PHE C 126 -5.47 -19.56 29.82
CA PHE C 126 -4.94 -20.92 29.87
C PHE C 126 -3.79 -21.09 30.84
N ASN C 127 -3.21 -19.99 31.34
CA ASN C 127 -2.17 -20.02 32.36
C ASN C 127 -1.00 -20.91 31.95
N THR C 128 -0.56 -20.73 30.70
CA THR C 128 0.55 -21.51 30.19
C THR C 128 1.83 -21.17 30.94
N PRO C 129 2.68 -22.17 31.24
CA PRO C 129 3.93 -21.89 31.95
C PRO C 129 4.84 -20.93 31.22
N ALA C 130 4.90 -21.00 29.89
CA ALA C 130 5.75 -20.13 29.11
C ALA C 130 5.10 -19.87 27.76
N MET C 131 5.67 -18.93 27.02
CA MET C 131 5.07 -18.47 25.78
C MET C 131 6.18 -17.94 24.86
N TYR C 132 5.89 -17.88 23.57
CA TYR C 132 6.78 -17.20 22.64
C TYR C 132 6.00 -16.79 21.41
N VAL C 133 6.46 -15.72 20.77
CA VAL C 133 5.81 -15.12 19.61
C VAL C 133 6.86 -14.96 18.52
N ALA C 134 6.65 -15.66 17.39
CA ALA C 134 7.65 -15.73 16.33
C ALA C 134 7.01 -15.50 14.96
N ILE C 135 7.70 -14.72 14.12
CA ILE C 135 7.17 -14.34 12.81
C ILE C 135 6.89 -15.58 11.97
N GLN C 136 5.81 -15.51 11.18
CA GLN C 136 5.40 -16.66 10.37
C GLN C 136 6.46 -17.03 9.33
N ALA C 137 6.95 -16.04 8.58
CA ALA C 137 7.77 -16.34 7.41
C ALA C 137 9.16 -16.81 7.79
N VAL C 138 9.73 -16.26 8.87
CA VAL C 138 11.10 -16.62 9.23
C VAL C 138 11.18 -18.11 9.59
N LEU C 139 10.15 -18.64 10.25
CA LEU C 139 10.15 -20.06 10.60
C LEU C 139 10.09 -20.95 9.38
N SER C 140 9.54 -20.45 8.26
CA SER C 140 9.49 -21.24 7.05
C SER C 140 10.89 -21.54 6.52
N LEU C 141 11.80 -20.57 6.59
CA LEU C 141 13.17 -20.78 6.13
C LEU C 141 13.90 -21.84 6.95
N TYR C 142 13.58 -21.93 8.25
CA TYR C 142 14.18 -22.97 9.08
C TYR C 142 13.82 -24.36 8.58
N ALA C 143 12.58 -24.53 8.10
CA ALA C 143 12.14 -25.83 7.58
C ALA C 143 12.94 -26.26 6.35
N SER C 144 13.43 -25.31 5.57
CA SER C 144 14.24 -25.61 4.39
C SER C 144 15.70 -25.85 4.73
N GLY C 145 16.08 -25.75 5.99
CA GLY C 145 17.47 -25.93 6.39
C GLY C 145 18.40 -24.86 5.88
N ARG C 146 17.94 -23.61 5.85
CA ARG C 146 18.74 -22.48 5.42
C ARG C 146 18.59 -21.34 6.41
N THR C 147 19.60 -20.48 6.46
CA THR C 147 19.56 -19.27 7.29
C THR C 147 19.89 -18.03 6.48
N THR C 148 20.17 -18.17 5.18
CA THR C 148 20.43 -17.04 4.32
C THR C 148 19.54 -17.18 3.09
N GLY C 149 18.42 -16.48 3.08
CA GLY C 149 17.50 -16.56 1.97
C GLY C 149 16.30 -15.65 2.18
N ILE C 150 15.47 -15.58 1.16
CA ILE C 150 14.24 -14.78 1.18
C ILE C 150 13.06 -15.72 1.06
N VAL C 151 12.04 -15.49 1.87
CA VAL C 151 10.90 -16.40 1.99
C VAL C 151 9.67 -15.74 1.41
N MET C 152 8.99 -16.45 0.51
CA MET C 152 7.77 -15.97 -0.15
C MET C 152 6.58 -16.65 0.53
N ASP C 153 6.12 -16.06 1.62
CA ASP C 153 4.94 -16.59 2.30
C ASP C 153 3.68 -16.01 1.67
N SER C 154 2.71 -16.89 1.44
CA SER C 154 1.45 -16.48 0.82
C SER C 154 0.34 -17.39 1.36
N GLY C 155 -0.43 -16.89 2.30
CA GLY C 155 -1.49 -17.67 2.91
C GLY C 155 -2.88 -17.23 2.46
N ASP C 156 -3.66 -16.70 3.40
CA ASP C 156 -5.02 -16.27 3.13
C ASP C 156 -5.23 -14.78 3.32
N GLY C 157 -4.52 -14.16 4.26
CA GLY C 157 -4.72 -12.77 4.55
C GLY C 157 -3.51 -11.89 4.28
N VAL C 158 -2.32 -12.47 4.31
CA VAL C 158 -1.07 -11.72 4.17
C VAL C 158 -0.19 -12.41 3.13
N THR C 159 0.47 -11.60 2.31
CA THR C 159 1.50 -12.06 1.37
C THR C 159 2.72 -11.18 1.62
N HIS C 160 3.54 -11.58 2.58
CA HIS C 160 4.69 -10.80 3.02
C HIS C 160 5.97 -11.37 2.47
N THR C 161 6.86 -10.49 2.04
CA THR C 161 8.19 -10.86 1.54
C THR C 161 9.22 -10.36 2.53
N VAL C 162 10.09 -11.25 2.99
CA VAL C 162 11.10 -10.93 3.99
C VAL C 162 12.41 -11.59 3.58
N PRO C 163 13.49 -10.82 3.48
CA PRO C 163 14.82 -11.43 3.29
C PRO C 163 15.46 -11.73 4.63
N ILE C 164 16.08 -12.90 4.74
CA ILE C 164 16.71 -13.35 5.98
C ILE C 164 18.14 -13.75 5.61
N TYR C 165 19.11 -13.00 6.13
CA TYR C 165 20.50 -13.29 5.81
C TYR C 165 21.19 -14.06 6.93
N GLU C 166 20.80 -13.79 8.17
CA GLU C 166 21.39 -14.45 9.34
C GLU C 166 20.26 -14.99 10.20
N GLY C 167 20.59 -15.36 11.43
CA GLY C 167 19.60 -15.90 12.35
C GLY C 167 18.42 -14.98 12.61
N TYR C 168 18.57 -13.69 12.31
CA TYR C 168 17.50 -12.72 12.43
C TYR C 168 17.27 -12.06 11.07
N ALA C 169 16.02 -11.68 10.80
CA ALA C 169 15.66 -11.11 9.52
C ALA C 169 15.81 -9.59 9.54
N LEU C 170 15.88 -9.01 8.34
CA LEU C 170 15.97 -7.57 8.21
C LEU C 170 14.57 -6.96 8.27
N PRO C 171 14.27 -6.12 9.26
CA PRO C 171 12.92 -5.55 9.35
C PRO C 171 12.66 -4.47 8.31
N HIS C 172 13.72 -3.77 7.91
CA HIS C 172 13.61 -2.62 7.03
C HIS C 172 13.18 -2.99 5.61
N ALA C 173 13.53 -4.18 5.14
CA ALA C 173 13.19 -4.61 3.79
C ALA C 173 11.96 -5.52 3.76
N ILE C 174 11.21 -5.59 4.85
CA ILE C 174 10.01 -6.41 4.90
C ILE C 174 8.90 -5.71 4.14
N LEU C 175 8.42 -6.35 3.06
CA LEU C 175 7.31 -5.85 2.28
C LEU C 175 6.12 -6.77 2.48
N ARG C 176 5.01 -6.21 2.94
CA ARG C 176 3.81 -6.97 3.24
C ARG C 176 2.71 -6.55 2.28
N LEU C 177 2.09 -7.53 1.63
CA LEU C 177 1.01 -7.28 0.68
C LEU C 177 -0.24 -8.03 1.12
N ASP C 178 -1.37 -7.32 1.16
CA ASP C 178 -2.64 -7.93 1.54
C ASP C 178 -3.37 -8.49 0.33
N LEU C 179 -2.67 -9.32 -0.43
CA LEU C 179 -3.25 -10.02 -1.58
C LEU C 179 -2.89 -11.50 -1.46
N ALA C 180 -3.90 -12.33 -1.21
CA ALA C 180 -3.65 -13.74 -0.96
C ALA C 180 -4.82 -14.55 -1.52
N GLY C 181 -4.90 -15.82 -1.11
CA GLY C 181 -5.89 -16.72 -1.69
C GLY C 181 -7.32 -16.29 -1.41
N ARG C 182 -7.57 -15.72 -0.24
CA ARG C 182 -8.92 -15.26 0.08
C ARG C 182 -9.39 -14.16 -0.87
N ASP C 183 -8.47 -13.24 -1.23
CA ASP C 183 -8.79 -12.29 -2.29
C ASP C 183 -9.01 -13.02 -3.62
N LEU C 184 -8.23 -14.07 -3.88
CA LEU C 184 -8.44 -14.87 -5.08
C LEU C 184 -9.80 -15.54 -5.08
N THR C 185 -10.23 -16.08 -3.93
CA THR C 185 -11.56 -16.66 -3.85
C THR C 185 -12.63 -15.63 -4.19
N ASP C 186 -12.48 -14.40 -3.70
CA ASP C 186 -13.40 -13.33 -4.06
C ASP C 186 -13.30 -12.98 -5.53
N TYR C 187 -12.19 -13.33 -6.19
CA TYR C 187 -11.99 -12.90 -7.57
C TYR C 187 -12.54 -13.91 -8.58
N LEU C 188 -12.41 -15.21 -8.32
CA LEU C 188 -12.90 -16.17 -9.31
C LEU C 188 -14.42 -16.13 -9.36
N MET C 189 -15.07 -15.96 -8.21
CA MET C 189 -16.52 -15.97 -8.14
C MET C 189 -17.16 -14.86 -8.98
N LYS C 190 -16.64 -13.63 -8.90
CA LYS C 190 -17.17 -12.57 -9.75
C LYS C 190 -16.93 -12.88 -11.22
N ILE C 191 -15.76 -13.42 -11.55
CA ILE C 191 -15.51 -13.92 -12.90
C ILE C 191 -16.33 -15.17 -13.21
N LEU C 192 -16.54 -16.05 -12.23
CA LEU C 192 -17.33 -17.26 -12.46
C LEU C 192 -18.78 -16.94 -12.81
N THR C 193 -19.28 -15.77 -12.39
CA THR C 193 -20.63 -15.36 -12.77
C THR C 193 -20.77 -15.18 -14.28
N GLU C 194 -19.66 -15.02 -14.99
CA GLU C 194 -19.72 -14.93 -16.45
C GLU C 194 -20.25 -16.21 -17.07
N ARG C 195 -19.95 -17.36 -16.45
CA ARG C 195 -20.37 -18.65 -16.99
C ARG C 195 -21.73 -19.10 -16.47
N GLY C 196 -22.41 -18.27 -15.69
CA GLY C 196 -23.75 -18.58 -15.22
C GLY C 196 -23.85 -19.25 -13.87
N TYR C 197 -22.78 -19.27 -13.09
CA TYR C 197 -22.80 -19.86 -11.76
C TYR C 197 -22.71 -18.76 -10.71
N SER C 198 -23.68 -18.75 -9.79
CA SER C 198 -23.80 -17.70 -8.79
C SER C 198 -23.48 -18.29 -7.41
N PHE C 199 -22.53 -17.68 -6.73
CA PHE C 199 -22.15 -18.06 -5.37
C PHE C 199 -21.92 -16.79 -4.56
N THR C 200 -22.79 -16.55 -3.57
CA THR C 200 -22.75 -15.32 -2.79
C THR C 200 -22.50 -15.57 -1.31
N THR C 201 -23.15 -16.57 -0.72
CA THR C 201 -23.05 -16.78 0.72
C THR C 201 -21.68 -17.33 1.09
N THR C 202 -21.39 -17.31 2.40
CA THR C 202 -20.13 -17.84 2.88
C THR C 202 -20.12 -19.36 2.86
N ALA C 203 -21.29 -20.00 2.91
CA ALA C 203 -21.34 -21.45 2.86
C ALA C 203 -20.82 -21.98 1.53
N GLU C 204 -21.24 -21.36 0.42
CA GLU C 204 -20.71 -21.74 -0.89
C GLU C 204 -19.31 -21.20 -1.13
N ARG C 205 -18.83 -20.31 -0.28
CA ARG C 205 -17.47 -19.80 -0.41
C ARG C 205 -16.44 -20.91 -0.22
N GLU C 206 -16.69 -21.81 0.72
CA GLU C 206 -15.82 -22.97 0.87
C GLU C 206 -15.90 -23.90 -0.33
N ILE C 207 -17.08 -24.01 -0.94
CA ILE C 207 -17.19 -24.70 -2.22
C ILE C 207 -16.35 -24.00 -3.28
N VAL C 208 -16.39 -22.67 -3.29
CA VAL C 208 -15.49 -21.88 -4.13
C VAL C 208 -14.04 -22.15 -3.76
N ARG C 209 -13.77 -22.32 -2.48
CA ARG C 209 -12.39 -22.60 -2.04
C ARG C 209 -11.90 -23.92 -2.59
N ASP C 210 -12.79 -24.91 -2.71
CA ASP C 210 -12.37 -26.24 -3.15
C ASP C 210 -11.93 -26.23 -4.61
N ILE C 211 -12.66 -25.55 -5.49
CA ILE C 211 -12.36 -25.60 -6.92
C ILE C 211 -11.01 -24.94 -7.20
N LYS C 212 -10.67 -23.89 -6.46
CA LYS C 212 -9.36 -23.27 -6.63
C LYS C 212 -8.23 -24.23 -6.26
N GLU C 213 -8.41 -24.99 -5.18
CA GLU C 213 -7.36 -25.88 -4.72
C GLU C 213 -7.11 -27.05 -5.66
N LYS C 214 -8.02 -27.30 -6.62
CA LYS C 214 -7.94 -28.48 -7.45
C LYS C 214 -7.74 -28.19 -8.93
N LEU C 215 -8.35 -27.14 -9.47
CA LEU C 215 -8.33 -26.89 -10.91
C LEU C 215 -7.53 -25.66 -11.32
N CYS C 216 -7.38 -24.68 -10.44
CA CYS C 216 -6.62 -23.48 -10.79
C CYS C 216 -5.15 -23.81 -10.94
N TYR C 217 -4.53 -23.21 -11.96
CA TYR C 217 -3.11 -23.43 -12.23
C TYR C 217 -2.52 -22.16 -12.84
N VAL C 218 -1.21 -22.05 -12.76
CA VAL C 218 -0.49 -20.88 -13.27
C VAL C 218 -0.08 -21.14 -14.71
N ALA C 219 -0.41 -20.19 -15.59
CA ALA C 219 -0.01 -20.28 -16.99
C ALA C 219 1.31 -19.56 -17.20
N LEU C 220 2.21 -20.23 -17.94
CA LEU C 220 3.53 -19.63 -18.19
C LEU C 220 3.43 -18.36 -19.01
N ASP C 221 2.57 -18.35 -20.03
CA ASP C 221 2.37 -17.18 -20.88
C ASP C 221 0.88 -16.85 -20.89
N PHE C 222 0.49 -15.81 -20.15
CA PHE C 222 -0.91 -15.44 -20.07
C PHE C 222 -1.46 -15.01 -21.44
N GLU C 223 -0.67 -14.24 -22.20
CA GLU C 223 -1.14 -13.80 -23.50
C GLU C 223 -1.28 -14.96 -24.48
N GLN C 224 -0.33 -15.88 -24.46
CA GLN C 224 -0.41 -17.03 -25.37
C GLN C 224 -1.51 -18.00 -24.95
N GLU C 225 -1.67 -18.20 -23.64
CA GLU C 225 -2.68 -19.15 -23.17
C GLU C 225 -4.09 -18.67 -23.44
N MET C 226 -4.36 -17.37 -23.26
CA MET C 226 -5.70 -16.86 -23.54
C MET C 226 -6.04 -16.98 -25.02
N ALA C 227 -5.05 -16.78 -25.88
CA ALA C 227 -5.27 -17.03 -27.31
C ALA C 227 -5.56 -18.49 -27.57
N THR C 228 -4.86 -19.40 -26.87
CA THR C 228 -5.15 -20.82 -27.00
C THR C 228 -6.56 -21.14 -26.53
N ALA C 229 -6.99 -20.54 -25.42
CA ALA C 229 -8.34 -20.78 -24.91
C ALA C 229 -9.42 -20.25 -25.85
N ALA C 230 -9.08 -19.32 -26.75
CA ALA C 230 -10.06 -18.81 -27.70
C ALA C 230 -10.51 -19.87 -28.69
N SER C 231 -9.73 -20.93 -28.88
CA SER C 231 -10.09 -22.00 -29.79
C SER C 231 -11.00 -23.04 -29.16
N SER C 232 -11.32 -22.91 -27.87
CA SER C 232 -12.20 -23.81 -27.14
C SER C 232 -11.60 -25.20 -27.00
N SER C 233 -12.13 -25.99 -26.06
CA SER C 233 -11.71 -27.37 -25.82
C SER C 233 -10.27 -27.46 -25.35
N SER C 234 -9.84 -28.67 -25.00
CA SER C 234 -8.48 -29.02 -24.56
C SER C 234 -8.11 -28.38 -23.22
N LEU C 235 -8.98 -27.56 -22.63
CA LEU C 235 -8.69 -26.96 -21.34
C LEU C 235 -9.86 -27.00 -20.36
N GLU C 236 -11.11 -27.10 -20.84
CA GLU C 236 -12.26 -27.10 -19.95
C GLU C 236 -12.32 -28.42 -19.18
N LYS C 237 -12.55 -28.32 -17.88
CA LYS C 237 -12.65 -29.47 -17.01
C LYS C 237 -14.00 -29.47 -16.31
N SER C 238 -14.47 -30.67 -15.96
CA SER C 238 -15.77 -30.84 -15.33
C SER C 238 -15.60 -31.12 -13.84
N TYR C 239 -16.29 -30.33 -13.02
CA TYR C 239 -16.27 -30.49 -11.57
C TYR C 239 -17.68 -30.69 -11.05
N GLU C 240 -17.81 -31.60 -10.09
CA GLU C 240 -19.10 -31.96 -9.52
C GLU C 240 -19.34 -31.17 -8.24
N LEU C 241 -20.44 -30.42 -8.21
CA LEU C 241 -20.82 -29.69 -7.02
C LEU C 241 -21.43 -30.61 -5.97
N PRO C 242 -21.34 -30.25 -4.70
CA PRO C 242 -21.97 -31.09 -3.65
C PRO C 242 -23.47 -31.29 -3.87
N ASP C 243 -24.13 -30.36 -4.54
CA ASP C 243 -25.51 -30.58 -4.95
C ASP C 243 -25.61 -31.76 -5.90
N GLY C 244 -24.64 -31.87 -6.82
CA GLY C 244 -24.65 -32.93 -7.81
C GLY C 244 -24.44 -32.39 -9.20
N GLN C 245 -24.67 -31.10 -9.38
CA GLN C 245 -24.48 -30.45 -10.66
C GLN C 245 -23.01 -30.42 -11.05
N VAL C 246 -22.74 -30.58 -12.33
CA VAL C 246 -21.38 -30.60 -12.87
C VAL C 246 -21.16 -29.31 -13.66
N ILE C 247 -20.10 -28.59 -13.32
CA ILE C 247 -19.79 -27.31 -13.95
C ILE C 247 -18.51 -27.44 -14.76
N THR C 248 -18.41 -26.64 -15.82
CA THR C 248 -17.24 -26.61 -16.68
C THR C 248 -16.67 -25.20 -16.69
N ILE C 249 -15.34 -25.09 -16.62
CA ILE C 249 -14.65 -23.82 -16.50
C ILE C 249 -13.61 -23.74 -17.62
N GLY C 250 -13.58 -22.62 -18.33
CA GLY C 250 -12.67 -22.44 -19.44
C GLY C 250 -11.40 -21.67 -19.09
N ASN C 251 -11.30 -20.44 -19.58
CA ASN C 251 -10.10 -19.63 -19.39
C ASN C 251 -9.84 -19.28 -17.93
N GLU C 252 -10.86 -19.36 -17.07
CA GLU C 252 -10.73 -18.94 -15.68
C GLU C 252 -9.75 -19.81 -14.88
N ARG C 253 -9.35 -20.97 -15.42
CA ARG C 253 -8.42 -21.82 -14.70
C ARG C 253 -7.10 -21.11 -14.43
N PHE C 254 -6.61 -20.36 -15.40
CA PHE C 254 -5.35 -19.62 -15.25
C PHE C 254 -5.54 -18.15 -14.93
N ARG C 255 -6.71 -17.58 -15.25
CA ARG C 255 -6.91 -16.15 -15.07
C ARG C 255 -6.83 -15.74 -13.61
N CYS C 256 -7.48 -16.48 -12.72
CA CYS C 256 -7.44 -16.14 -11.30
C CYS C 256 -6.04 -16.25 -10.71
N PRO C 257 -5.29 -17.34 -10.88
CA PRO C 257 -3.91 -17.36 -10.38
C PRO C 257 -3.02 -16.32 -11.04
N GLU C 258 -3.33 -15.89 -12.25
CA GLU C 258 -2.54 -14.87 -12.92
C GLU C 258 -2.63 -13.52 -12.22
N ALA C 259 -3.71 -13.27 -11.48
CA ALA C 259 -3.90 -11.98 -10.83
C ALA C 259 -2.82 -11.67 -9.80
N LEU C 260 -2.07 -12.69 -9.36
CA LEU C 260 -0.98 -12.44 -8.42
C LEU C 260 0.07 -11.51 -9.02
N PHE C 261 0.38 -11.69 -10.30
CA PHE C 261 1.42 -10.90 -10.95
C PHE C 261 0.87 -9.63 -11.60
N GLN C 262 -0.43 -9.56 -11.85
CA GLN C 262 -1.08 -8.35 -12.36
C GLN C 262 -2.26 -8.01 -11.46
N PRO C 263 -2.00 -7.33 -10.34
CA PRO C 263 -3.10 -6.95 -9.44
C PRO C 263 -4.06 -5.92 -10.01
N SER C 264 -3.79 -5.39 -11.20
CA SER C 264 -4.70 -4.45 -11.85
C SER C 264 -6.10 -5.03 -12.04
N PHE C 265 -6.23 -6.35 -12.14
CA PHE C 265 -7.54 -6.94 -12.32
C PHE C 265 -8.39 -6.81 -11.06
N LEU C 266 -7.76 -6.76 -9.88
CA LEU C 266 -8.46 -6.67 -8.62
C LEU C 266 -8.61 -5.24 -8.11
N GLY C 267 -7.99 -4.26 -8.78
CA GLY C 267 -8.27 -2.87 -8.48
C GLY C 267 -7.44 -2.23 -7.39
N MET C 268 -6.31 -2.82 -7.00
CA MET C 268 -5.36 -2.18 -6.09
C MET C 268 -4.05 -1.93 -6.80
N GLU C 269 -3.46 -0.75 -6.56
CA GLU C 269 -2.34 -0.24 -7.33
C GLU C 269 -1.02 -0.94 -7.04
N SER C 270 -0.97 -1.80 -6.02
CA SER C 270 0.27 -2.49 -5.69
C SER C 270 0.70 -3.39 -6.85
N ALA C 271 2.01 -3.57 -6.98
CA ALA C 271 2.54 -4.36 -8.08
C ALA C 271 2.35 -5.85 -7.82
N GLY C 272 2.69 -6.65 -8.83
CA GLY C 272 2.51 -8.08 -8.76
C GLY C 272 3.45 -8.73 -7.76
N ILE C 273 3.13 -9.98 -7.42
CA ILE C 273 3.95 -10.71 -6.46
C ILE C 273 5.36 -10.93 -6.96
N HIS C 274 5.55 -11.06 -8.27
CA HIS C 274 6.89 -11.14 -8.82
C HIS C 274 7.66 -9.85 -8.63
N GLU C 275 6.99 -8.70 -8.77
CA GLU C 275 7.66 -7.42 -8.72
C GLU C 275 8.09 -7.06 -7.29
N THR C 276 7.22 -7.29 -6.30
CA THR C 276 7.55 -6.95 -4.92
C THR C 276 8.76 -7.72 -4.41
N THR C 277 9.02 -8.92 -4.96
CA THR C 277 10.25 -9.62 -4.64
C THR C 277 11.47 -8.79 -5.04
N PHE C 278 11.41 -8.20 -6.24
CA PHE C 278 12.53 -7.39 -6.72
C PHE C 278 12.73 -6.16 -5.84
N ASN C 279 11.63 -5.52 -5.42
CA ASN C 279 11.74 -4.33 -4.58
C ASN C 279 12.43 -4.65 -3.26
N SER C 280 12.05 -5.76 -2.62
CA SER C 280 12.60 -6.09 -1.31
C SER C 280 14.10 -6.34 -1.39
N ILE C 281 14.55 -7.02 -2.45
CA ILE C 281 15.97 -7.34 -2.56
C ILE C 281 16.78 -6.11 -2.95
N MET C 282 16.13 -5.11 -3.56
CA MET C 282 16.82 -3.85 -3.79
C MET C 282 17.10 -3.09 -2.50
N LYS C 283 16.28 -3.27 -1.48
CA LYS C 283 16.43 -2.55 -0.22
C LYS C 283 17.58 -3.09 0.64
N CYS C 284 18.16 -4.23 0.28
CA CYS C 284 19.25 -4.79 1.07
C CYS C 284 20.59 -4.44 0.44
N ASP C 285 21.67 -4.86 1.10
CA ASP C 285 23.01 -4.51 0.65
C ASP C 285 23.39 -5.28 -0.61
N VAL C 286 24.34 -4.72 -1.36
CA VAL C 286 24.73 -5.30 -2.63
C VAL C 286 25.34 -6.68 -2.45
N ASP C 287 26.22 -6.83 -1.46
CA ASP C 287 26.89 -8.11 -1.26
C ASP C 287 25.89 -9.21 -0.89
N ILE C 288 24.92 -8.90 -0.02
CA ILE C 288 23.93 -9.90 0.35
C ILE C 288 22.97 -10.21 -0.78
N ARG C 289 22.89 -9.36 -1.81
CA ARG C 289 21.96 -9.59 -2.90
C ARG C 289 22.27 -10.87 -3.66
N LYS C 290 23.56 -11.18 -3.85
CA LYS C 290 23.93 -12.37 -4.60
C LYS C 290 23.40 -13.63 -3.93
N ASP C 291 23.55 -13.73 -2.60
CA ASP C 291 23.09 -14.92 -1.89
C ASP C 291 21.57 -15.05 -1.96
N LEU C 292 20.85 -13.94 -1.81
CA LEU C 292 19.39 -14.00 -1.78
C LEU C 292 18.80 -14.40 -3.12
N TYR C 293 19.47 -14.08 -4.23
CA TYR C 293 18.98 -14.47 -5.54
C TYR C 293 18.90 -15.99 -5.68
N ALA C 294 19.93 -16.70 -5.21
CA ALA C 294 19.99 -18.14 -5.32
C ALA C 294 19.28 -18.85 -4.19
N ASN C 295 18.70 -18.12 -3.23
CA ASN C 295 18.04 -18.70 -2.07
C ASN C 295 16.63 -18.17 -1.92
N THR C 296 15.88 -18.15 -3.01
CA THR C 296 14.48 -17.72 -2.98
C THR C 296 13.58 -18.92 -2.67
N VAL C 297 12.76 -18.77 -1.64
CA VAL C 297 11.94 -19.86 -1.12
C VAL C 297 10.48 -19.45 -1.15
N LEU C 298 9.63 -20.33 -1.66
CA LEU C 298 8.19 -20.13 -1.66
C LEU C 298 7.57 -20.90 -0.51
N SER C 299 6.50 -20.34 0.04
CA SER C 299 5.80 -20.97 1.16
C SER C 299 4.38 -20.45 1.21
N GLY C 300 3.55 -21.11 2.02
CA GLY C 300 2.14 -20.79 2.09
C GLY C 300 1.31 -21.60 1.12
N GLY C 301 0.04 -21.78 1.49
CA GLY C 301 -0.84 -22.61 0.67
C GLY C 301 -1.19 -22.01 -0.67
N THR C 302 -0.98 -20.71 -0.85
CA THR C 302 -1.24 -20.09 -2.15
C THR C 302 -0.26 -20.57 -3.21
N THR C 303 0.99 -20.82 -2.80
CA THR C 303 2.06 -21.19 -3.72
C THR C 303 1.96 -22.64 -4.19
N MET C 304 0.84 -23.31 -3.96
CA MET C 304 0.65 -24.70 -4.33
C MET C 304 0.29 -24.87 -5.80
N TYR C 305 0.03 -23.78 -6.52
CA TYR C 305 -0.44 -23.89 -7.89
C TYR C 305 0.61 -24.56 -8.77
N PRO C 306 0.19 -25.46 -9.67
CA PRO C 306 1.14 -26.13 -10.55
C PRO C 306 1.78 -25.18 -11.54
N GLY C 307 3.11 -25.17 -11.59
CA GLY C 307 3.83 -24.28 -12.48
C GLY C 307 4.06 -22.88 -11.95
N ILE C 308 3.71 -22.61 -10.68
CA ILE C 308 3.89 -21.28 -10.14
C ILE C 308 5.36 -20.91 -10.05
N ALA C 309 6.22 -21.90 -9.75
CA ALA C 309 7.65 -21.63 -9.65
C ALA C 309 8.25 -21.32 -11.02
N ASP C 310 7.83 -22.04 -12.05
CA ASP C 310 8.40 -21.84 -13.37
C ASP C 310 8.09 -20.45 -13.91
N ARG C 311 6.82 -20.03 -13.82
CA ARG C 311 6.47 -18.68 -14.26
C ARG C 311 7.15 -17.63 -13.38
N MET C 312 7.21 -17.88 -12.07
CA MET C 312 7.91 -16.97 -11.17
C MET C 312 9.38 -16.81 -11.58
N GLN C 313 10.05 -17.92 -11.89
CA GLN C 313 11.45 -17.85 -12.29
C GLN C 313 11.60 -17.07 -13.58
N LYS C 314 10.67 -17.23 -14.52
CA LYS C 314 10.73 -16.48 -15.77
C LYS C 314 10.55 -14.99 -15.53
N GLU C 315 9.58 -14.60 -14.69
CA GLU C 315 9.29 -13.19 -14.49
C GLU C 315 10.47 -12.45 -13.84
N ILE C 316 11.01 -13.00 -12.75
CA ILE C 316 12.12 -12.34 -12.07
C ILE C 316 13.34 -12.29 -12.97
N THR C 317 13.50 -13.27 -13.87
CA THR C 317 14.64 -13.28 -14.77
C THR C 317 14.63 -12.06 -15.67
N ALA C 318 13.45 -11.69 -16.19
CA ALA C 318 13.37 -10.50 -17.04
C ALA C 318 13.73 -9.23 -16.27
N LEU C 319 13.24 -9.11 -15.03
CA LEU C 319 13.52 -7.90 -14.25
C LEU C 319 14.95 -7.90 -13.74
N ALA C 320 15.45 -9.04 -13.26
CA ALA C 320 16.79 -9.10 -12.72
C ALA C 320 17.82 -9.07 -13.85
N PRO C 321 18.98 -8.45 -13.61
CA PRO C 321 20.06 -8.51 -14.60
C PRO C 321 20.57 -9.93 -14.78
N SER C 322 21.02 -10.23 -15.99
CA SER C 322 21.35 -11.61 -16.35
C SER C 322 22.57 -12.15 -15.63
N THR C 323 23.39 -11.29 -15.02
CA THR C 323 24.61 -11.76 -14.37
C THR C 323 24.30 -12.68 -13.18
N MET C 324 23.43 -12.24 -12.28
CA MET C 324 23.09 -13.04 -11.13
C MET C 324 22.06 -14.11 -11.48
N LYS C 325 22.26 -15.29 -10.90
CA LYS C 325 21.42 -16.46 -11.16
C LYS C 325 20.26 -16.51 -10.17
N ILE C 326 19.11 -16.96 -10.65
CA ILE C 326 17.91 -17.08 -9.83
C ILE C 326 17.52 -18.54 -9.74
N LYS C 327 17.45 -19.07 -8.52
CA LYS C 327 16.99 -20.42 -8.27
C LYS C 327 15.87 -20.37 -7.25
N ILE C 328 14.69 -20.87 -7.63
CA ILE C 328 13.52 -20.85 -6.76
C ILE C 328 13.37 -22.23 -6.13
N ILE C 329 13.30 -22.27 -4.81
CA ILE C 329 13.19 -23.52 -4.06
C ILE C 329 11.72 -23.72 -3.69
N ALA C 330 11.17 -24.87 -4.08
CA ALA C 330 9.79 -25.24 -3.83
C ALA C 330 9.75 -26.63 -3.22
N PRO C 331 9.96 -26.77 -1.91
CA PRO C 331 9.88 -28.08 -1.30
C PRO C 331 8.48 -28.65 -1.42
N PRO C 332 8.35 -29.98 -1.55
CA PRO C 332 7.01 -30.56 -1.73
C PRO C 332 6.07 -30.31 -0.57
N GLU C 333 6.57 -30.27 0.67
CA GLU C 333 5.73 -30.10 1.85
C GLU C 333 5.84 -28.69 2.41
N ARG C 334 5.90 -27.69 1.52
CA ARG C 334 5.93 -26.30 1.95
C ARG C 334 4.60 -25.82 2.52
N LYS C 335 3.55 -26.66 2.47
CA LYS C 335 2.27 -26.29 3.07
C LYS C 335 2.39 -26.09 4.58
N TYR C 336 3.18 -26.94 5.24
CA TYR C 336 3.32 -26.91 6.69
C TYR C 336 4.71 -26.51 7.15
N SER C 337 5.45 -25.80 6.30
CA SER C 337 6.80 -25.38 6.68
C SER C 337 6.82 -24.47 7.90
N VAL C 338 5.79 -23.62 8.04
CA VAL C 338 5.73 -22.73 9.19
C VAL C 338 5.67 -23.52 10.49
N TRP C 339 4.80 -24.55 10.53
CA TRP C 339 4.72 -25.38 11.72
C TRP C 339 5.96 -26.23 11.89
N ILE C 340 6.44 -26.84 10.80
CA ILE C 340 7.57 -27.77 10.90
C ILE C 340 8.81 -27.04 11.40
N GLY C 341 9.07 -25.84 10.90
CA GLY C 341 10.18 -25.06 11.41
C GLY C 341 10.03 -24.74 12.88
N GLY C 342 8.81 -24.44 13.32
CA GLY C 342 8.58 -24.19 14.73
C GLY C 342 8.87 -25.39 15.60
N SER C 343 8.58 -26.60 15.10
CA SER C 343 8.92 -27.81 15.84
C SER C 343 10.43 -27.93 16.04
N ILE C 344 11.21 -27.61 15.01
CA ILE C 344 12.65 -27.63 15.14
C ILE C 344 13.12 -26.59 16.15
N LEU C 345 12.59 -25.37 16.05
CA LEU C 345 12.99 -24.31 16.98
C LEU C 345 12.60 -24.66 18.41
N ALA C 346 11.40 -25.22 18.61
CA ALA C 346 10.99 -25.63 19.94
C ALA C 346 11.89 -26.74 20.47
N SER C 347 12.31 -27.66 19.60
CA SER C 347 13.18 -28.76 20.02
C SER C 347 14.59 -28.29 20.36
N LEU C 348 14.98 -27.07 19.98
CA LEU C 348 16.32 -26.60 20.26
C LEU C 348 16.51 -26.34 21.75
N SER C 349 17.68 -26.73 22.27
CA SER C 349 17.98 -26.53 23.68
C SER C 349 18.29 -25.06 23.98
N THR C 350 18.83 -24.33 23.00
CA THR C 350 19.12 -22.92 23.21
C THR C 350 17.86 -22.11 23.47
N PHE C 351 16.71 -22.59 22.99
CA PHE C 351 15.47 -21.83 23.10
C PHE C 351 14.88 -21.84 24.51
N GLN C 352 15.41 -22.67 25.41
CA GLN C 352 14.92 -22.68 26.78
C GLN C 352 15.11 -21.34 27.48
N GLN C 353 16.03 -20.51 26.98
CA GLN C 353 16.29 -19.20 27.58
C GLN C 353 15.52 -18.07 26.90
N MET C 354 14.92 -18.30 25.73
CA MET C 354 14.06 -17.30 25.11
C MET C 354 12.59 -17.50 25.42
N TRP C 355 12.25 -18.42 26.31
CA TRP C 355 10.88 -18.50 26.82
C TRP C 355 10.59 -17.32 27.74
N ILE C 356 9.31 -16.94 27.81
CA ILE C 356 8.88 -15.87 28.68
C ILE C 356 8.24 -16.51 29.92
N SER C 357 8.64 -16.03 31.10
CA SER C 357 8.12 -16.60 32.33
C SER C 357 6.81 -15.95 32.73
N LYS C 358 5.99 -16.71 33.45
CA LYS C 358 4.74 -16.16 33.99
C LYS C 358 5.05 -15.04 34.99
N GLN C 359 6.06 -15.23 35.83
CA GLN C 359 6.44 -14.18 36.77
C GLN C 359 6.95 -12.94 36.05
N GLU C 360 7.67 -13.12 34.94
CA GLU C 360 8.16 -11.98 34.18
C GLU C 360 7.00 -11.21 33.54
N TYR C 361 5.99 -11.93 33.06
CA TYR C 361 4.80 -11.26 32.52
C TYR C 361 4.09 -10.46 33.61
N ASP C 362 4.04 -11.00 34.83
CA ASP C 362 3.37 -10.30 35.92
C ASP C 362 4.04 -8.97 36.22
N GLU C 363 5.38 -8.93 36.18
CA GLU C 363 6.10 -7.71 36.53
C GLU C 363 5.95 -6.63 35.48
N SER C 364 5.83 -7.01 34.20
CA SER C 364 5.80 -6.04 33.11
C SER C 364 4.46 -6.00 32.38
N GLY C 365 3.48 -6.80 32.78
CA GLY C 365 2.20 -6.83 32.12
C GLY C 365 2.31 -7.41 30.72
N PRO C 366 1.35 -7.08 29.85
CA PRO C 366 1.41 -7.58 28.47
C PRO C 366 2.33 -6.81 27.56
N SER C 367 3.03 -5.78 28.07
CA SER C 367 3.94 -5.01 27.24
C SER C 367 5.31 -5.65 27.07
N ILE C 368 5.58 -6.74 27.79
CA ILE C 368 6.88 -7.40 27.70
C ILE C 368 7.08 -8.07 26.34
N VAL C 369 5.99 -8.33 25.60
CA VAL C 369 6.09 -9.04 24.33
C VAL C 369 6.80 -8.22 23.26
N HIS C 370 6.62 -6.90 23.25
CA HIS C 370 7.36 -6.07 22.30
C HIS C 370 8.86 -6.22 22.48
N ARG C 371 9.34 -6.11 23.72
CA ARG C 371 10.77 -6.06 23.97
C ARG C 371 11.43 -7.43 23.83
N LYS C 372 10.78 -8.48 24.34
CA LYS C 372 11.38 -9.82 24.31
C LYS C 372 11.18 -10.51 22.97
N CYS C 373 9.94 -10.78 22.60
CA CYS C 373 9.65 -11.49 21.36
C CYS C 373 9.83 -10.56 20.16
N PHE C 374 10.05 -11.17 19.00
CA PHE C 374 10.28 -10.42 17.77
C PHE C 374 9.58 -11.06 16.58
N ALA D 5 10.26 40.74 -18.85
CA ALA D 5 10.08 39.92 -17.67
C ALA D 5 10.64 38.52 -17.89
N ALA D 6 11.52 38.09 -17.00
CA ALA D 6 12.14 36.78 -17.12
C ALA D 6 11.46 35.78 -16.21
N LEU D 7 11.04 34.64 -16.77
CA LEU D 7 10.43 33.58 -15.98
C LEU D 7 11.48 32.88 -15.12
N VAL D 8 11.09 32.52 -13.91
CA VAL D 8 11.92 31.75 -12.99
C VAL D 8 11.12 30.51 -12.64
N VAL D 9 11.50 29.37 -13.21
CA VAL D 9 10.79 28.11 -13.03
C VAL D 9 11.67 27.21 -12.18
N ASP D 10 11.09 26.66 -11.11
CA ASP D 10 11.80 25.81 -10.16
C ASP D 10 11.20 24.41 -10.24
N ASN D 11 11.82 23.55 -11.04
CA ASN D 11 11.44 22.15 -11.04
C ASN D 11 11.95 21.46 -9.78
N GLY D 12 11.06 20.70 -9.14
CA GLY D 12 11.41 20.01 -7.91
C GLY D 12 10.81 18.63 -7.88
N SER D 13 11.41 17.78 -7.03
CA SER D 13 10.92 16.42 -6.88
C SER D 13 9.49 16.40 -6.37
N GLY D 14 9.18 17.22 -5.38
CA GLY D 14 7.84 17.27 -4.83
C GLY D 14 6.99 18.40 -5.38
N MET D 15 7.47 19.63 -5.26
CA MET D 15 6.70 20.81 -5.64
C MET D 15 7.41 21.51 -6.78
N CYS D 16 6.62 22.10 -7.67
CA CYS D 16 7.14 22.90 -8.78
C CYS D 16 6.73 24.36 -8.56
N LYS D 17 7.71 25.26 -8.65
CA LYS D 17 7.50 26.67 -8.36
C LYS D 17 7.81 27.50 -9.58
N ALA D 18 6.95 28.46 -9.88
CA ALA D 18 7.14 29.37 -10.99
C ALA D 18 6.60 30.76 -10.64
N GLY D 19 7.14 31.77 -11.28
CA GLY D 19 6.72 33.15 -11.05
C GLY D 19 7.38 34.12 -12.00
N PHE D 20 7.71 35.31 -11.51
CA PHE D 20 8.37 36.33 -12.31
C PHE D 20 9.50 36.97 -11.52
N ALA D 21 10.50 37.48 -12.25
CA ALA D 21 11.66 38.09 -11.61
C ALA D 21 11.23 39.34 -10.84
N GLY D 22 11.76 39.48 -9.63
CA GLY D 22 11.44 40.58 -8.76
C GLY D 22 10.27 40.32 -7.82
N ASP D 23 9.49 39.28 -8.08
CA ASP D 23 8.36 38.95 -7.20
C ASP D 23 8.87 38.33 -5.91
N ASP D 24 8.10 38.53 -4.84
CA ASP D 24 8.46 38.05 -3.51
C ASP D 24 7.88 36.68 -3.21
N ALA D 25 7.07 36.11 -4.10
CA ALA D 25 6.46 34.80 -3.85
C ALA D 25 6.15 34.14 -5.18
N PRO D 26 6.31 32.82 -5.29
CA PRO D 26 5.98 32.14 -6.55
C PRO D 26 4.52 32.33 -6.92
N ARG D 27 4.26 32.53 -8.22
CA ARG D 27 2.89 32.73 -8.67
C ARG D 27 2.11 31.42 -8.66
N ALA D 28 2.72 30.32 -9.08
CA ALA D 28 2.07 29.02 -9.13
C ALA D 28 2.89 28.02 -8.33
N VAL D 29 2.25 27.38 -7.35
CA VAL D 29 2.89 26.36 -6.52
C VAL D 29 1.97 25.14 -6.58
N PHE D 30 2.35 24.13 -7.36
CA PHE D 30 1.55 22.95 -7.58
C PHE D 30 2.41 21.70 -7.52
N PRO D 31 1.84 20.56 -7.14
CA PRO D 31 2.65 19.34 -7.02
C PRO D 31 3.23 18.90 -8.36
N SER D 32 4.41 18.29 -8.29
CA SER D 32 5.07 17.77 -9.48
C SER D 32 4.74 16.28 -9.64
N ILE D 33 3.51 16.04 -10.08
CA ILE D 33 3.00 14.68 -10.28
C ILE D 33 2.35 14.60 -11.66
N VAL D 34 2.30 13.38 -12.19
CA VAL D 34 1.62 13.07 -13.44
C VAL D 34 0.71 11.90 -13.16
N GLY D 35 -0.53 11.98 -13.62
CA GLY D 35 -1.53 10.94 -13.38
C GLY D 35 -2.13 10.39 -14.66
N ARG D 36 -2.34 9.08 -14.67
CA ARG D 36 -2.99 8.39 -15.77
C ARG D 36 -4.03 7.44 -15.20
N PRO D 37 -5.29 7.56 -15.63
CA PRO D 37 -6.37 6.77 -15.01
C PRO D 37 -6.17 5.28 -15.25
N ARG D 38 -6.40 4.50 -14.20
CA ARG D 38 -6.26 3.05 -14.26
C ARG D 38 -7.56 2.33 -14.58
N HIS D 39 -8.67 3.06 -14.70
CA HIS D 39 -9.96 2.47 -15.02
C HIS D 39 -10.51 3.08 -16.32
N GLN D 40 -11.21 2.26 -17.08
CA GLN D 40 -11.84 2.72 -18.30
C GLN D 40 -12.97 3.71 -18.00
N GLY D 41 -13.20 4.62 -18.93
CA GLY D 41 -14.24 5.61 -18.77
C GLY D 41 -15.54 5.14 -19.41
N VAL D 42 -16.62 5.22 -18.63
CA VAL D 42 -17.93 4.80 -19.10
C VAL D 42 -18.84 5.97 -19.44
N MET D 43 -18.61 7.15 -18.85
CA MET D 43 -19.45 8.30 -19.10
C MET D 43 -18.84 9.13 -20.23
N VAL D 44 -19.42 9.03 -21.42
CA VAL D 44 -18.87 9.64 -22.62
C VAL D 44 -19.37 11.08 -22.72
N GLY D 45 -18.76 11.83 -23.64
CA GLY D 45 -19.13 13.22 -23.87
C GLY D 45 -18.52 14.21 -22.91
N MET D 46 -17.71 13.75 -21.95
CA MET D 46 -17.08 14.65 -20.98
C MET D 46 -15.80 15.29 -21.51
N GLY D 47 -15.15 14.67 -22.49
CA GLY D 47 -13.85 15.16 -22.91
C GLY D 47 -12.78 14.95 -21.86
N GLN D 48 -12.82 13.82 -21.16
CA GLN D 48 -11.84 13.54 -20.12
C GLN D 48 -10.45 13.43 -20.72
N LYS D 49 -9.48 14.07 -20.05
CA LYS D 49 -8.12 14.10 -20.55
C LYS D 49 -7.44 12.75 -20.36
N ASP D 50 -6.35 12.55 -21.10
CA ASP D 50 -5.58 11.32 -21.01
C ASP D 50 -4.61 11.33 -19.83
N SER D 51 -4.00 12.48 -19.55
CA SER D 51 -3.05 12.61 -18.46
C SER D 51 -3.42 13.83 -17.62
N TYR D 52 -3.20 13.72 -16.31
CA TYR D 52 -3.55 14.77 -15.36
C TYR D 52 -2.33 15.08 -14.50
N VAL D 53 -2.08 16.37 -14.28
CA VAL D 53 -0.90 16.83 -13.55
C VAL D 53 -1.32 17.92 -12.56
N GLY D 54 -0.48 18.15 -11.56
CA GLY D 54 -0.66 19.27 -10.65
C GLY D 54 -1.83 19.18 -9.70
N ASP D 55 -2.41 20.33 -9.36
CA ASP D 55 -3.54 20.37 -8.44
C ASP D 55 -4.73 19.58 -8.96
N GLU D 56 -5.00 19.68 -10.27
CA GLU D 56 -6.13 18.96 -10.85
C GLU D 56 -5.95 17.46 -10.70
N ALA D 57 -4.73 16.96 -10.91
CA ALA D 57 -4.45 15.56 -10.64
C ALA D 57 -4.62 15.23 -9.17
N GLN D 58 -4.16 16.12 -8.29
CA GLN D 58 -4.32 15.92 -6.85
C GLN D 58 -5.79 15.91 -6.46
N SER D 59 -6.61 16.71 -7.14
CA SER D 59 -8.04 16.77 -6.82
C SER D 59 -8.72 15.42 -7.06
N LYS D 60 -8.42 14.77 -8.18
CA LYS D 60 -9.04 13.50 -8.54
C LYS D 60 -8.08 12.33 -8.37
N ARG D 61 -7.13 12.46 -7.44
CA ARG D 61 -6.06 11.48 -7.26
C ARG D 61 -6.57 10.08 -6.93
N GLY D 62 -7.80 9.94 -6.43
CA GLY D 62 -8.30 8.63 -6.04
C GLY D 62 -8.38 7.66 -7.19
N ILE D 63 -8.70 8.12 -8.39
CA ILE D 63 -8.89 7.24 -9.54
C ILE D 63 -7.71 7.39 -10.51
N LEU D 64 -6.58 7.89 -10.01
CA LEU D 64 -5.39 8.09 -10.82
C LEU D 64 -4.22 7.32 -10.23
N THR D 65 -3.27 6.98 -11.10
CA THR D 65 -2.01 6.34 -10.71
C THR D 65 -0.92 7.40 -10.81
N LEU D 66 -0.69 8.09 -9.70
CA LEU D 66 0.27 9.19 -9.69
C LEU D 66 1.69 8.63 -9.87
N LYS D 67 2.49 9.34 -10.66
CA LYS D 67 3.89 9.00 -10.88
C LYS D 67 4.73 10.26 -10.72
N TYR D 68 5.87 10.12 -10.05
CA TYR D 68 6.82 11.22 -9.97
C TYR D 68 7.81 11.11 -11.13
N PRO D 69 7.81 12.06 -12.08
CA PRO D 69 8.76 11.98 -13.19
C PRO D 69 10.21 12.03 -12.73
N ILE D 70 10.50 12.71 -11.63
CA ILE D 70 11.85 12.81 -11.08
C ILE D 70 11.91 11.97 -9.82
N GLU D 71 12.87 11.06 -9.78
CA GLU D 71 13.11 10.26 -8.58
C GLU D 71 14.59 10.27 -8.24
N GLY D 73 16.43 12.80 -7.73
CA GLY D 73 17.08 13.86 -8.49
C GLY D 73 17.14 13.61 -10.00
N ILE D 74 17.49 12.38 -10.38
CA ILE D 74 17.59 12.05 -11.80
C ILE D 74 16.19 11.94 -12.40
N VAL D 75 16.02 12.53 -13.58
CA VAL D 75 14.74 12.49 -14.28
C VAL D 75 14.62 11.13 -14.97
N THR D 76 13.68 10.31 -14.52
CA THR D 76 13.49 8.96 -15.05
C THR D 76 12.55 8.93 -16.25
N ASN D 77 11.90 10.04 -16.59
CA ASN D 77 10.97 10.07 -17.72
C ASN D 77 11.00 11.48 -18.31
N TRP D 78 11.61 11.61 -19.49
CA TRP D 78 11.71 12.90 -20.15
C TRP D 78 10.44 13.29 -20.90
N ASP D 79 9.55 12.34 -21.19
CA ASP D 79 8.31 12.65 -21.88
C ASP D 79 7.30 13.33 -20.96
N ASP D 80 7.21 12.89 -19.72
CA ASP D 80 6.29 13.53 -18.77
C ASP D 80 6.83 14.86 -18.26
N MET D 81 8.15 15.03 -18.24
CA MET D 81 8.75 16.21 -17.61
C MET D 81 8.40 17.47 -18.38
N GLU D 82 8.27 17.38 -19.71
CA GLU D 82 7.83 18.53 -20.48
C GLU D 82 6.36 18.84 -20.26
N LYS D 83 5.54 17.81 -20.02
CA LYS D 83 4.10 18.03 -19.88
C LYS D 83 3.78 18.91 -18.69
N ILE D 84 4.43 18.67 -17.55
CA ILE D 84 4.22 19.52 -16.39
C ILE D 84 4.75 20.93 -16.66
N TRP D 85 5.85 21.03 -17.41
CA TRP D 85 6.31 22.34 -17.84
C TRP D 85 5.37 22.96 -18.86
N HIS D 86 4.83 22.13 -19.78
CA HIS D 86 3.84 22.65 -20.71
C HIS D 86 2.61 23.17 -19.97
N HIS D 87 2.15 22.43 -18.96
CA HIS D 87 1.09 22.93 -18.10
C HIS D 87 1.54 24.13 -17.29
N THR D 88 2.83 24.21 -16.97
CA THR D 88 3.33 25.30 -16.14
C THR D 88 3.18 26.66 -16.83
N PHE D 89 3.54 26.73 -18.11
CA PHE D 89 3.55 28.01 -18.81
C PHE D 89 2.16 28.43 -19.25
N TYR D 90 1.51 27.59 -20.06
CA TYR D 90 0.26 28.00 -20.71
C TYR D 90 -0.91 27.99 -19.73
N ASN D 91 -0.93 27.05 -18.79
CA ASN D 91 -2.07 26.90 -17.91
C ASN D 91 -1.91 27.69 -16.61
N GLU D 92 -0.88 27.37 -15.82
CA GLU D 92 -0.71 27.99 -14.52
C GLU D 92 -0.32 29.46 -14.65
N LEU D 93 0.64 29.76 -15.52
CA LEU D 93 1.13 31.12 -15.66
C LEU D 93 0.44 31.90 -16.76
N ARG D 94 -0.12 31.19 -17.76
CA ARG D 94 -0.90 31.81 -18.83
C ARG D 94 -0.07 32.86 -19.59
N VAL D 95 1.21 32.54 -19.83
CA VAL D 95 2.13 33.45 -20.51
C VAL D 95 2.81 32.70 -21.64
N ALA D 96 2.96 33.36 -22.79
CA ALA D 96 3.64 32.75 -23.93
C ALA D 96 5.16 32.82 -23.72
N PRO D 97 5.86 31.69 -23.81
CA PRO D 97 7.31 31.70 -23.55
C PRO D 97 8.13 32.30 -24.69
N GLU D 98 7.47 32.63 -25.80
CA GLU D 98 8.20 33.09 -26.98
C GLU D 98 8.82 34.46 -26.78
N GLU D 99 8.34 35.21 -25.79
CA GLU D 99 8.81 36.58 -25.58
C GLU D 99 9.37 36.80 -24.18
N HIS D 100 9.60 35.73 -23.43
CA HIS D 100 10.20 35.86 -22.10
C HIS D 100 11.35 34.87 -21.91
N PRO D 101 12.51 35.33 -21.44
CA PRO D 101 13.53 34.40 -20.97
C PRO D 101 13.04 33.65 -19.75
N VAL D 102 13.53 32.42 -19.58
CA VAL D 102 13.09 31.52 -18.53
C VAL D 102 14.31 31.07 -17.72
N LEU D 103 14.11 30.89 -16.43
CA LEU D 103 15.16 30.44 -15.52
C LEU D 103 14.78 29.09 -14.92
N LEU D 104 15.67 28.12 -15.07
CA LEU D 104 15.55 26.82 -14.42
C LEU D 104 16.74 26.60 -13.50
N THR D 105 16.61 25.59 -12.63
CA THR D 105 17.62 25.29 -11.64
C THR D 105 18.17 23.89 -11.86
N GLU D 106 19.39 23.65 -11.40
CA GLU D 106 20.05 22.36 -11.54
C GLU D 106 20.51 21.88 -10.16
N ALA D 107 20.75 20.57 -10.05
CA ALA D 107 21.06 19.93 -8.79
C ALA D 107 22.55 19.72 -8.66
N PRO D 108 23.09 19.72 -7.43
CA PRO D 108 24.53 19.52 -7.24
C PRO D 108 24.97 18.16 -7.75
N LEU D 109 26.18 18.12 -8.30
CA LEU D 109 26.79 16.89 -8.83
C LEU D 109 25.87 16.21 -9.83
N ASN D 110 25.17 17.02 -10.62
CA ASN D 110 24.28 16.46 -11.61
C ASN D 110 25.10 15.79 -12.72
N PRO D 111 24.64 14.65 -13.24
CA PRO D 111 25.32 14.08 -14.39
C PRO D 111 25.20 14.99 -15.59
N LYS D 112 26.21 14.91 -16.47
CA LYS D 112 26.24 15.78 -17.64
C LYS D 112 25.14 15.43 -18.64
N ALA D 113 24.54 14.24 -18.48
CA ALA D 113 23.56 13.77 -19.46
C ALA D 113 22.33 14.67 -19.49
N ASN D 114 21.84 15.08 -18.32
CA ASN D 114 20.61 15.86 -18.25
C ASN D 114 20.80 17.28 -18.79
N ARG D 115 21.98 17.87 -18.57
CA ARG D 115 22.10 19.33 -18.66
C ARG D 115 21.83 19.86 -20.07
N GLU D 116 22.25 19.16 -21.11
CA GLU D 116 21.78 19.58 -22.44
C GLU D 116 20.38 19.10 -22.72
N LYS D 117 19.95 18.04 -22.03
CA LYS D 117 18.62 17.45 -22.27
C LYS D 117 17.51 18.44 -21.96
N MET D 118 17.61 19.19 -20.86
CA MET D 118 16.68 20.29 -20.66
C MET D 118 16.91 21.39 -21.69
N THR D 119 18.18 21.62 -22.05
CA THR D 119 18.51 22.64 -23.04
C THR D 119 17.91 22.30 -24.40
N GLN D 120 17.97 21.03 -24.81
CA GLN D 120 17.53 20.66 -26.15
C GLN D 120 16.01 20.57 -26.25
N ILE D 121 15.30 20.69 -25.12
CA ILE D 121 13.85 20.57 -25.15
C ILE D 121 13.19 21.93 -24.92
N MET D 122 13.97 22.90 -24.47
CA MET D 122 13.41 24.24 -24.26
C MET D 122 13.59 25.15 -25.47
N PHE D 123 14.79 25.18 -26.05
CA PHE D 123 15.01 26.01 -27.24
C PHE D 123 14.26 25.50 -28.47
N GLU D 124 13.73 24.29 -28.40
CA GLU D 124 13.06 23.67 -29.55
C GLU D 124 11.55 23.59 -29.39
N THR D 125 11.08 22.98 -28.29
CA THR D 125 9.64 22.86 -28.10
C THR D 125 9.01 24.20 -27.74
N PHE D 126 9.65 24.96 -26.84
CA PHE D 126 9.12 26.25 -26.41
C PHE D 126 9.92 27.44 -26.93
N ASN D 127 11.10 27.20 -27.52
CA ASN D 127 11.93 28.23 -28.16
C ASN D 127 12.01 29.50 -27.32
N THR D 128 12.45 29.33 -26.07
CA THR D 128 12.62 30.48 -25.18
C THR D 128 13.76 31.36 -25.67
N PRO D 129 13.58 32.68 -25.68
CA PRO D 129 14.64 33.56 -26.21
C PRO D 129 15.96 33.47 -25.46
N ALA D 130 15.94 33.26 -24.15
CA ALA D 130 17.18 33.24 -23.38
C ALA D 130 17.03 32.27 -22.23
N MET D 131 18.17 31.85 -21.69
CA MET D 131 18.19 30.79 -20.70
C MET D 131 19.39 30.95 -19.78
N TYR D 132 19.25 30.44 -18.56
CA TYR D 132 20.36 30.31 -17.63
C TYR D 132 20.02 29.27 -16.58
N VAL D 133 21.03 28.47 -16.20
CA VAL D 133 20.87 27.38 -15.26
C VAL D 133 21.90 27.54 -14.14
N ALA D 134 21.44 27.50 -12.89
CA ALA D 134 22.32 27.57 -11.73
C ALA D 134 21.90 26.54 -10.69
N ILE D 135 22.76 26.38 -9.69
CA ILE D 135 22.52 25.42 -8.62
C ILE D 135 21.39 25.94 -7.74
N GLN D 136 20.48 25.05 -7.37
CA GLN D 136 19.45 25.40 -6.40
C GLN D 136 20.07 25.70 -5.04
N ALA D 137 21.15 25.01 -4.71
CA ALA D 137 21.87 25.26 -3.46
C ALA D 137 22.48 26.65 -3.45
N VAL D 138 23.06 27.09 -4.57
CA VAL D 138 23.64 28.43 -4.63
C VAL D 138 22.56 29.49 -4.42
N LEU D 139 21.40 29.31 -5.07
CA LEU D 139 20.31 30.28 -4.91
C LEU D 139 19.73 30.26 -3.51
N SER D 140 19.97 29.19 -2.74
CA SER D 140 19.42 29.12 -1.39
C SER D 140 19.99 30.23 -0.51
N LEU D 141 21.31 30.36 -0.46
CA LEU D 141 21.92 31.39 0.38
C LEU D 141 21.79 32.77 -0.26
N TYR D 142 21.56 32.83 -1.57
CA TYR D 142 21.32 34.11 -2.22
C TYR D 142 20.07 34.79 -1.65
N ALA D 143 19.01 34.01 -1.41
CA ALA D 143 17.83 34.55 -0.76
C ALA D 143 18.11 34.92 0.69
N SER D 144 19.07 34.21 1.31
CA SER D 144 19.45 34.51 2.69
C SER D 144 20.26 35.80 2.80
N GLY D 145 20.70 36.36 1.67
CA GLY D 145 21.45 37.59 1.67
C GLY D 145 22.95 37.46 1.84
N ARG D 146 23.49 36.25 1.77
CA ARG D 146 24.92 36.01 1.91
C ARG D 146 25.45 35.28 0.70
N THR D 147 26.76 35.37 0.47
CA THR D 147 27.39 34.74 -0.68
C THR D 147 28.30 33.57 -0.31
N THR D 148 28.79 33.53 0.92
CA THR D 148 29.66 32.45 1.38
C THR D 148 28.98 31.72 2.53
N GLY D 149 29.02 30.39 2.48
CA GLY D 149 28.39 29.59 3.51
C GLY D 149 28.20 28.16 3.04
N ILE D 150 27.53 27.39 3.89
CA ILE D 150 27.17 26.01 3.57
C ILE D 150 25.67 25.86 3.74
N VAL D 151 25.05 25.14 2.82
CA VAL D 151 23.60 25.00 2.77
C VAL D 151 23.22 23.59 3.19
N MET D 152 22.19 23.48 4.02
CA MET D 152 21.65 22.18 4.44
C MET D 152 20.44 21.84 3.58
N ASP D 153 20.71 21.65 2.29
CA ASP D 153 19.64 21.48 1.30
C ASP D 153 19.03 20.09 1.44
N SER D 154 17.74 20.05 1.75
CA SER D 154 16.99 18.80 1.81
C SER D 154 15.62 19.02 1.17
N GLY D 155 15.17 18.02 0.42
CA GLY D 155 13.90 18.12 -0.27
C GLY D 155 13.15 16.82 -0.36
N ASP D 156 12.39 16.62 -1.43
CA ASP D 156 11.63 15.40 -1.61
C ASP D 156 12.46 14.28 -2.21
N GLY D 157 13.31 14.60 -3.19
CA GLY D 157 14.11 13.60 -3.86
C GLY D 157 15.44 13.28 -3.21
N VAL D 158 16.29 14.29 -3.03
CA VAL D 158 17.65 14.08 -2.54
C VAL D 158 18.00 15.18 -1.56
N THR D 159 19.15 15.00 -0.90
CA THR D 159 19.72 15.99 0.00
C THR D 159 21.18 16.23 -0.35
N HIS D 160 21.59 17.50 -0.33
CA HIS D 160 22.96 17.87 -0.67
C HIS D 160 23.46 18.90 0.34
N THR D 161 24.77 18.84 0.63
CA THR D 161 25.43 19.80 1.51
C THR D 161 26.51 20.50 0.70
N VAL D 162 26.30 21.78 0.41
CA VAL D 162 27.16 22.53 -0.49
C VAL D 162 27.74 23.72 0.27
N PRO D 163 29.06 23.71 0.52
CA PRO D 163 29.76 24.85 1.13
C PRO D 163 30.15 25.91 0.10
N ILE D 164 29.19 26.78 -0.22
CA ILE D 164 29.38 27.80 -1.24
C ILE D 164 30.39 28.83 -0.75
N TYR D 165 31.02 29.53 -1.70
CA TYR D 165 32.00 30.54 -1.36
C TYR D 165 32.11 31.52 -2.52
N GLU D 166 31.75 32.78 -2.25
CA GLU D 166 31.55 33.81 -3.27
C GLU D 166 30.67 33.32 -4.42
N GLY D 167 29.67 32.51 -4.10
CA GLY D 167 28.76 32.03 -5.12
C GLY D 167 29.34 31.03 -6.10
N TYR D 168 30.48 30.42 -5.77
CA TYR D 168 31.10 29.43 -6.65
C TYR D 168 31.16 28.08 -5.94
N ALA D 169 30.56 27.07 -6.55
CA ALA D 169 30.37 25.79 -5.91
C ALA D 169 31.68 25.03 -5.78
N LEU D 170 31.80 24.22 -4.74
CA LEU D 170 32.96 23.36 -4.57
C LEU D 170 32.56 21.92 -4.89
N PRO D 171 32.95 21.38 -6.05
CA PRO D 171 32.44 20.05 -6.42
C PRO D 171 32.96 18.93 -5.54
N HIS D 172 34.24 18.95 -5.18
CA HIS D 172 34.80 17.90 -4.35
C HIS D 172 34.18 17.87 -2.95
N ALA D 173 33.81 19.03 -2.41
CA ALA D 173 33.26 19.12 -1.08
C ALA D 173 31.77 18.81 -1.02
N ILE D 174 31.12 18.60 -2.16
CA ILE D 174 29.69 18.31 -2.17
C ILE D 174 29.47 16.88 -1.67
N LEU D 175 28.63 16.74 -0.65
CA LEU D 175 28.28 15.44 -0.10
C LEU D 175 26.80 15.17 -0.35
N ARG D 176 26.48 13.97 -0.82
CA ARG D 176 25.13 13.58 -1.17
C ARG D 176 24.65 12.53 -0.17
N LEU D 177 23.51 12.79 0.46
CA LEU D 177 22.91 11.87 1.42
C LEU D 177 21.50 11.52 0.97
N ASP D 178 21.16 10.23 1.03
CA ASP D 178 19.87 9.74 0.56
C ASP D 178 18.87 9.62 1.72
N LEU D 179 18.62 10.76 2.35
CA LEU D 179 17.63 10.85 3.43
C LEU D 179 16.69 12.01 3.12
N ALA D 180 15.68 11.76 2.29
CA ALA D 180 14.81 12.83 1.82
C ALA D 180 13.40 12.68 2.40
N GLY D 181 12.53 13.64 2.10
CA GLY D 181 11.18 13.59 2.64
C GLY D 181 10.40 12.36 2.23
N ARG D 182 10.54 11.94 0.98
CA ARG D 182 9.87 10.72 0.52
C ARG D 182 10.29 9.51 1.35
N ASP D 183 11.56 9.46 1.75
CA ASP D 183 12.01 8.38 2.63
C ASP D 183 11.31 8.44 3.97
N LEU D 184 11.17 9.63 4.55
CA LEU D 184 10.48 9.76 5.82
C LEU D 184 9.00 9.41 5.69
N THR D 185 8.34 9.86 4.61
CA THR D 185 6.97 9.48 4.38
C THR D 185 6.82 7.98 4.22
N ASP D 186 7.75 7.35 3.50
CA ASP D 186 7.78 5.89 3.44
C ASP D 186 8.09 5.29 4.80
N TYR D 187 8.91 5.98 5.61
CA TYR D 187 9.18 5.50 6.96
C TYR D 187 8.00 5.76 7.89
N LEU D 188 7.23 6.83 7.64
CA LEU D 188 6.09 7.11 8.51
C LEU D 188 5.02 6.04 8.38
N MET D 189 4.75 5.58 7.15
CA MET D 189 3.73 4.56 6.95
C MET D 189 4.13 3.20 7.55
N LYS D 190 5.40 2.81 7.45
CA LYS D 190 5.80 1.51 7.97
C LYS D 190 5.77 1.50 9.50
N ILE D 191 5.86 2.67 10.14
CA ILE D 191 5.71 2.74 11.59
C ILE D 191 4.30 3.12 12.01
N LEU D 192 3.50 3.69 11.10
CA LEU D 192 2.12 4.02 11.44
C LEU D 192 1.25 2.77 11.57
N THR D 193 1.61 1.68 10.88
CA THR D 193 0.85 0.44 10.97
C THR D 193 0.88 -0.17 12.35
N GLU D 194 1.80 0.26 13.22
CA GLU D 194 1.81 -0.22 14.60
C GLU D 194 0.53 0.14 15.33
N ARG D 195 -0.12 1.23 14.93
CA ARG D 195 -1.36 1.68 15.54
C ARG D 195 -2.60 1.18 14.81
N GLY D 196 -2.45 0.26 13.88
CA GLY D 196 -3.58 -0.29 13.16
C GLY D 196 -4.02 0.48 11.94
N TYR D 197 -3.23 1.42 11.47
CA TYR D 197 -3.55 2.19 10.27
C TYR D 197 -2.66 1.73 9.13
N SER D 198 -3.27 1.26 8.04
CA SER D 198 -2.55 0.67 6.92
C SER D 198 -2.75 1.54 5.69
N PHE D 199 -1.73 2.31 5.34
CA PHE D 199 -1.72 3.13 4.13
C PHE D 199 -0.64 2.58 3.20
N THR D 200 -1.06 2.10 2.04
CA THR D 200 -0.14 1.43 1.12
C THR D 200 -0.11 2.04 -0.27
N THR D 201 -1.25 2.48 -0.79
CA THR D 201 -1.29 2.94 -2.17
C THR D 201 -0.70 4.34 -2.31
N THR D 202 -0.47 4.75 -3.56
CA THR D 202 0.17 6.02 -3.83
C THR D 202 -0.76 7.20 -3.58
N ALA D 203 -2.07 7.03 -3.81
CA ALA D 203 -3.00 8.12 -3.57
C ALA D 203 -3.02 8.52 -2.10
N GLU D 204 -3.00 7.55 -1.20
CA GLU D 204 -2.95 7.81 0.23
C GLU D 204 -1.54 8.12 0.72
N ARG D 205 -0.53 8.00 -0.15
CA ARG D 205 0.81 8.46 0.21
C ARG D 205 0.82 9.97 0.43
N GLU D 206 -0.02 10.71 -0.28
CA GLU D 206 -0.17 12.13 -0.04
C GLU D 206 -0.82 12.40 1.31
N ILE D 207 -1.70 11.50 1.76
CA ILE D 207 -2.39 11.69 3.04
C ILE D 207 -1.39 11.75 4.19
N VAL D 208 -0.48 10.77 4.26
CA VAL D 208 0.51 10.77 5.32
C VAL D 208 1.46 11.96 5.16
N ARG D 209 1.71 12.37 3.91
CA ARG D 209 2.46 13.60 3.67
C ARG D 209 1.78 14.79 4.32
N ASP D 210 0.44 14.84 4.25
CA ASP D 210 -0.30 15.91 4.91
C ASP D 210 -0.20 15.78 6.42
N ILE D 211 -0.24 14.54 6.94
CA ILE D 211 -0.25 14.34 8.39
C ILE D 211 1.07 14.80 9.00
N LYS D 212 2.20 14.40 8.43
CA LYS D 212 3.49 14.71 9.03
C LYS D 212 3.79 16.19 8.94
N GLU D 213 3.30 16.87 7.90
CA GLU D 213 3.51 18.30 7.78
C GLU D 213 2.83 19.08 8.90
N LYS D 214 1.75 18.55 9.46
CA LYS D 214 0.98 19.25 10.49
C LYS D 214 1.30 18.76 11.90
N LEU D 215 1.59 17.48 12.06
CA LEU D 215 1.71 16.87 13.39
C LEU D 215 3.13 16.50 13.78
N CYS D 216 3.95 16.05 12.85
CA CYS D 216 5.30 15.64 13.19
C CYS D 216 6.16 16.83 13.59
N TYR D 217 7.08 16.60 14.52
CA TYR D 217 7.97 17.63 15.02
C TYR D 217 9.25 16.97 15.50
N VAL D 218 10.28 17.78 15.70
CA VAL D 218 11.59 17.31 16.14
C VAL D 218 11.69 17.46 17.65
N ALA D 219 12.02 16.35 18.33
CA ALA D 219 12.20 16.36 19.77
C ALA D 219 13.66 16.63 20.12
N LEU D 220 13.87 17.44 21.16
CA LEU D 220 15.23 17.81 21.55
C LEU D 220 16.01 16.60 22.06
N ASP D 221 15.38 15.76 22.87
CA ASP D 221 16.04 14.57 23.44
C ASP D 221 15.15 13.36 23.17
N PHE D 222 15.67 12.42 22.38
CA PHE D 222 14.87 11.25 22.03
C PHE D 222 14.58 10.39 23.25
N GLU D 223 15.61 10.11 24.05
CA GLU D 223 15.44 9.18 25.18
C GLU D 223 14.46 9.73 26.20
N GLN D 224 14.50 11.04 26.45
CA GLN D 224 13.56 11.64 27.40
C GLN D 224 12.13 11.60 26.85
N GLU D 225 11.97 11.80 25.54
CA GLU D 225 10.63 11.94 24.98
C GLU D 225 9.89 10.61 24.86
N MET D 226 10.58 9.52 24.52
CA MET D 226 9.89 8.23 24.49
C MET D 226 9.40 7.84 25.89
N ALA D 227 10.21 8.13 26.92
CA ALA D 227 9.77 7.84 28.28
C ALA D 227 8.52 8.64 28.64
N THR D 228 8.50 9.93 28.29
CA THR D 228 7.32 10.75 28.56
C THR D 228 6.13 10.32 27.70
N ALA D 229 6.39 9.98 26.44
CA ALA D 229 5.31 9.57 25.55
C ALA D 229 4.62 8.31 26.04
N ALA D 230 5.41 7.34 26.53
CA ALA D 230 4.82 6.13 27.09
C ALA D 230 4.04 6.42 28.35
N SER D 231 4.54 7.33 29.19
CA SER D 231 3.93 7.57 30.49
C SER D 231 2.61 8.33 30.36
N SER D 232 2.56 9.36 29.53
CA SER D 232 1.40 10.24 29.46
C SER D 232 0.84 10.30 28.04
N SER D 233 -0.42 10.70 27.94
CA SER D 233 -1.13 10.82 26.68
C SER D 233 -1.17 12.27 26.17
N SER D 234 -0.40 13.17 26.79
CA SER D 234 -0.45 14.57 26.40
C SER D 234 0.05 14.76 24.98
N LEU D 235 1.11 14.05 24.59
CA LEU D 235 1.70 14.24 23.25
C LEU D 235 0.78 13.74 22.14
N GLU D 236 -0.21 12.93 22.45
CA GLU D 236 -1.10 12.39 21.43
C GLU D 236 -1.96 13.49 20.82
N LYS D 237 -2.14 13.43 19.51
CA LYS D 237 -2.95 14.38 18.77
C LYS D 237 -3.89 13.64 17.83
N SER D 238 -5.01 14.29 17.49
CA SER D 238 -6.02 13.70 16.64
C SER D 238 -6.01 14.35 15.27
N TYR D 239 -6.01 13.51 14.23
CA TYR D 239 -6.03 13.97 12.85
C TYR D 239 -7.26 13.41 12.16
N GLU D 240 -7.78 14.15 11.18
CA GLU D 240 -9.01 13.79 10.50
C GLU D 240 -8.72 13.34 9.08
N LEU D 241 -9.11 12.10 8.77
CA LEU D 241 -8.99 11.58 7.42
C LEU D 241 -10.07 12.20 6.54
N PRO D 242 -9.80 12.36 5.24
CA PRO D 242 -10.81 12.97 4.36
C PRO D 242 -12.13 12.23 4.31
N ASP D 243 -12.15 10.94 4.65
CA ASP D 243 -13.40 10.20 4.72
C ASP D 243 -14.15 10.42 6.02
N GLY D 244 -13.58 11.17 6.97
CA GLY D 244 -14.20 11.42 8.25
C GLY D 244 -13.65 10.60 9.39
N GLN D 245 -12.78 9.64 9.12
CA GLN D 245 -12.20 8.82 10.18
C GLN D 245 -11.26 9.65 11.04
N VAL D 246 -11.21 9.31 12.33
CA VAL D 246 -10.39 10.00 13.31
C VAL D 246 -9.23 9.10 13.71
N ILE D 247 -8.00 9.62 13.62
CA ILE D 247 -6.81 8.87 13.96
C ILE D 247 -6.07 9.60 15.07
N THR D 248 -5.26 8.85 15.81
CA THR D 248 -4.46 9.39 16.90
C THR D 248 -3.11 8.72 16.91
N ILE D 249 -2.05 9.51 17.07
CA ILE D 249 -0.68 9.01 17.12
C ILE D 249 -0.04 9.51 18.41
N GLY D 250 0.63 8.61 19.12
CA GLY D 250 1.20 8.93 20.41
C GLY D 250 2.65 9.38 20.39
N ASN D 251 3.52 8.57 19.77
CA ASN D 251 4.95 8.84 19.75
C ASN D 251 5.53 9.00 18.36
N GLU D 252 4.73 8.78 17.31
CA GLU D 252 5.21 8.90 15.94
C GLU D 252 5.51 10.34 15.54
N ARG D 253 5.08 11.32 16.34
CA ARG D 253 5.33 12.72 16.00
C ARG D 253 6.83 13.02 15.96
N PHE D 254 7.58 12.49 16.93
CA PHE D 254 9.01 12.74 17.03
C PHE D 254 9.85 11.57 16.53
N ARG D 255 9.23 10.45 16.18
CA ARG D 255 9.98 9.28 15.75
C ARG D 255 10.35 9.30 14.28
N CYS D 256 9.41 9.64 13.39
CA CYS D 256 9.69 9.72 11.96
C CYS D 256 10.73 10.80 11.64
N PRO D 257 10.59 12.03 12.14
CA PRO D 257 11.65 13.03 11.87
C PRO D 257 13.00 12.67 12.47
N GLU D 258 13.02 11.84 13.51
CA GLU D 258 14.28 11.47 14.14
C GLU D 258 15.17 10.67 13.21
N ALA D 259 14.60 9.94 12.25
CA ALA D 259 15.39 9.16 11.32
C ALA D 259 16.33 10.02 10.49
N LEU D 260 16.00 11.31 10.31
CA LEU D 260 16.92 12.22 9.65
C LEU D 260 18.24 12.33 10.44
N PHE D 261 18.17 12.13 11.75
CA PHE D 261 19.35 12.15 12.60
C PHE D 261 19.85 10.75 12.95
N GLN D 262 19.02 9.73 12.78
CA GLN D 262 19.40 8.34 13.04
C GLN D 262 19.01 7.51 11.83
N PRO D 263 19.82 7.53 10.77
CA PRO D 263 19.50 6.75 9.56
C PRO D 263 19.50 5.25 9.79
N SER D 264 20.15 4.76 10.84
CA SER D 264 20.09 3.34 11.16
C SER D 264 18.67 2.88 11.47
N PHE D 265 17.79 3.81 11.84
CA PHE D 265 16.38 3.48 11.98
C PHE D 265 15.80 3.01 10.66
N LEU D 266 16.20 3.64 9.55
CA LEU D 266 15.90 3.15 8.22
C LEU D 266 16.87 2.05 7.77
N GLY D 267 18.02 1.94 8.42
CA GLY D 267 18.99 0.93 8.06
C GLY D 267 20.08 1.38 7.11
N MET D 268 20.22 2.68 6.87
CA MET D 268 21.25 3.22 6.00
C MET D 268 22.54 3.38 6.79
N GLU D 269 23.64 2.86 6.22
CA GLU D 269 24.94 2.95 6.88
C GLU D 269 25.40 4.40 7.02
N SER D 270 25.15 5.22 5.99
CA SER D 270 25.48 6.63 6.08
C SER D 270 24.73 7.28 7.24
N ALA D 271 25.44 8.11 8.00
CA ALA D 271 24.87 8.70 9.20
C ALA D 271 24.11 9.99 8.87
N GLY D 272 23.60 10.64 9.91
CA GLY D 272 22.68 11.73 9.76
C GLY D 272 23.31 12.98 9.18
N ILE D 273 22.44 13.95 8.87
CA ILE D 273 22.88 15.22 8.30
C ILE D 273 23.75 16.01 9.28
N HIS D 274 23.60 15.77 10.59
CA HIS D 274 24.38 16.54 11.56
C HIS D 274 25.87 16.28 11.40
N GLU D 275 26.27 15.02 11.22
CA GLU D 275 27.66 14.72 10.93
C GLU D 275 28.03 15.00 9.49
N THR D 276 27.09 14.80 8.56
CA THR D 276 27.36 15.08 7.15
C THR D 276 27.68 16.57 6.96
N THR D 277 26.97 17.44 7.68
CA THR D 277 27.36 18.85 7.73
C THR D 277 28.79 18.99 8.25
N PHE D 278 29.10 18.30 9.34
CA PHE D 278 30.47 18.32 9.87
C PHE D 278 31.43 17.60 8.94
N ASN D 279 30.98 16.52 8.30
CA ASN D 279 31.84 15.78 7.38
C ASN D 279 32.24 16.64 6.19
N SER D 280 31.28 17.38 5.62
CA SER D 280 31.57 18.20 4.45
C SER D 280 32.57 19.31 4.77
N ILE D 281 32.41 19.95 5.94
CA ILE D 281 33.26 21.10 6.26
C ILE D 281 34.66 20.65 6.61
N MET D 282 34.84 19.37 6.93
CA MET D 282 36.19 18.84 7.10
C MET D 282 36.97 18.85 5.80
N LYS D 283 36.27 18.74 4.66
CA LYS D 283 36.94 18.68 3.37
C LYS D 283 37.47 20.05 2.91
N CYS D 284 36.91 21.14 3.44
CA CYS D 284 37.30 22.46 2.97
C CYS D 284 38.63 22.88 3.58
N ASP D 285 39.08 24.08 3.22
CA ASP D 285 40.33 24.61 3.73
C ASP D 285 40.17 25.06 5.19
N VAL D 286 41.29 25.04 5.92
CA VAL D 286 41.25 25.37 7.34
C VAL D 286 40.98 26.85 7.55
N ASP D 287 41.63 27.72 6.76
CA ASP D 287 41.48 29.16 6.97
C ASP D 287 40.05 29.61 6.71
N ILE D 288 39.42 29.10 5.66
CA ILE D 288 38.04 29.46 5.35
C ILE D 288 37.04 28.78 6.27
N ARG D 289 37.47 27.75 7.02
CA ARG D 289 36.54 26.99 7.85
C ARG D 289 35.88 27.86 8.91
N LYS D 290 36.53 28.95 9.31
CA LYS D 290 35.95 29.83 10.32
C LYS D 290 34.65 30.45 9.83
N ASP D 291 34.62 30.90 8.57
CA ASP D 291 33.44 31.57 8.04
C ASP D 291 32.28 30.59 7.86
N LEU D 292 32.56 29.36 7.43
CA LEU D 292 31.51 28.42 7.06
C LEU D 292 30.63 28.04 8.25
N TYR D 293 31.22 27.91 9.45
CA TYR D 293 30.46 27.46 10.61
C TYR D 293 29.36 28.45 10.99
N ALA D 294 29.66 29.74 10.93
CA ALA D 294 28.75 30.76 11.45
C ALA D 294 27.69 31.18 10.46
N ASN D 295 27.75 30.72 9.21
CA ASN D 295 26.77 31.08 8.20
C ASN D 295 26.16 29.83 7.58
N THR D 296 25.85 28.84 8.43
CA THR D 296 25.13 27.66 8.01
C THR D 296 23.65 28.01 7.84
N VAL D 297 23.03 27.48 6.80
CA VAL D 297 21.65 27.82 6.48
C VAL D 297 20.87 26.53 6.24
N LEU D 298 19.57 26.58 6.50
CA LEU D 298 18.67 25.46 6.24
C LEU D 298 17.73 25.81 5.10
N SER D 299 17.40 24.81 4.29
CA SER D 299 16.57 25.05 3.12
C SER D 299 15.76 23.81 2.80
N GLY D 300 14.68 24.02 2.04
CA GLY D 300 13.82 22.95 1.60
C GLY D 300 12.70 22.66 2.59
N GLY D 301 11.63 22.06 2.06
CA GLY D 301 10.48 21.73 2.88
C GLY D 301 10.72 20.64 3.89
N THR D 302 11.79 19.86 3.73
CA THR D 302 12.10 18.83 4.72
C THR D 302 12.51 19.44 6.05
N THR D 303 13.11 20.64 6.02
CA THR D 303 13.60 21.30 7.22
C THR D 303 12.53 22.16 7.91
N MET D 304 11.25 21.86 7.71
CA MET D 304 10.16 22.65 8.27
C MET D 304 9.76 22.18 9.67
N TYR D 305 10.34 21.10 10.17
CA TYR D 305 9.87 20.52 11.42
C TYR D 305 10.11 21.49 12.59
N PRO D 306 9.13 21.63 13.49
CA PRO D 306 9.34 22.46 14.67
C PRO D 306 10.45 21.89 15.55
N GLY D 307 11.23 22.78 16.15
CA GLY D 307 12.34 22.37 16.99
C GLY D 307 13.46 21.66 16.27
N ILE D 308 13.55 21.79 14.94
CA ILE D 308 14.63 21.14 14.22
C ILE D 308 15.92 21.95 14.33
N ALA D 309 15.82 23.28 14.46
CA ALA D 309 17.00 24.13 14.43
C ALA D 309 17.84 23.97 15.68
N ASP D 310 17.21 24.00 16.86
CA ASP D 310 17.97 23.87 18.10
C ASP D 310 18.53 22.47 18.27
N ARG D 311 17.81 21.46 17.77
CA ARG D 311 18.29 20.08 17.90
C ARG D 311 19.57 19.87 17.11
N MET D 312 19.62 20.35 15.87
CA MET D 312 20.86 20.21 15.09
C MET D 312 21.96 21.10 15.66
N GLN D 313 21.59 22.27 16.18
CA GLN D 313 22.58 23.14 16.81
C GLN D 313 23.23 22.47 18.01
N LYS D 314 22.43 21.76 18.81
CA LYS D 314 22.97 21.05 19.97
C LYS D 314 23.91 19.93 19.56
N GLU D 315 23.50 19.12 18.57
CA GLU D 315 24.28 17.95 18.21
C GLU D 315 25.61 18.30 17.56
N ILE D 316 25.61 19.20 16.57
CA ILE D 316 26.87 19.55 15.91
C ILE D 316 27.80 20.31 16.84
N THR D 317 27.27 20.97 17.88
CA THR D 317 28.12 21.65 18.85
C THR D 317 29.04 20.64 19.55
N ALA D 318 28.50 19.49 19.94
CA ALA D 318 29.35 18.44 20.51
C ALA D 318 30.36 17.95 19.49
N LEU D 319 29.92 17.79 18.23
CA LEU D 319 30.85 17.39 17.16
C LEU D 319 31.89 18.47 16.92
N ALA D 320 31.48 19.74 16.92
CA ALA D 320 32.41 20.82 16.66
C ALA D 320 33.33 21.04 17.86
N PRO D 321 34.54 21.56 17.63
CA PRO D 321 35.42 21.90 18.75
C PRO D 321 34.81 22.97 19.62
N SER D 322 35.16 22.93 20.91
CA SER D 322 34.60 23.88 21.87
C SER D 322 35.00 25.31 21.55
N THR D 323 36.10 25.50 20.82
CA THR D 323 36.55 26.85 20.49
C THR D 323 35.61 27.53 19.50
N MET D 324 34.96 26.74 18.64
CA MET D 324 34.23 27.31 17.53
C MET D 324 32.79 27.63 17.91
N LYS D 325 32.23 28.65 17.27
CA LYS D 325 30.84 29.06 17.43
C LYS D 325 30.03 28.58 16.22
N ILE D 326 28.80 28.14 16.48
CA ILE D 326 27.90 27.64 15.45
C ILE D 326 26.66 28.52 15.44
N LYS D 327 26.29 29.02 14.26
CA LYS D 327 25.13 29.89 14.09
C LYS D 327 24.24 29.29 13.01
N ILE D 328 23.18 28.60 13.43
CA ILE D 328 22.22 28.00 12.51
C ILE D 328 21.25 29.08 12.03
N ILE D 329 21.31 29.41 10.75
CA ILE D 329 20.41 30.38 10.16
C ILE D 329 19.24 29.64 9.53
N ALA D 330 18.04 29.88 10.04
CA ALA D 330 16.82 29.22 9.57
C ALA D 330 15.76 30.27 9.31
N PRO D 331 15.82 30.94 8.16
CA PRO D 331 14.79 31.92 7.84
C PRO D 331 13.45 31.22 7.64
N PRO D 332 12.37 31.78 8.20
CA PRO D 332 11.06 31.13 8.07
C PRO D 332 10.57 31.03 6.64
N GLU D 333 11.10 31.84 5.73
CA GLU D 333 10.71 31.84 4.33
C GLU D 333 11.56 30.86 3.51
N ARG D 334 12.45 30.10 4.16
CA ARG D 334 13.36 29.20 3.46
C ARG D 334 12.64 28.12 2.67
N LYS D 335 11.32 28.01 2.80
CA LYS D 335 10.56 27.09 1.95
C LYS D 335 10.69 27.47 0.48
N TYR D 336 10.61 28.76 0.17
CA TYR D 336 10.69 29.27 -1.20
C TYR D 336 12.02 29.98 -1.45
N SER D 337 13.01 29.72 -0.60
CA SER D 337 14.29 30.41 -0.72
C SER D 337 14.95 30.16 -2.07
N VAL D 338 14.89 28.92 -2.55
CA VAL D 338 15.47 28.60 -3.84
C VAL D 338 14.77 29.36 -4.96
N TRP D 339 13.44 29.46 -4.90
CA TRP D 339 12.72 30.23 -5.91
C TRP D 339 13.02 31.72 -5.79
N ILE D 340 13.00 32.26 -4.56
CA ILE D 340 13.20 33.68 -4.36
C ILE D 340 14.60 34.10 -4.81
N GLY D 341 15.61 33.29 -4.47
CA GLY D 341 16.96 33.60 -4.88
C GLY D 341 17.12 33.68 -6.39
N GLY D 342 16.41 32.80 -7.11
CA GLY D 342 16.44 32.88 -8.57
C GLY D 342 15.83 34.16 -9.10
N SER D 343 14.69 34.58 -8.52
CA SER D 343 14.09 35.84 -8.92
C SER D 343 15.02 37.01 -8.63
N ILE D 344 15.77 36.92 -7.53
CA ILE D 344 16.78 37.94 -7.23
C ILE D 344 17.87 37.93 -8.29
N LEU D 345 18.36 36.73 -8.65
CA LEU D 345 19.43 36.62 -9.63
C LEU D 345 18.97 37.11 -11.00
N ALA D 346 17.73 36.78 -11.39
CA ALA D 346 17.24 37.17 -12.70
C ALA D 346 17.08 38.69 -12.80
N SER D 347 16.66 39.34 -11.71
CA SER D 347 16.39 40.77 -11.73
C SER D 347 17.65 41.61 -11.85
N LEU D 348 18.83 41.01 -11.72
CA LEU D 348 20.08 41.78 -11.74
C LEU D 348 20.34 42.34 -13.13
N SER D 349 20.84 43.59 -13.16
CA SER D 349 21.20 44.23 -14.42
C SER D 349 22.35 43.50 -15.09
N THR D 350 23.36 43.10 -14.32
CA THR D 350 24.50 42.38 -14.88
C THR D 350 24.14 40.96 -15.30
N PHE D 351 22.95 40.47 -14.94
CA PHE D 351 22.57 39.11 -15.29
C PHE D 351 22.35 38.94 -16.79
N GLN D 352 22.23 40.02 -17.55
CA GLN D 352 22.10 39.91 -18.99
C GLN D 352 23.40 39.46 -19.66
N GLN D 353 24.53 39.52 -18.96
CA GLN D 353 25.80 39.18 -19.58
C GLN D 353 25.91 37.69 -19.89
N MET D 354 25.58 36.83 -18.93
CA MET D 354 25.70 35.38 -19.11
C MET D 354 24.42 34.75 -19.63
N TRP D 355 23.61 35.51 -20.37
CA TRP D 355 22.51 34.90 -21.12
C TRP D 355 23.07 34.01 -22.22
N ILE D 356 22.33 32.94 -22.53
CA ILE D 356 22.60 32.12 -23.71
C ILE D 356 21.48 32.43 -24.69
N SER D 357 21.84 32.94 -25.85
CA SER D 357 20.87 33.37 -26.83
C SER D 357 20.46 32.21 -27.75
N LYS D 358 19.30 32.36 -28.37
CA LYS D 358 18.85 31.36 -29.34
C LYS D 358 19.78 31.30 -30.53
N GLN D 359 20.24 32.47 -31.02
CA GLN D 359 21.16 32.49 -32.14
C GLN D 359 22.47 31.80 -31.79
N GLU D 360 23.10 32.21 -30.68
CA GLU D 360 24.40 31.66 -30.31
C GLU D 360 24.34 30.15 -30.11
N TYR D 361 23.24 29.64 -29.56
CA TYR D 361 23.07 28.20 -29.41
C TYR D 361 23.11 27.50 -30.76
N ASP D 362 22.58 28.13 -31.80
CA ASP D 362 22.47 27.47 -33.10
C ASP D 362 23.84 27.12 -33.67
N GLU D 363 24.79 28.05 -33.63
CA GLU D 363 26.13 27.72 -34.11
C GLU D 363 26.91 26.90 -33.09
N SER D 364 26.61 27.04 -31.81
CA SER D 364 27.37 26.36 -30.77
C SER D 364 26.81 24.98 -30.45
N GLY D 365 25.51 24.78 -30.61
CA GLY D 365 24.90 23.49 -30.36
C GLY D 365 24.64 23.24 -28.89
N PRO D 366 24.22 22.02 -28.57
CA PRO D 366 23.92 21.69 -27.16
C PRO D 366 25.11 21.84 -26.23
N SER D 367 26.34 21.65 -26.72
CA SER D 367 27.52 21.63 -25.86
C SER D 367 27.84 22.99 -25.26
N ILE D 368 27.22 24.07 -25.73
CA ILE D 368 27.56 25.39 -25.23
C ILE D 368 27.24 25.56 -23.75
N VAL D 369 26.26 24.81 -23.23
CA VAL D 369 25.82 25.03 -21.86
C VAL D 369 26.90 24.64 -20.85
N HIS D 370 27.72 23.63 -21.17
CA HIS D 370 28.73 23.19 -20.21
C HIS D 370 29.79 24.26 -19.98
N ARG D 371 30.02 25.12 -20.97
CA ARG D 371 31.04 26.16 -20.87
C ARG D 371 30.46 27.56 -20.68
N LYS D 372 29.27 27.83 -21.20
CA LYS D 372 28.70 29.17 -21.08
C LYS D 372 28.17 29.42 -19.67
N CYS D 373 27.17 28.65 -19.25
CA CYS D 373 26.62 28.77 -17.90
C CYS D 373 27.25 27.78 -16.92
N PHE D 374 28.11 26.88 -17.38
CA PHE D 374 28.79 25.91 -16.52
C PHE D 374 27.80 25.04 -15.75
N ARG E 297 44.41 4.31 60.48
CA ARG E 297 44.57 2.87 60.23
C ARG E 297 45.29 2.64 58.90
N ARG E 298 46.24 1.70 58.90
CA ARG E 298 47.01 1.41 57.71
C ARG E 298 46.77 -0.02 57.23
N PRO E 299 46.75 -0.24 55.92
CA PRO E 299 46.53 -1.60 55.41
C PRO E 299 47.73 -2.49 55.70
N THR E 300 47.44 -3.79 55.84
CA THR E 300 48.50 -4.77 56.07
C THR E 300 49.28 -5.11 54.82
N ARG E 301 48.74 -4.82 53.63
CA ARG E 301 49.39 -5.09 52.37
C ARG E 301 49.38 -3.85 51.50
N ARG E 302 50.37 -3.75 50.62
CA ARG E 302 50.42 -2.64 49.68
C ARG E 302 49.26 -2.75 48.69
N LEU E 303 48.59 -1.62 48.45
CA LEU E 303 47.43 -1.57 47.58
C LEU E 303 47.68 -0.61 46.42
N LYS E 304 46.67 -0.46 45.56
CA LYS E 304 46.77 0.44 44.43
C LYS E 304 46.96 1.88 44.90
N GLN E 305 47.89 2.58 44.26
CA GLN E 305 48.23 3.95 44.64
C GLN E 305 47.63 4.91 43.63
N MET E 306 46.81 5.84 44.11
CA MET E 306 46.26 6.91 43.28
C MET E 306 47.07 8.17 43.50
N HIS E 307 47.33 8.90 42.42
CA HIS E 307 48.16 10.10 42.44
C HIS E 307 47.30 11.32 42.16
N TRP E 308 47.40 12.32 43.04
CA TRP E 308 46.68 13.57 42.90
C TRP E 308 47.66 14.72 42.69
N GLU E 309 47.10 15.91 42.52
CA GLU E 309 47.89 17.13 42.30
C GLU E 309 47.84 17.96 43.58
N LYS E 310 49.01 18.20 44.16
CA LYS E 310 49.08 19.00 45.38
C LYS E 310 48.68 20.44 45.10
N LEU E 311 47.93 21.02 46.04
CA LEU E 311 47.45 22.39 45.88
C LEU E 311 48.61 23.36 46.02
N ASN E 312 48.97 24.03 44.92
CA ASN E 312 50.06 24.99 44.96
C ASN E 312 49.75 26.16 45.88
N SER E 313 48.50 26.62 45.86
CA SER E 313 48.10 27.68 46.78
C SER E 313 48.08 27.17 48.21
N GLY E 314 48.16 28.11 49.15
CA GLY E 314 48.17 27.73 50.55
C GLY E 314 46.86 27.04 50.93
N LEU E 315 47.00 26.01 51.78
CA LEU E 315 45.82 25.26 52.22
C LEU E 315 44.94 26.05 53.17
N GLU E 316 45.43 27.18 53.70
CA GLU E 316 44.62 28.00 54.59
C GLU E 316 43.41 28.57 53.86
N PHE E 317 43.59 28.98 52.60
CA PHE E 317 42.46 29.47 51.82
C PHE E 317 41.50 28.35 51.43
N THR E 318 42.01 27.12 51.31
CA THR E 318 41.18 25.99 50.93
C THR E 318 40.26 25.59 52.08
N PHE E 319 39.18 24.88 51.74
CA PHE E 319 38.26 24.38 52.74
C PHE E 319 38.80 23.17 53.49
N TRP E 320 39.92 22.60 53.04
CA TRP E 320 40.50 21.44 53.71
C TRP E 320 40.99 21.81 55.12
N THR E 321 41.48 23.03 55.31
CA THR E 321 42.01 23.43 56.62
C THR E 321 40.91 23.44 57.67
N GLY E 322 39.72 23.90 57.32
CA GLY E 322 38.62 23.98 58.23
C GLY E 322 38.26 22.63 58.83
N PRO E 323 38.47 22.47 60.14
CA PRO E 323 38.23 21.19 60.81
C PRO E 323 36.78 21.04 61.27
N SER E 324 35.88 20.94 60.30
CA SER E 324 34.47 20.77 60.60
C SER E 324 34.22 19.40 61.23
N ASP E 325 33.24 19.36 62.16
CA ASP E 325 32.90 18.11 62.82
C ASP E 325 32.33 17.08 61.85
N GLU E 326 31.81 17.53 60.70
CA GLU E 326 31.30 16.58 59.70
C GLU E 326 32.43 15.72 59.15
N ALA E 327 33.61 16.31 58.93
CA ALA E 327 34.75 15.54 58.44
C ALA E 327 35.18 14.49 59.45
N ASN E 328 35.12 14.82 60.74
CA ASN E 328 35.49 13.85 61.77
C ASN E 328 34.57 12.64 61.75
N LYS E 329 33.28 12.85 61.48
CA LYS E 329 32.34 11.73 61.41
C LYS E 329 32.69 10.78 60.26
N ILE E 330 33.26 11.30 59.17
CA ILE E 330 33.61 10.46 58.04
C ILE E 330 34.69 9.46 58.43
N LEU E 331 35.72 9.92 59.14
CA LEU E 331 36.78 9.02 59.58
C LEU E 331 36.26 7.98 60.56
N GLU E 332 35.39 8.38 61.48
CA GLU E 332 34.85 7.44 62.46
C GLU E 332 34.00 6.37 61.78
N THR E 333 33.13 6.78 60.85
CA THR E 333 32.27 5.82 60.17
C THR E 333 33.09 4.89 59.27
N LEU E 334 34.10 5.45 58.58
CA LEU E 334 34.91 4.63 57.69
C LEU E 334 35.67 3.55 58.45
N HIS E 335 36.18 3.89 59.64
CA HIS E 335 36.93 2.93 60.43
C HIS E 335 36.04 1.84 61.01
N THR E 336 34.72 2.04 61.04
CA THR E 336 33.80 1.06 61.58
C THR E 336 32.90 0.41 60.53
N SER E 337 32.82 0.98 59.32
CA SER E 337 31.95 0.42 58.31
C SER E 337 32.51 -0.85 57.68
N GLY E 338 33.81 -1.10 57.82
CA GLY E 338 34.42 -2.28 57.24
C GLY E 338 34.76 -2.17 55.77
N VAL E 339 34.58 -1.00 55.16
CA VAL E 339 34.92 -0.83 53.75
C VAL E 339 36.42 -0.96 53.54
N LEU E 340 37.22 -0.49 54.51
CA LEU E 340 38.67 -0.57 54.38
C LEU E 340 39.15 -2.01 54.31
N ASP E 341 38.45 -2.93 54.98
CA ASP E 341 38.82 -4.36 54.91
C ASP E 341 38.66 -4.89 53.49
N GLU E 342 37.59 -4.50 52.81
CA GLU E 342 37.38 -4.96 51.43
C GLU E 342 38.42 -4.39 50.49
N LEU E 343 38.96 -3.20 50.80
CA LEU E 343 39.98 -2.59 49.94
C LEU E 343 41.25 -3.43 49.92
N ASP E 344 41.62 -4.01 51.06
CA ASP E 344 42.85 -4.80 51.12
C ASP E 344 42.78 -6.02 50.20
N GLU E 345 41.64 -6.72 50.19
CA GLU E 345 41.53 -7.94 49.42
C GLU E 345 41.42 -7.64 47.92
N SER E 346 40.67 -6.60 47.56
CA SER E 346 40.37 -6.34 46.16
C SER E 346 41.46 -5.55 45.44
N PHE E 347 42.02 -4.52 46.09
CA PHE E 347 42.94 -3.62 45.44
C PHE E 347 44.41 -3.97 45.70
N ALA E 348 44.72 -5.25 45.89
CA ALA E 348 46.09 -5.68 46.07
C ALA E 348 46.68 -6.15 44.73
N MET E 349 47.85 -5.63 44.38
CA MET E 349 48.50 -5.99 43.13
C MET E 349 48.95 -7.44 43.15
N THR E 363 28.90 -25.91 30.69
CA THR E 363 30.29 -25.69 30.30
C THR E 363 30.43 -25.61 28.79
N ASP E 364 29.59 -24.79 28.16
CA ASP E 364 29.59 -24.63 26.71
C ASP E 364 30.50 -23.45 26.35
N TYR E 365 31.62 -23.76 25.70
CA TYR E 365 32.52 -22.70 25.26
C TYR E 365 31.95 -21.92 24.09
N MET E 366 31.11 -22.56 23.28
CA MET E 366 30.66 -21.97 22.03
C MET E 366 29.35 -21.21 22.25
N SER E 367 29.23 -20.07 21.56
CA SER E 367 28.24 -19.06 21.90
C SER E 367 26.82 -19.52 21.64
N SER E 368 25.88 -18.91 22.37
CA SER E 368 24.48 -19.30 22.27
C SER E 368 23.92 -19.03 20.88
N GLU E 369 24.29 -17.90 20.28
CA GLU E 369 23.80 -17.59 18.94
C GLU E 369 24.25 -18.64 17.92
N LEU E 370 25.53 -19.01 17.97
CA LEU E 370 26.02 -20.03 17.05
C LEU E 370 25.47 -21.41 17.40
N GLN E 371 25.06 -21.61 18.66
CA GLN E 371 24.36 -22.85 19.01
C GLN E 371 23.08 -23.00 18.21
N LYS E 372 22.32 -21.91 18.08
CA LYS E 372 21.08 -21.95 17.31
C LYS E 372 21.35 -22.31 15.85
N LEU E 373 22.39 -21.71 15.26
CA LEU E 373 22.66 -21.89 13.84
C LEU E 373 22.99 -23.35 13.52
N PHE E 374 23.76 -24.01 14.38
CA PHE E 374 24.14 -25.39 14.11
C PHE E 374 22.93 -26.31 14.07
N GLY E 375 21.99 -26.13 15.00
CA GLY E 375 20.81 -26.97 15.03
C GLY E 375 19.95 -26.80 13.79
N ILE E 376 19.92 -25.59 13.23
CA ILE E 376 19.08 -25.31 12.07
C ILE E 376 19.52 -26.16 10.88
N HIS E 377 20.83 -26.25 10.64
CA HIS E 377 21.31 -26.86 9.40
C HIS E 377 21.38 -28.38 9.51
N PHE E 378 21.63 -28.89 10.71
CA PHE E 378 21.79 -30.32 10.92
C PHE E 378 20.58 -30.95 11.58
N HIS E 379 19.38 -30.41 11.33
CA HIS E 379 18.17 -30.97 11.92
C HIS E 379 17.85 -32.33 11.31
N LYS E 380 18.17 -32.52 10.03
CA LYS E 380 18.00 -33.83 9.42
C LYS E 380 18.97 -34.86 9.98
N LEU E 381 20.06 -34.41 10.61
CA LEU E 381 21.07 -35.31 11.16
C LEU E 381 21.04 -35.35 12.68
N SER E 382 19.91 -34.99 13.28
CA SER E 382 19.81 -34.98 14.74
C SER E 382 19.97 -36.38 15.33
N HIS E 383 19.37 -37.39 14.69
CA HIS E 383 19.39 -38.74 15.23
C HIS E 383 20.73 -39.44 15.05
N LYS E 384 21.65 -38.88 14.28
CA LYS E 384 22.95 -39.49 14.06
C LYS E 384 23.99 -38.91 15.03
N ASN E 385 24.92 -39.76 15.46
CA ASN E 385 25.98 -39.31 16.34
C ASN E 385 26.97 -38.43 15.57
N PRO E 386 27.67 -37.53 16.26
CA PRO E 386 28.66 -36.69 15.57
C PRO E 386 29.75 -37.47 14.86
N ASN E 387 30.14 -38.64 15.39
CA ASN E 387 31.14 -39.46 14.72
C ASN E 387 30.64 -39.92 13.35
N GLU E 388 29.34 -40.22 13.25
CA GLU E 388 28.76 -40.49 11.95
C GLU E 388 28.78 -39.25 11.07
N ILE E 389 28.52 -38.08 11.64
CA ILE E 389 28.43 -36.86 10.85
C ILE E 389 29.80 -36.48 10.29
N ILE E 390 30.84 -36.56 11.11
CA ILE E 390 32.17 -36.18 10.64
C ILE E 390 32.63 -37.10 9.52
N ARG E 391 32.26 -38.38 9.57
CA ARG E 391 32.65 -39.31 8.52
C ARG E 391 31.90 -39.03 7.22
N MET E 392 30.62 -38.68 7.31
CA MET E 392 29.82 -38.55 6.09
C MET E 392 30.17 -37.28 5.33
N ILE E 393 30.46 -36.18 6.04
CA ILE E 393 30.83 -34.94 5.38
C ILE E 393 32.16 -35.10 4.66
N LEU E 394 33.05 -35.92 5.23
CA LEU E 394 34.36 -36.15 4.63
C LEU E 394 34.30 -37.13 3.46
N HIS E 395 33.15 -37.74 3.22
CA HIS E 395 32.97 -38.64 2.08
C HIS E 395 32.83 -37.90 0.75
N CYS E 396 32.54 -36.60 0.79
CA CYS E 396 32.15 -35.84 -0.40
C CYS E 396 30.93 -36.48 -1.07
N ASP E 397 29.89 -36.71 -0.28
CA ASP E 397 28.66 -37.30 -0.79
C ASP E 397 27.79 -36.23 -1.45
N ASP E 398 26.55 -36.63 -1.77
CA ASP E 398 25.62 -35.73 -2.43
C ASP E 398 24.81 -34.92 -1.43
N SER E 399 24.46 -35.53 -0.29
CA SER E 399 23.42 -35.01 0.59
C SER E 399 23.77 -33.70 1.29
N MET E 400 25.03 -33.45 1.60
CA MET E 400 25.42 -32.30 2.41
C MET E 400 25.71 -31.05 1.58
N ASN E 401 25.63 -31.15 0.25
CA ASN E 401 26.07 -30.06 -0.61
C ASN E 401 25.38 -28.74 -0.28
N GLU E 402 24.17 -28.81 0.27
CA GLU E 402 23.51 -27.59 0.72
C GLU E 402 24.16 -27.03 1.99
N CYS E 403 24.41 -27.89 2.99
CA CYS E 403 24.85 -27.41 4.30
C CYS E 403 26.34 -27.12 4.34
N VAL E 404 27.14 -27.64 3.40
CA VAL E 404 28.55 -27.31 3.39
C VAL E 404 28.76 -25.84 3.02
N GLU E 405 27.76 -25.19 2.44
CA GLU E 405 27.85 -23.77 2.14
C GLU E 405 27.82 -22.94 3.42
N PHE E 406 27.04 -23.36 4.42
CA PHE E 406 26.98 -22.61 5.68
C PHE E 406 28.30 -22.69 6.44
N LEU E 407 28.86 -23.90 6.58
CA LEU E 407 30.14 -24.01 7.26
C LEU E 407 31.24 -23.23 6.54
N SER E 408 31.09 -23.00 5.24
CA SER E 408 32.01 -22.15 4.48
C SER E 408 31.71 -20.67 4.64
N SER E 409 30.60 -20.30 5.29
CA SER E 409 30.27 -18.90 5.45
C SER E 409 31.24 -18.22 6.40
N ASP E 410 31.26 -16.88 6.34
CA ASP E 410 32.19 -16.12 7.15
C ASP E 410 31.94 -16.29 8.63
N LYS E 411 30.67 -16.23 9.07
CA LYS E 411 30.35 -16.24 10.49
C LYS E 411 30.94 -17.47 11.19
N VAL E 412 30.92 -18.62 10.51
CA VAL E 412 31.44 -19.84 11.12
C VAL E 412 32.94 -19.72 11.39
N LEU E 413 33.69 -19.15 10.45
CA LEU E 413 35.15 -19.22 10.56
C LEU E 413 35.70 -18.24 11.59
N ASN E 414 35.10 -17.05 11.72
CA ASN E 414 35.68 -16.03 12.59
C ASN E 414 35.11 -16.19 14.00
N GLN E 415 35.70 -17.11 14.75
CA GLN E 415 35.36 -17.34 16.15
C GLN E 415 36.65 -17.35 16.96
N PRO E 416 37.35 -16.21 17.03
CA PRO E 416 38.66 -16.20 17.69
C PRO E 416 38.62 -16.60 19.15
N LYS E 417 37.59 -16.18 19.88
CA LYS E 417 37.44 -16.62 21.26
C LYS E 417 37.14 -18.11 21.33
N LEU E 418 36.29 -18.60 20.42
CA LEU E 418 35.93 -20.01 20.43
C LEU E 418 37.10 -20.90 20.04
N LYS E 419 37.86 -20.51 19.01
CA LYS E 419 38.97 -21.33 18.55
C LYS E 419 40.04 -21.47 19.64
N ALA E 420 40.30 -20.39 20.38
CA ALA E 420 41.28 -20.45 21.45
C ALA E 420 40.85 -21.42 22.55
N ASP E 421 39.56 -21.44 22.88
CA ASP E 421 39.07 -22.34 23.92
C ASP E 421 39.18 -23.79 23.49
N LEU E 422 38.95 -24.07 22.20
CA LEU E 422 38.98 -25.43 21.68
C LEU E 422 40.37 -25.89 21.27
N GLU E 423 41.38 -25.03 21.41
CA GLU E 423 42.74 -25.42 21.05
C GLU E 423 43.25 -26.63 21.83
N PRO E 424 43.11 -26.71 23.16
CA PRO E 424 43.61 -27.90 23.86
C PRO E 424 42.96 -29.20 23.42
N TYR E 425 41.72 -29.16 22.96
CA TYR E 425 40.99 -30.38 22.59
C TYR E 425 41.31 -30.86 21.18
N ARG E 426 42.09 -30.10 20.40
CA ARG E 426 42.36 -30.48 19.03
C ARG E 426 43.33 -31.66 18.97
N ILE E 427 43.34 -32.32 17.81
CA ILE E 427 44.25 -33.42 17.54
C ILE E 427 45.11 -33.02 16.34
N ASP E 428 46.43 -33.14 16.50
CA ASP E 428 47.38 -32.70 15.48
C ASP E 428 47.54 -33.79 14.43
N TRP E 429 46.56 -33.88 13.53
CA TRP E 429 46.59 -34.88 12.46
C TRP E 429 47.65 -34.58 11.41
N ALA E 430 48.25 -33.38 11.43
CA ALA E 430 49.30 -33.08 10.48
C ALA E 430 50.50 -34.00 10.67
N ASN E 431 50.87 -34.27 11.92
CA ASN E 431 51.94 -35.20 12.24
C ASN E 431 51.63 -35.88 13.56
N GLY E 432 51.71 -37.20 13.58
CA GLY E 432 51.42 -38.00 14.76
C GLY E 432 49.96 -38.34 14.96
N GLY E 433 49.07 -37.36 14.75
CA GLY E 433 47.65 -37.58 14.95
C GLY E 433 47.29 -37.90 16.38
N ASP E 434 47.89 -37.16 17.32
CA ASP E 434 47.72 -37.40 18.74
C ASP E 434 47.17 -36.15 19.40
N LEU E 435 46.61 -36.33 20.60
CA LEU E 435 46.10 -35.21 21.37
C LEU E 435 47.24 -34.26 21.75
N VAL E 436 46.98 -32.97 21.60
CA VAL E 436 47.99 -31.96 21.92
C VAL E 436 48.30 -31.99 23.42
N ASN E 437 47.26 -32.01 24.25
CA ASN E 437 47.44 -32.09 25.69
C ASN E 437 47.32 -33.55 26.13
N SER E 438 47.32 -33.77 27.45
CA SER E 438 47.36 -35.13 27.97
C SER E 438 46.03 -35.85 27.83
N GLU E 439 45.00 -35.40 28.55
CA GLU E 439 43.71 -36.08 28.47
C GLU E 439 42.75 -35.37 27.52
N LYS E 440 42.35 -34.15 27.90
CA LYS E 440 41.41 -33.32 27.14
C LYS E 440 40.32 -34.15 26.46
N ASP E 441 39.58 -34.89 27.28
CA ASP E 441 38.55 -35.78 26.76
C ASP E 441 37.50 -34.99 26.00
N ALA E 442 37.15 -35.49 24.81
CA ALA E 442 36.15 -34.84 23.97
C ALA E 442 34.72 -35.28 24.27
N SER E 443 34.55 -36.31 25.12
CA SER E 443 33.20 -36.73 25.50
C SER E 443 32.51 -35.67 26.34
N GLU E 444 33.27 -34.96 27.18
CA GLU E 444 32.69 -33.88 27.98
C GLU E 444 32.11 -32.78 27.10
N LEU E 445 32.68 -32.56 25.92
CA LEU E 445 32.17 -31.55 25.01
C LEU E 445 30.79 -31.96 24.50
N SER E 446 29.98 -30.94 24.20
CA SER E 446 28.61 -31.18 23.78
C SER E 446 28.57 -31.71 22.35
N ARG E 447 27.35 -31.88 21.84
CA ARG E 447 27.17 -32.40 20.49
C ARG E 447 27.78 -31.48 19.44
N TRP E 448 27.46 -30.19 19.50
CA TRP E 448 27.98 -29.24 18.54
C TRP E 448 29.43 -28.86 18.82
N ASP E 449 29.80 -28.78 20.10
CA ASP E 449 31.19 -28.46 20.44
C ASP E 449 32.15 -29.53 19.92
N TYR E 450 31.78 -30.80 20.09
CA TYR E 450 32.59 -31.88 19.52
C TYR E 450 32.65 -31.74 18.00
N LEU E 451 31.54 -31.36 17.37
CA LEU E 451 31.52 -31.18 15.93
C LEU E 451 32.46 -30.06 15.49
N TYR E 452 32.43 -28.92 16.19
CA TYR E 452 33.20 -27.76 15.74
C TYR E 452 34.70 -28.02 15.83
N VAL E 453 35.16 -28.54 16.97
CA VAL E 453 36.59 -28.72 17.16
C VAL E 453 37.14 -29.78 16.22
N ARG E 454 36.36 -30.82 15.94
CA ARG E 454 36.83 -31.92 15.11
C ARG E 454 36.95 -31.53 13.64
N LEU E 455 36.33 -30.43 13.23
CA LEU E 455 36.31 -30.04 11.82
C LEU E 455 37.02 -28.71 11.56
N ILE E 456 36.61 -27.65 12.26
CA ILE E 456 37.17 -26.33 12.00
C ILE E 456 38.54 -26.19 12.64
N VAL E 457 38.63 -26.37 13.95
CA VAL E 457 39.92 -26.26 14.65
C VAL E 457 40.86 -27.36 14.19
N ASP E 458 40.36 -28.58 14.06
CA ASP E 458 41.22 -29.72 13.72
C ASP E 458 41.84 -29.57 12.33
N LEU E 459 41.04 -29.15 11.35
CA LEU E 459 41.47 -29.11 9.96
C LEU E 459 41.66 -27.70 9.43
N GLY E 460 41.86 -26.72 10.32
CA GLY E 460 42.00 -25.34 9.88
C GLY E 460 43.22 -25.09 9.02
N GLY E 461 44.18 -26.03 9.01
CA GLY E 461 45.36 -25.85 8.18
C GLY E 461 45.04 -25.85 6.70
N TYR E 462 44.15 -26.74 6.27
CA TYR E 462 43.80 -26.87 4.86
C TYR E 462 42.30 -26.78 4.61
N TRP E 463 41.52 -26.34 5.60
CA TRP E 463 40.07 -26.33 5.45
C TRP E 463 39.64 -25.33 4.38
N ASN E 464 40.17 -24.11 4.45
CA ASN E 464 39.79 -23.07 3.51
C ASN E 464 40.15 -23.46 2.06
N GLN E 465 41.34 -24.01 1.87
CA GLN E 465 41.75 -24.44 0.54
C GLN E 465 40.82 -25.53 0.01
N ARG E 466 40.45 -26.48 0.87
CA ARG E 466 39.47 -27.48 0.48
C ARG E 466 38.12 -26.84 0.16
N MET E 467 37.71 -25.87 0.97
CA MET E 467 36.49 -25.13 0.68
C MET E 467 36.65 -24.29 -0.58
N ASN E 468 37.83 -23.71 -0.79
CA ASN E 468 38.08 -22.96 -2.01
C ASN E 468 38.00 -23.85 -3.24
N ALA E 469 38.43 -25.11 -3.11
CA ALA E 469 38.30 -26.04 -4.23
C ALA E 469 36.86 -26.38 -4.52
N LEU E 470 36.04 -26.59 -3.49
CA LEU E 470 34.66 -27.02 -3.69
C LEU E 470 33.79 -25.92 -4.27
N LYS E 471 33.98 -24.67 -3.84
CA LYS E 471 33.11 -23.59 -4.31
C LYS E 471 33.23 -23.39 -5.81
N VAL E 472 34.46 -23.39 -6.34
CA VAL E 472 34.66 -23.16 -7.76
C VAL E 472 34.05 -24.29 -8.58
N LYS E 473 34.23 -25.54 -8.14
CA LYS E 473 33.70 -26.68 -8.90
C LYS E 473 32.19 -26.58 -9.05
N ASN E 474 31.49 -26.25 -7.97
CA ASN E 474 30.05 -26.06 -8.05
C ASN E 474 29.69 -24.86 -8.92
N ILE E 475 30.50 -23.80 -8.85
CA ILE E 475 30.27 -22.63 -9.69
C ILE E 475 30.42 -23.00 -11.16
N ILE E 476 31.49 -23.71 -11.50
CA ILE E 476 31.71 -24.11 -12.89
C ILE E 476 30.60 -25.03 -13.37
N GLU E 477 30.12 -25.91 -12.48
CA GLU E 477 29.07 -26.84 -12.85
C GLU E 477 27.76 -26.14 -13.19
N THR E 478 27.61 -24.87 -12.81
CA THR E 478 26.35 -24.15 -12.98
C THR E 478 26.44 -22.99 -13.97
N ASN E 479 27.40 -22.08 -13.80
CA ASN E 479 27.41 -20.87 -14.62
C ASN E 479 28.04 -21.08 -15.99
N TYR E 480 28.84 -22.14 -16.16
CA TYR E 480 29.65 -22.25 -17.37
C TYR E 480 28.80 -22.33 -18.63
N GLU E 481 27.74 -23.15 -18.61
CA GLU E 481 26.96 -23.36 -19.83
C GLU E 481 26.22 -22.10 -20.25
N ASN E 482 25.67 -21.34 -19.29
CA ASN E 482 24.98 -20.12 -19.64
C ASN E 482 25.93 -19.00 -20.05
N LEU E 483 27.15 -19.01 -19.53
CA LEU E 483 28.14 -18.03 -19.97
C LEU E 483 28.45 -18.19 -21.46
N VAL E 484 28.58 -19.44 -21.92
CA VAL E 484 28.83 -19.69 -23.34
C VAL E 484 27.69 -19.15 -24.19
N ARG E 485 26.45 -19.39 -23.76
CA ARG E 485 25.30 -18.88 -24.49
C ARG E 485 25.29 -17.35 -24.49
N GLN E 486 25.63 -16.73 -23.36
CA GLN E 486 25.67 -15.28 -23.30
C GLN E 486 26.72 -14.71 -24.25
N THR E 487 27.91 -15.32 -24.28
CA THR E 487 28.94 -14.86 -25.22
C THR E 487 28.51 -15.06 -26.66
N LYS E 488 27.94 -16.22 -26.98
CA LYS E 488 27.51 -16.49 -28.35
C LYS E 488 26.41 -15.52 -28.78
N LEU E 489 25.61 -15.04 -27.83
CA LEU E 489 24.56 -14.09 -28.17
C LEU E 489 25.14 -12.72 -28.51
N ILE E 490 26.07 -12.22 -27.71
CA ILE E 490 26.57 -10.86 -27.91
C ILE E 490 27.42 -10.77 -29.17
N GLY E 491 28.23 -11.79 -29.45
CA GLY E 491 29.03 -11.77 -30.66
C GLY E 491 28.19 -11.86 -31.92
N ARG E 492 27.12 -12.66 -31.87
CA ARG E 492 26.23 -12.78 -33.01
C ARG E 492 25.54 -11.45 -33.32
N ALA E 493 25.12 -10.71 -32.28
CA ALA E 493 24.48 -9.42 -32.50
C ALA E 493 25.44 -8.43 -33.13
N ALA E 494 26.71 -8.42 -32.68
CA ALA E 494 27.70 -7.52 -33.27
C ALA E 494 27.93 -7.84 -34.74
N LEU E 495 28.02 -9.13 -35.08
CA LEU E 495 28.15 -9.52 -36.48
C LEU E 495 26.90 -9.16 -37.27
N GLU E 496 25.72 -9.34 -36.66
CA GLU E 496 24.47 -9.06 -37.36
C GLU E 496 24.35 -7.59 -37.73
N LEU E 497 24.68 -6.70 -36.80
CA LEU E 497 24.56 -5.27 -37.08
C LEU E 497 25.62 -4.81 -38.08
N ARG E 498 26.82 -5.39 -38.02
CA ARG E 498 27.86 -5.03 -38.98
C ARG E 498 27.51 -5.53 -40.38
N ASP E 499 26.71 -6.60 -40.47
CA ASP E 499 26.33 -7.20 -41.75
C ASP E 499 24.87 -6.93 -42.09
N SER E 500 24.38 -5.73 -41.78
CA SER E 500 23.01 -5.33 -42.07
C SER E 500 23.04 -4.14 -43.01
N LYS E 501 22.69 -4.38 -44.28
CA LYS E 501 22.69 -3.31 -45.27
C LYS E 501 21.51 -2.36 -45.08
N VAL E 502 20.38 -2.86 -44.58
CA VAL E 502 19.22 -2.01 -44.35
C VAL E 502 19.52 -0.95 -43.30
N PHE E 503 20.17 -1.35 -42.21
CA PHE E 503 20.51 -0.40 -41.15
C PHE E 503 21.42 0.70 -41.67
N LYS E 504 22.42 0.34 -42.48
CA LYS E 504 23.29 1.35 -43.07
C LYS E 504 22.51 2.28 -44.00
N GLY E 505 21.51 1.75 -44.70
CA GLY E 505 20.66 2.60 -45.51
C GLY E 505 19.91 3.63 -44.70
N LEU E 506 19.44 3.24 -43.51
CA LEU E 506 18.81 4.20 -42.62
C LEU E 506 19.77 5.30 -42.20
N LEU E 507 21.00 4.92 -41.86
CA LEU E 507 22.00 5.91 -41.44
C LEU E 507 22.33 6.87 -42.58
N TYR E 508 22.47 6.35 -43.80
CA TYR E 508 22.72 7.20 -44.95
C TYR E 508 21.54 8.12 -45.23
N LEU E 509 20.32 7.62 -45.03
CA LEU E 509 19.13 8.41 -45.32
C LEU E 509 19.05 9.64 -44.43
N ILE E 510 19.22 9.46 -43.12
CA ILE E 510 19.09 10.58 -42.19
C ILE E 510 20.23 11.57 -42.35
N LEU E 511 21.43 11.08 -42.69
CA LEU E 511 22.56 11.97 -42.87
C LEU E 511 22.32 12.94 -44.02
N TYR E 512 21.80 12.44 -45.14
CA TYR E 512 21.48 13.31 -46.26
C TYR E 512 20.40 14.32 -45.88
N LEU E 513 19.39 13.87 -45.14
CA LEU E 513 18.36 14.78 -44.66
C LEU E 513 18.97 15.85 -43.77
N GLY E 514 19.87 15.46 -42.87
CA GLY E 514 20.50 16.44 -42.00
C GLY E 514 21.40 17.42 -42.74
N ASN E 515 22.12 16.94 -43.75
CA ASN E 515 23.00 17.81 -44.51
C ASN E 515 22.22 18.90 -45.24
N TYR E 516 21.10 18.52 -45.88
CA TYR E 516 20.20 19.52 -46.43
C TYR E 516 19.61 20.38 -45.32
N MET E 517 19.43 19.80 -44.14
CA MET E 517 18.74 20.47 -43.04
C MET E 517 19.60 21.54 -42.38
N ASN E 518 20.92 21.38 -42.44
CA ASN E 518 21.82 22.20 -41.64
C ASN E 518 22.51 23.27 -42.49
N ASP E 519 23.36 24.04 -41.84
CA ASP E 519 24.11 25.11 -42.49
C ASP E 519 25.23 24.54 -43.36
N TYR E 520 25.72 25.38 -44.28
CA TYR E 520 26.83 25.00 -45.16
C TYR E 520 28.14 24.81 -44.39
N VAL E 521 28.41 25.65 -43.39
CA VAL E 521 29.65 25.53 -42.62
C VAL E 521 29.70 24.28 -41.76
N ARG E 522 28.58 23.61 -41.55
CA ARG E 522 28.51 22.40 -40.75
C ARG E 522 27.95 21.25 -41.55
N GLN E 523 28.40 21.09 -42.79
CA GLN E 523 27.92 20.00 -43.65
C GLN E 523 28.89 18.82 -43.58
N ALA E 524 28.93 18.21 -42.40
CA ALA E 524 29.79 17.05 -42.19
C ALA E 524 29.21 15.81 -42.85
N LYS E 525 30.07 14.83 -43.11
CA LYS E 525 29.68 13.62 -43.82
C LYS E 525 29.56 12.40 -42.91
N GLY E 526 29.55 12.60 -41.59
CA GLY E 526 29.41 11.48 -40.68
C GLY E 526 29.07 11.94 -39.29
N PHE E 527 28.56 11.01 -38.50
CA PHE E 527 28.19 11.28 -37.12
C PHE E 527 28.24 9.97 -36.33
N ALA E 528 28.32 10.11 -35.00
CA ALA E 528 28.37 8.96 -34.13
C ALA E 528 26.98 8.33 -34.00
N ILE E 529 26.96 7.09 -33.50
CA ILE E 529 25.69 6.40 -33.28
C ILE E 529 24.87 7.10 -32.21
N GLY E 530 25.55 7.65 -31.20
CA GLY E 530 24.87 8.36 -30.11
C GLY E 530 24.19 9.64 -30.54
N SER E 531 24.29 10.01 -31.82
CA SER E 531 23.66 11.23 -32.32
C SER E 531 22.18 11.06 -32.61
N LEU E 532 21.64 9.85 -32.50
CA LEU E 532 20.24 9.58 -32.83
C LEU E 532 19.26 10.24 -31.87
N GLN E 533 19.72 10.71 -30.71
CA GLN E 533 18.81 11.11 -29.65
C GLN E 533 18.13 12.45 -29.88
N ARG E 534 18.59 13.25 -30.86
CA ARG E 534 17.96 14.54 -31.08
C ARG E 534 16.81 14.48 -32.08
N LEU E 535 16.55 13.34 -32.71
CA LEU E 535 15.38 13.23 -33.58
C LEU E 535 14.07 13.48 -32.86
N PRO E 536 13.79 12.88 -31.69
CA PRO E 536 12.49 13.13 -31.05
C PRO E 536 12.32 14.55 -30.52
N LEU E 537 13.40 15.26 -30.20
CA LEU E 537 13.29 16.55 -29.53
C LEU E 537 13.21 17.73 -30.49
N ILE E 538 13.18 17.50 -31.79
CA ILE E 538 13.02 18.55 -32.78
C ILE E 538 11.60 18.48 -33.33
N LYS E 539 10.83 19.54 -33.12
CA LYS E 539 9.42 19.57 -33.45
C LYS E 539 9.15 20.57 -34.57
N ASN E 540 7.97 20.46 -35.16
CA ASN E 540 7.53 21.37 -36.21
C ASN E 540 6.96 22.64 -35.58
N ALA E 541 6.27 23.45 -36.38
CA ALA E 541 5.77 24.73 -35.90
C ALA E 541 4.75 24.55 -34.78
N ASN E 542 3.84 23.58 -34.92
CA ASN E 542 2.80 23.34 -33.93
C ASN E 542 3.14 22.22 -32.96
N ASN E 543 4.38 21.72 -32.98
CA ASN E 543 4.86 20.68 -32.07
C ASN E 543 4.09 19.37 -32.22
N THR E 544 3.33 19.22 -33.30
CA THR E 544 2.54 18.00 -33.48
C THR E 544 3.41 16.82 -33.88
N LYS E 545 4.37 17.04 -34.78
CA LYS E 545 5.21 15.98 -35.30
C LYS E 545 6.68 16.38 -35.22
N SER E 546 7.55 15.38 -35.16
CA SER E 546 8.98 15.55 -35.06
C SER E 546 9.65 15.06 -36.33
N LEU E 547 10.99 15.11 -36.33
CA LEU E 547 11.75 14.57 -37.46
C LEU E 547 11.52 13.08 -37.62
N LEU E 548 11.45 12.35 -36.50
CA LEU E 548 11.18 10.92 -36.56
C LEU E 548 9.76 10.63 -37.03
N HIS E 549 8.79 11.42 -36.59
CA HIS E 549 7.40 11.21 -37.02
C HIS E 549 7.26 11.37 -38.53
N ILE E 550 7.81 12.45 -39.09
CA ILE E 550 7.79 12.61 -40.53
C ILE E 550 8.70 11.63 -41.24
N LEU E 551 9.71 11.10 -40.54
CA LEU E 551 10.59 10.10 -41.14
C LEU E 551 9.84 8.82 -41.46
N ASP E 552 8.93 8.39 -40.58
CA ASP E 552 8.17 7.17 -40.82
C ASP E 552 7.31 7.30 -42.07
N ILE E 553 6.68 8.45 -42.26
CA ILE E 553 5.87 8.67 -43.46
C ILE E 553 6.74 8.63 -44.70
N THR E 554 7.92 9.26 -44.66
CA THR E 554 8.81 9.28 -45.81
C THR E 554 9.26 7.87 -46.19
N ILE E 555 9.63 7.06 -45.19
CA ILE E 555 10.12 5.72 -45.47
C ILE E 555 9.00 4.84 -46.02
N ARG E 556 7.82 4.90 -45.40
CA ARG E 556 6.68 4.08 -45.81
C ARG E 556 5.99 4.62 -47.06
N LYS E 557 6.60 5.57 -47.76
CA LYS E 557 6.02 6.11 -48.99
C LYS E 557 6.92 5.82 -50.18
N HIS E 558 8.23 5.99 -50.00
CA HIS E 558 9.17 5.83 -51.09
C HIS E 558 10.28 4.82 -50.82
N PHE E 559 10.33 4.24 -49.63
CA PHE E 559 11.38 3.29 -49.26
C PHE E 559 10.74 2.04 -48.66
N PRO E 560 10.11 1.20 -49.48
CA PRO E 560 9.54 -0.04 -48.96
C PRO E 560 10.56 -1.00 -48.38
N GLN E 561 11.82 -0.93 -48.84
CA GLN E 561 12.85 -1.82 -48.33
C GLN E 561 13.13 -1.59 -46.85
N PHE E 562 12.90 -0.36 -46.38
CA PHE E 562 13.14 0.00 -44.99
C PHE E 562 11.86 0.07 -44.17
N ASP E 563 10.83 -0.70 -44.57
CA ASP E 563 9.52 -0.58 -43.92
C ASP E 563 9.58 -0.95 -42.45
N ASN E 564 10.28 -2.04 -42.11
CA ASN E 564 10.33 -2.51 -40.73
C ASN E 564 11.67 -3.20 -40.51
N PHE E 565 12.60 -2.53 -39.84
CA PHE E 565 13.89 -3.11 -39.52
C PHE E 565 13.93 -3.76 -38.15
N SER E 566 12.83 -3.72 -37.40
CA SER E 566 12.80 -4.38 -36.09
C SER E 566 12.93 -5.90 -36.20
N PRO E 567 12.15 -6.61 -37.02
CA PRO E 567 12.30 -8.08 -37.06
C PRO E 567 13.67 -8.54 -37.54
N GLU E 568 14.28 -7.83 -38.48
CA GLU E 568 15.57 -8.27 -39.02
C GLU E 568 16.68 -8.14 -37.99
N LEU E 569 16.57 -7.15 -37.10
CA LEU E 569 17.56 -6.93 -36.04
C LEU E 569 16.84 -7.12 -34.70
N SER E 570 16.78 -8.37 -34.24
CA SER E 570 16.21 -8.69 -32.95
C SER E 570 17.25 -9.08 -31.91
N THR E 571 18.40 -9.59 -32.34
CA THR E 571 19.46 -9.94 -31.39
C THR E 571 20.03 -8.70 -30.71
N VAL E 572 19.98 -7.55 -31.39
CA VAL E 572 20.49 -6.32 -30.79
C VAL E 572 19.63 -5.91 -29.60
N THR E 573 18.31 -6.12 -29.69
CA THR E 573 17.44 -5.80 -28.57
C THR E 573 17.74 -6.67 -27.36
N GLU E 574 17.92 -7.97 -27.57
CA GLU E 574 18.25 -8.86 -26.47
C GLU E 574 19.60 -8.50 -25.86
N ALA E 575 20.60 -8.19 -26.70
CA ALA E 575 21.91 -7.83 -26.20
C ALA E 575 21.90 -6.52 -25.42
N ALA E 576 20.94 -5.65 -25.68
CA ALA E 576 20.85 -4.39 -24.94
C ALA E 576 20.58 -4.61 -23.46
N LYS E 577 19.77 -5.60 -23.10
CA LYS E 577 19.55 -5.95 -21.70
C LYS E 577 20.80 -6.50 -21.04
N LEU E 578 21.76 -6.99 -21.82
CA LEU E 578 22.98 -7.58 -21.29
C LEU E 578 24.03 -6.51 -21.02
N ASN E 579 24.61 -6.55 -19.83
CA ASN E 579 25.69 -5.64 -19.45
C ASN E 579 27.03 -6.30 -19.82
N ILE E 580 27.75 -5.67 -20.75
CA ILE E 580 28.96 -6.27 -21.30
C ILE E 580 30.04 -6.37 -20.24
N GLU E 581 30.31 -5.26 -19.53
CA GLU E 581 31.48 -5.20 -18.66
C GLU E 581 31.40 -6.22 -17.53
N ALA E 582 30.21 -6.44 -16.97
CA ALA E 582 30.05 -7.43 -15.92
C ALA E 582 30.30 -8.83 -16.43
N ILE E 583 29.94 -9.09 -17.70
CA ILE E 583 30.11 -10.42 -18.26
C ILE E 583 31.59 -10.81 -18.31
N GLU E 584 32.44 -9.90 -18.81
CA GLU E 584 33.87 -10.18 -18.80
C GLU E 584 34.41 -10.27 -17.38
N GLN E 585 33.95 -9.40 -16.49
CA GLN E 585 34.41 -9.45 -15.11
C GLN E 585 34.00 -10.76 -14.44
N GLU E 586 32.79 -11.24 -14.71
CA GLU E 586 32.34 -12.49 -14.10
C GLU E 586 33.11 -13.68 -14.64
N CYS E 587 33.30 -13.75 -15.96
CA CYS E 587 33.95 -14.91 -16.55
C CYS E 587 35.44 -14.92 -16.27
N SER E 588 36.11 -13.76 -16.39
CA SER E 588 37.54 -13.70 -16.17
C SER E 588 37.92 -14.09 -14.75
N GLU E 589 37.02 -13.89 -13.78
CA GLU E 589 37.26 -14.39 -12.43
C GLU E 589 37.38 -15.90 -12.41
N LEU E 590 36.62 -16.59 -13.26
CA LEU E 590 36.69 -18.05 -13.32
C LEU E 590 38.08 -18.50 -13.74
N ILE E 591 38.68 -17.84 -14.73
CA ILE E 591 40.06 -18.16 -15.11
C ILE E 591 41.01 -17.89 -13.95
N ARG E 592 40.78 -16.81 -13.20
CA ARG E 592 41.62 -16.51 -12.05
C ARG E 592 41.50 -17.59 -10.98
N GLY E 593 40.27 -18.01 -10.69
CA GLY E 593 40.07 -19.01 -9.63
C GLY E 593 40.63 -20.37 -9.99
N CYS E 594 40.39 -20.83 -11.22
CA CYS E 594 40.84 -22.15 -11.62
C CYS E 594 42.35 -22.21 -11.71
N GLN E 595 42.98 -21.15 -12.21
CA GLN E 595 44.44 -21.09 -12.23
C GLN E 595 45.00 -21.14 -10.81
N ASN E 596 44.34 -20.47 -9.88
CA ASN E 596 44.73 -20.58 -8.47
C ASN E 596 44.51 -21.98 -7.93
N LEU E 597 43.51 -22.70 -8.44
CA LEU E 597 43.32 -24.09 -8.05
C LEU E 597 44.47 -24.96 -8.52
N GLN E 598 44.97 -24.71 -9.73
CA GLN E 598 46.01 -25.55 -10.30
C GLN E 598 47.28 -25.53 -9.43
N ILE E 599 47.69 -24.35 -8.98
CA ILE E 599 48.83 -24.27 -8.09
C ILE E 599 48.49 -24.81 -6.71
N ASP E 600 47.24 -24.66 -6.27
CA ASP E 600 46.84 -25.13 -4.95
C ASP E 600 46.81 -26.65 -4.89
N CYS E 601 46.28 -27.30 -5.94
CA CYS E 601 46.21 -28.75 -5.94
C CYS E 601 47.58 -29.37 -6.20
N ASP E 602 48.35 -28.79 -7.12
CA ASP E 602 49.63 -29.35 -7.53
C ASP E 602 50.77 -28.98 -6.59
N SER E 603 50.81 -27.73 -6.11
CA SER E 603 51.92 -27.28 -5.28
C SER E 603 51.48 -26.51 -4.04
N GLY E 604 50.18 -26.37 -3.80
CA GLY E 604 49.67 -25.66 -2.65
C GLY E 604 49.44 -26.57 -1.47
N ALA E 605 48.51 -26.15 -0.59
CA ALA E 605 48.19 -26.95 0.58
C ALA E 605 47.59 -28.30 0.19
N LEU E 606 46.73 -28.31 -0.84
CA LEU E 606 46.10 -29.54 -1.29
C LEU E 606 47.10 -30.54 -1.87
N SER E 607 48.32 -30.10 -2.19
CA SER E 607 49.33 -31.02 -2.72
C SER E 607 49.72 -32.07 -1.67
N ASP E 608 49.85 -31.66 -0.42
CA ASP E 608 50.27 -32.58 0.62
C ASP E 608 49.12 -33.48 1.05
N PRO E 609 49.24 -34.81 0.92
CA PRO E 609 48.19 -35.71 1.40
C PRO E 609 48.43 -36.26 2.80
N THR E 610 49.60 -36.01 3.40
CA THR E 610 49.87 -36.51 4.74
C THR E 610 48.92 -35.91 5.76
N VAL E 611 48.68 -34.60 5.67
CA VAL E 611 47.73 -33.94 6.56
C VAL E 611 46.30 -34.35 6.28
N PHE E 612 46.02 -34.89 5.09
CA PHE E 612 44.68 -35.34 4.76
C PHE E 612 44.29 -36.53 5.64
N HIS E 613 43.03 -36.55 6.05
CA HIS E 613 42.53 -37.71 6.77
C HIS E 613 42.41 -38.91 5.82
N PRO E 614 42.52 -40.13 6.34
CA PRO E 614 42.35 -41.30 5.46
C PRO E 614 41.01 -41.34 4.75
N ASP E 615 39.95 -40.90 5.42
CA ASP E 615 38.63 -40.84 4.82
C ASP E 615 38.35 -39.43 4.28
N ASP E 616 39.27 -38.95 3.44
CA ASP E 616 39.14 -37.64 2.82
C ASP E 616 39.20 -37.84 1.30
N LYS E 617 38.02 -37.97 0.68
CA LYS E 617 37.92 -38.19 -0.75
C LYS E 617 38.01 -36.90 -1.56
N ILE E 618 38.47 -35.80 -0.94
CA ILE E 618 38.55 -34.53 -1.65
C ILE E 618 39.58 -34.61 -2.78
N LEU E 619 40.69 -35.31 -2.55
CA LEU E 619 41.69 -35.46 -3.59
C LEU E 619 41.19 -36.33 -4.73
N SER E 620 40.47 -37.40 -4.41
CA SER E 620 39.98 -38.33 -5.41
C SER E 620 38.88 -37.75 -6.30
N VAL E 621 38.33 -36.60 -5.94
CA VAL E 621 37.24 -35.99 -6.70
C VAL E 621 37.74 -34.83 -7.55
N ILE E 622 38.62 -34.00 -6.99
CA ILE E 622 39.06 -32.80 -7.71
C ILE E 622 39.88 -33.18 -8.95
N LEU E 623 40.73 -34.20 -8.83
CA LEU E 623 41.62 -34.55 -9.95
C LEU E 623 40.85 -35.00 -11.19
N PRO E 624 39.90 -35.93 -11.13
CA PRO E 624 39.15 -36.27 -12.36
C PRO E 624 38.38 -35.09 -12.93
N TRP E 625 37.84 -34.21 -12.06
CA TRP E 625 37.08 -33.07 -12.53
C TRP E 625 37.97 -31.97 -13.09
N LEU E 626 39.15 -31.76 -12.49
CA LEU E 626 40.02 -30.67 -12.94
C LEU E 626 40.50 -30.91 -14.35
N MET E 627 40.80 -32.17 -14.70
CA MET E 627 41.10 -32.50 -16.09
C MET E 627 39.93 -32.17 -17.01
N GLU E 628 38.72 -32.56 -16.62
CA GLU E 628 37.54 -32.26 -17.43
C GLU E 628 37.26 -30.76 -17.46
N GLY E 629 37.40 -30.09 -16.31
CA GLY E 629 37.17 -28.65 -16.28
C GLY E 629 38.14 -27.89 -17.15
N THR E 630 39.38 -28.37 -17.24
CA THR E 630 40.38 -27.72 -18.09
C THR E 630 39.98 -27.81 -19.56
N LYS E 631 39.37 -28.93 -19.97
CA LYS E 631 38.93 -29.06 -21.35
C LYS E 631 37.80 -28.09 -21.67
N LYS E 632 36.96 -27.80 -20.68
CA LYS E 632 35.96 -26.74 -20.83
C LYS E 632 36.56 -25.37 -20.58
N MET E 633 37.78 -25.31 -20.03
CA MET E 633 38.37 -24.05 -19.59
C MET E 633 38.79 -23.21 -20.78
N ASP E 634 39.57 -23.78 -21.70
CA ASP E 634 40.03 -23.04 -22.87
C ASP E 634 38.88 -22.65 -23.78
N PHE E 635 37.80 -23.44 -23.80
CA PHE E 635 36.63 -23.07 -24.59
C PHE E 635 36.06 -21.74 -24.13
N LEU E 636 35.95 -21.56 -22.81
CA LEU E 636 35.57 -20.25 -22.28
C LEU E 636 36.63 -19.20 -22.58
N LYS E 637 37.91 -19.59 -22.49
CA LYS E 637 38.98 -18.64 -22.77
C LYS E 637 38.95 -18.17 -24.22
N GLU E 638 38.73 -19.08 -25.17
CA GLU E 638 38.72 -18.69 -26.57
C GLU E 638 37.42 -17.98 -26.93
N HIS E 639 36.32 -18.34 -26.28
CA HIS E 639 35.07 -17.62 -26.50
C HIS E 639 35.20 -16.15 -26.10
N LEU E 640 35.89 -15.88 -24.99
CA LEU E 640 36.03 -14.51 -24.52
C LEU E 640 36.77 -13.66 -25.55
N ARG E 641 37.85 -14.20 -26.12
CA ARG E 641 38.64 -13.42 -27.08
C ARG E 641 37.88 -13.22 -28.38
N THR E 642 37.11 -14.23 -28.81
CA THR E 642 36.34 -14.10 -30.05
C THR E 642 35.33 -12.97 -29.94
N MET E 643 34.54 -12.95 -28.85
CA MET E 643 33.52 -11.92 -28.71
C MET E 643 34.15 -10.55 -28.52
N ASN E 644 35.25 -10.48 -27.77
CA ASN E 644 35.96 -9.21 -27.62
C ASN E 644 36.46 -8.72 -28.97
N THR E 645 37.02 -9.61 -29.79
CA THR E 645 37.40 -9.25 -31.15
C THR E 645 36.18 -8.91 -31.99
N THR E 646 35.12 -9.71 -31.86
CA THR E 646 33.92 -9.48 -32.66
C THR E 646 33.29 -8.13 -32.35
N LEU E 647 33.17 -7.78 -31.07
CA LEU E 647 32.65 -6.46 -30.73
C LEU E 647 33.61 -5.36 -31.18
N ASN E 648 34.92 -5.57 -31.01
CA ASN E 648 35.89 -4.54 -31.35
C ASN E 648 35.89 -4.24 -32.84
N ASN E 649 35.83 -5.27 -33.68
CA ASN E 649 35.87 -5.05 -35.13
C ASN E 649 34.62 -4.30 -35.59
N ALA E 650 33.45 -4.66 -35.06
CA ALA E 650 32.21 -4.10 -35.56
C ALA E 650 31.93 -2.70 -35.02
N MET E 651 32.62 -2.29 -33.96
CA MET E 651 32.39 -0.97 -33.37
C MET E 651 33.32 0.07 -33.98
N ARG E 652 34.58 -0.30 -34.24
CA ARG E 652 35.45 0.57 -35.02
C ARG E 652 34.92 0.76 -36.43
N TYR E 653 34.19 -0.24 -36.95
CA TYR E 653 33.45 -0.05 -38.19
C TYR E 653 32.42 1.06 -38.05
N PHE E 654 31.78 1.18 -36.88
CA PHE E 654 30.82 2.24 -36.63
C PHE E 654 31.45 3.48 -35.99
N GLY E 655 32.74 3.44 -35.67
CA GLY E 655 33.53 4.63 -35.44
C GLY E 655 33.61 5.18 -34.02
N GLU E 656 32.96 4.56 -33.04
CA GLU E 656 33.13 5.01 -31.66
C GLU E 656 34.40 4.42 -31.04
N GLN E 657 34.70 4.88 -29.83
CA GLN E 657 36.04 4.71 -29.25
C GLN E 657 36.15 3.36 -28.54
N PRO E 658 37.12 2.48 -28.91
CA PRO E 658 37.30 1.23 -28.16
C PRO E 658 37.83 1.42 -26.74
N ASN E 659 38.64 2.47 -26.53
CA ASN E 659 39.30 2.63 -25.25
C ASN E 659 38.35 3.16 -24.17
N ASP E 660 37.21 3.69 -24.56
CA ASP E 660 36.27 4.24 -23.58
C ASP E 660 35.43 3.13 -22.96
N PRO E 661 35.50 2.92 -21.66
CA PRO E 661 34.59 1.95 -21.01
C PRO E 661 33.12 2.34 -21.15
N ASN E 662 32.82 3.64 -21.16
CA ASN E 662 31.43 4.08 -21.26
C ASN E 662 30.80 3.64 -22.57
N SER E 663 31.54 3.79 -23.69
CA SER E 663 31.02 3.36 -24.98
C SER E 663 30.82 1.85 -25.04
N LYS E 664 31.72 1.08 -24.44
CA LYS E 664 31.59 -0.37 -24.45
C LYS E 664 30.29 -0.82 -23.78
N ASN E 665 29.97 -0.25 -22.62
CA ASN E 665 28.75 -0.63 -21.92
C ASN E 665 27.52 -0.17 -22.68
N LEU E 666 27.49 1.09 -23.11
CA LEU E 666 26.35 1.64 -23.83
C LEU E 666 26.67 1.67 -25.32
N PHE E 667 26.55 0.50 -25.94
CA PHE E 667 26.59 0.36 -27.40
C PHE E 667 25.30 -0.18 -27.97
N PHE E 668 24.84 -1.34 -27.50
CA PHE E 668 23.57 -1.86 -28.00
C PHE E 668 22.39 -1.06 -27.46
N LYS E 669 22.51 -0.54 -26.24
CA LYS E 669 21.42 0.22 -25.64
C LYS E 669 21.11 1.48 -26.43
N ARG E 670 22.15 2.21 -26.87
CA ARG E 670 21.92 3.40 -27.66
C ARG E 670 21.26 3.08 -28.99
N VAL E 671 21.69 1.99 -29.63
CA VAL E 671 21.03 1.53 -30.85
C VAL E 671 19.61 1.08 -30.55
N ASP E 672 19.43 0.32 -29.47
CA ASP E 672 18.09 -0.12 -29.08
C ASP E 672 17.21 1.07 -28.72
N SER E 673 17.81 2.12 -28.14
CA SER E 673 17.04 3.31 -27.80
C SER E 673 16.40 3.91 -29.03
N PHE E 674 17.12 3.93 -30.16
CA PHE E 674 16.51 4.37 -31.41
C PHE E 674 15.40 3.44 -31.86
N ILE E 675 15.58 2.13 -31.69
CA ILE E 675 14.61 1.17 -32.19
C ILE E 675 13.25 1.38 -31.52
N ILE E 676 13.24 1.53 -30.19
CA ILE E 676 11.97 1.74 -29.49
C ILE E 676 11.40 3.11 -29.83
N ASP E 677 12.25 4.13 -29.98
CA ASP E 677 11.76 5.45 -30.35
C ASP E 677 11.11 5.42 -31.73
N TYR E 678 11.72 4.72 -32.68
CA TYR E 678 11.12 4.60 -34.00
C TYR E 678 9.79 3.85 -33.93
N SER E 679 9.74 2.78 -33.14
CA SER E 679 8.50 2.01 -33.03
C SER E 679 7.38 2.84 -32.40
N LYS E 680 7.70 3.61 -31.36
CA LYS E 680 6.69 4.48 -30.76
C LYS E 680 6.25 5.56 -31.75
N ALA E 681 7.20 6.13 -32.48
CA ALA E 681 6.84 7.10 -33.53
C ALA E 681 6.04 6.45 -34.63
N ARG E 682 6.41 5.23 -35.03
CA ARG E 682 5.67 4.52 -36.06
C ARG E 682 4.25 4.20 -35.59
N SER E 683 4.10 3.74 -34.34
CA SER E 683 2.78 3.45 -33.81
C SER E 683 1.94 4.72 -33.70
N ASP E 684 2.57 5.82 -33.27
CA ASP E 684 1.84 7.08 -33.14
C ASP E 684 1.34 7.58 -34.48
N ASN E 685 2.18 7.49 -35.52
CA ASN E 685 1.79 7.98 -36.83
C ASN E 685 0.61 7.20 -37.38
N LEU E 686 0.63 5.87 -37.23
CA LEU E 686 -0.52 5.06 -37.64
C LEU E 686 -1.76 5.42 -36.82
N LYS E 687 -1.60 5.58 -35.51
CA LYS E 687 -2.73 5.95 -34.66
C LYS E 687 -3.21 7.37 -34.95
N SER E 688 -2.33 8.20 -35.51
CA SER E 688 -2.73 9.57 -35.82
C SER E 688 -3.49 9.66 -37.13
N GLU E 689 -3.16 8.81 -38.11
CA GLU E 689 -3.68 8.99 -39.45
C GLU E 689 -4.95 8.19 -39.68
N GLU E 690 -4.98 6.91 -39.25
CA GLU E 690 -6.08 6.04 -39.63
C GLU E 690 -7.40 6.47 -39.00
N GLU E 691 -7.37 7.01 -37.78
CA GLU E 691 -8.59 7.57 -37.20
C GLU E 691 -9.07 8.78 -37.98
N GLU E 692 -8.15 9.64 -38.41
CA GLU E 692 -8.53 10.79 -39.22
C GLU E 692 -9.13 10.36 -40.55
N ALA E 693 -8.52 9.36 -41.20
CA ALA E 693 -9.06 8.85 -42.45
C ALA E 693 -10.40 8.16 -42.24
N SER E 694 -10.55 7.42 -41.14
CA SER E 694 -11.80 6.72 -40.88
C SER E 694 -12.95 7.70 -40.66
N GLN E 695 -12.68 8.83 -39.99
CA GLN E 695 -13.73 9.81 -39.75
C GLN E 695 -14.25 10.40 -41.05
N HIS E 696 -13.35 10.68 -42.00
CA HIS E 696 -13.78 11.26 -43.26
C HIS E 696 -14.63 10.28 -44.07
N ARG E 697 -14.29 8.99 -44.02
CA ARG E 697 -15.07 8.00 -44.75
C ARG E 697 -16.50 7.92 -44.23
N ARG E 698 -16.69 7.98 -42.92
CA ARG E 698 -18.03 7.92 -42.34
C ARG E 698 -18.74 9.26 -42.49
N PRO F 220 63.53 29.19 -24.12
CA PRO F 220 62.26 28.64 -24.59
C PRO F 220 62.26 28.36 -26.10
N PRO F 221 61.51 27.35 -26.53
CA PRO F 221 61.44 27.03 -27.97
C PRO F 221 60.73 28.13 -28.73
N PRO F 222 60.89 28.17 -30.05
CA PRO F 222 60.23 29.23 -30.83
C PRO F 222 58.73 29.13 -30.70
N PRO F 223 58.04 30.26 -30.66
CA PRO F 223 56.58 30.26 -30.45
C PRO F 223 55.82 30.19 -31.75
N PRO F 224 54.63 29.60 -31.73
CA PRO F 224 53.81 29.51 -32.95
C PRO F 224 53.12 30.83 -33.24
N PRO F 225 52.47 30.97 -34.40
CA PRO F 225 51.74 32.20 -34.69
C PRO F 225 50.59 32.43 -33.74
N LEU F 226 50.27 33.69 -33.50
CA LEU F 226 49.14 34.08 -32.67
C LEU F 226 47.83 33.74 -33.37
N PRO F 227 46.73 33.57 -32.61
CA PRO F 227 45.41 33.32 -33.22
C PRO F 227 44.99 34.41 -34.19
N ARG F 297 21.49 20.62 -53.68
CA ARG F 297 20.35 21.51 -53.48
C ARG F 297 20.30 21.99 -52.03
N ARG F 298 19.99 23.27 -51.85
CA ARG F 298 19.94 23.88 -50.53
C ARG F 298 18.59 24.54 -50.28
N PRO F 299 18.14 24.60 -49.03
CA PRO F 299 16.84 25.23 -48.76
C PRO F 299 16.87 26.73 -48.98
N THR F 300 15.71 27.27 -49.34
CA THR F 300 15.59 28.70 -49.59
C THR F 300 15.51 29.52 -48.30
N ARG F 301 15.19 28.89 -47.18
CA ARG F 301 15.02 29.59 -45.91
C ARG F 301 15.74 28.83 -44.81
N ARG F 302 16.13 29.56 -43.77
CA ARG F 302 16.83 28.95 -42.65
C ARG F 302 15.86 28.14 -41.80
N LEU F 303 16.20 26.88 -41.56
CA LEU F 303 15.35 25.95 -40.84
C LEU F 303 16.04 25.49 -39.55
N LYS F 304 15.37 24.58 -38.84
CA LYS F 304 15.88 24.08 -37.57
C LYS F 304 17.22 23.39 -37.77
N GLN F 305 18.18 23.70 -36.91
CA GLN F 305 19.49 23.08 -36.99
C GLN F 305 19.51 21.83 -36.12
N MET F 306 19.81 20.68 -36.74
CA MET F 306 19.98 19.42 -36.01
C MET F 306 21.48 19.22 -35.84
N HIS F 307 21.94 19.31 -34.59
CA HIS F 307 23.36 19.17 -34.31
C HIS F 307 23.70 17.70 -34.06
N TRP F 308 24.98 17.37 -34.18
CA TRP F 308 25.47 16.02 -33.91
C TRP F 308 26.89 16.10 -33.37
N GLU F 309 27.41 14.95 -32.96
CA GLU F 309 28.70 14.83 -32.29
C GLU F 309 29.85 14.63 -33.28
N LYS F 310 29.55 14.57 -34.58
CA LYS F 310 30.53 14.30 -35.63
C LYS F 310 31.10 12.89 -35.47
N LEU F 311 32.16 12.58 -36.20
CA LEU F 311 32.83 11.29 -36.11
C LEU F 311 34.06 11.43 -35.22
N ASN F 312 34.28 10.41 -34.39
CA ASN F 312 35.47 10.38 -33.54
C ASN F 312 36.72 10.41 -34.41
N SER F 313 37.57 11.41 -34.17
CA SER F 313 38.74 11.66 -35.02
C SER F 313 38.29 11.86 -36.46
N GLY F 314 38.61 10.90 -37.33
CA GLY F 314 38.20 10.94 -38.72
C GLY F 314 37.54 9.64 -39.13
N LEU F 315 37.02 9.65 -40.36
CA LEU F 315 36.39 8.47 -40.93
C LEU F 315 37.45 7.53 -41.52
N GLU F 316 38.46 7.23 -40.72
CA GLU F 316 39.56 6.38 -41.19
C GLU F 316 39.11 4.96 -41.43
N PHE F 317 38.28 4.42 -40.54
CA PHE F 317 37.80 3.04 -40.64
C PHE F 317 36.29 2.91 -40.69
N THR F 318 35.56 4.02 -40.58
CA THR F 318 34.10 3.95 -40.57
C THR F 318 33.57 3.58 -41.95
N PHE F 319 32.34 3.07 -41.96
CA PHE F 319 31.67 2.76 -43.22
C PHE F 319 31.28 4.01 -43.99
N TRP F 320 31.37 5.19 -43.37
CA TRP F 320 31.12 6.44 -44.08
C TRP F 320 32.13 6.65 -45.21
N THR F 321 33.34 6.12 -45.05
CA THR F 321 34.34 6.25 -46.11
C THR F 321 33.90 5.54 -47.38
N GLY F 322 33.32 4.35 -47.25
CA GLY F 322 32.87 3.57 -48.38
C GLY F 322 31.78 4.26 -49.17
N PRO F 323 32.08 4.62 -50.42
CA PRO F 323 31.08 5.29 -51.27
C PRO F 323 30.23 4.29 -52.05
N SER F 324 29.45 3.51 -51.32
CA SER F 324 28.61 2.48 -51.94
C SER F 324 27.54 3.12 -52.82
N ASP F 325 27.25 2.45 -53.94
CA ASP F 325 26.18 2.90 -54.81
C ASP F 325 24.81 2.81 -54.14
N GLU F 326 24.71 2.07 -53.04
CA GLU F 326 23.48 2.07 -52.25
C GLU F 326 23.19 3.47 -51.72
N ALA F 327 24.23 4.18 -51.27
CA ALA F 327 24.03 5.55 -50.81
C ALA F 327 23.82 6.51 -51.98
N ASN F 328 24.41 6.20 -53.15
CA ASN F 328 24.27 7.09 -54.30
C ASN F 328 22.82 7.19 -54.76
N LYS F 329 22.11 6.06 -54.79
CA LYS F 329 20.71 6.09 -55.22
C LYS F 329 19.82 6.81 -54.22
N ILE F 330 20.27 6.95 -52.97
CA ILE F 330 19.49 7.71 -51.99
C ILE F 330 19.51 9.19 -52.33
N LEU F 331 20.68 9.71 -52.73
CA LEU F 331 20.79 11.14 -53.00
C LEU F 331 19.92 11.55 -54.19
N GLU F 332 19.89 10.73 -55.25
CA GLU F 332 19.02 11.03 -56.37
C GLU F 332 17.55 10.85 -56.02
N THR F 333 17.23 9.90 -55.14
CA THR F 333 15.84 9.68 -54.74
C THR F 333 15.28 10.88 -53.98
N LEU F 334 16.06 11.42 -53.04
CA LEU F 334 15.58 12.55 -52.25
C LEU F 334 15.41 13.80 -53.11
N HIS F 335 16.30 13.99 -54.09
CA HIS F 335 16.18 15.12 -54.99
C HIS F 335 14.93 15.04 -55.85
N THR F 336 14.38 13.84 -56.04
CA THR F 336 13.15 13.66 -56.80
C THR F 336 11.92 13.57 -55.91
N SER F 337 12.03 12.96 -54.73
CA SER F 337 10.90 12.83 -53.83
C SER F 337 10.51 14.19 -53.25
N GLY F 338 9.21 14.37 -53.05
CA GLY F 338 8.70 15.61 -52.49
C GLY F 338 8.84 15.69 -50.99
N VAL F 339 10.07 15.55 -50.50
CA VAL F 339 10.36 15.58 -49.07
C VAL F 339 11.03 16.88 -48.68
N LEU F 340 12.02 17.32 -49.46
CA LEU F 340 12.73 18.57 -49.15
C LEU F 340 11.80 19.77 -49.23
N ASP F 341 10.85 19.76 -50.17
CA ASP F 341 9.91 20.87 -50.29
C ASP F 341 9.04 21.01 -49.05
N GLU F 342 8.52 19.88 -48.54
CA GLU F 342 7.74 19.92 -47.31
C GLU F 342 8.59 20.35 -46.12
N LEU F 343 9.89 20.04 -46.15
CA LEU F 343 10.77 20.40 -45.05
C LEU F 343 10.87 21.91 -44.89
N ASP F 344 10.89 22.64 -46.00
CA ASP F 344 10.98 24.10 -45.92
C ASP F 344 9.75 24.70 -45.24
N GLU F 345 8.56 24.16 -45.54
CA GLU F 345 7.33 24.73 -45.02
C GLU F 345 7.14 24.42 -43.54
N SER F 346 7.47 23.19 -43.13
CA SER F 346 7.12 22.72 -41.80
C SER F 346 8.12 23.13 -40.72
N PHE F 347 9.42 23.15 -41.05
CA PHE F 347 10.47 23.28 -40.04
C PHE F 347 11.22 24.60 -40.14
N ALA F 348 10.56 25.66 -40.59
CA ALA F 348 11.17 26.99 -40.58
C ALA F 348 11.21 27.52 -39.15
N MET F 349 12.35 28.08 -38.76
CA MET F 349 12.48 28.60 -37.40
C MET F 349 11.65 29.86 -37.24
N LYS F 350 11.31 30.16 -35.98
CA LYS F 350 10.51 31.34 -35.65
C LYS F 350 11.42 32.55 -35.41
N GLU F 351 12.19 32.87 -36.45
CA GLU F 351 13.13 34.01 -36.47
C GLU F 351 14.04 33.90 -35.26
N ALA F 352 14.36 35.01 -34.57
CA ALA F 352 15.26 34.95 -33.43
C ALA F 352 14.63 35.59 -32.19
N LYS F 353 13.88 36.67 -32.40
CA LYS F 353 13.17 37.37 -31.33
C LYS F 353 14.17 37.92 -30.30
N THR F 354 15.45 37.99 -30.69
CA THR F 354 16.48 38.50 -29.80
C THR F 354 16.23 39.98 -29.49
N LEU F 355 16.56 40.37 -28.27
CA LEU F 355 16.33 41.74 -27.83
C LEU F 355 17.42 42.21 -26.87
N THR F 363 27.53 53.99 -20.15
CA THR F 363 28.42 54.82 -19.36
C THR F 363 28.28 54.51 -17.87
N ASP F 364 28.36 53.23 -17.53
CA ASP F 364 28.24 52.77 -16.16
C ASP F 364 29.64 52.58 -15.58
N TYR F 365 30.09 53.55 -14.78
CA TYR F 365 31.39 53.44 -14.12
C TYR F 365 31.43 52.34 -13.07
N MET F 366 30.27 51.94 -12.55
CA MET F 366 30.22 50.97 -11.46
C MET F 366 30.76 49.62 -11.91
N SER F 367 31.49 48.96 -11.00
CA SER F 367 32.13 47.69 -11.32
C SER F 367 31.08 46.63 -11.64
N SER F 368 31.46 45.71 -12.52
CA SER F 368 30.51 44.69 -13.00
C SER F 368 30.00 43.83 -11.86
N GLU F 369 30.88 43.44 -10.93
CA GLU F 369 30.48 42.56 -9.85
C GLU F 369 29.49 43.25 -8.92
N LEU F 370 29.67 44.54 -8.67
CA LEU F 370 28.94 45.23 -7.61
C LEU F 370 27.45 45.41 -7.92
N GLN F 371 27.07 45.58 -9.19
CA GLN F 371 25.64 45.69 -9.50
C GLN F 371 24.89 44.44 -9.05
N LYS F 372 25.56 43.30 -9.04
CA LYS F 372 24.94 42.07 -8.55
C LYS F 372 24.56 42.20 -7.08
N LEU F 373 25.46 42.77 -6.27
CA LEU F 373 25.24 42.80 -4.83
C LEU F 373 24.16 43.79 -4.43
N PHE F 374 24.12 44.96 -5.10
CA PHE F 374 23.13 45.97 -4.73
C PHE F 374 21.71 45.50 -4.97
N GLY F 375 21.46 44.84 -6.11
CA GLY F 375 20.12 44.37 -6.41
C GLY F 375 19.66 43.25 -5.48
N ILE F 376 20.61 42.51 -4.90
CA ILE F 376 20.26 41.42 -4.00
C ILE F 376 19.57 41.95 -2.75
N HIS F 377 20.11 43.01 -2.16
CA HIS F 377 19.68 43.42 -0.82
C HIS F 377 18.51 44.39 -0.88
N PHE F 378 18.51 45.29 -1.87
CA PHE F 378 17.45 46.29 -2.01
C PHE F 378 16.37 45.85 -2.98
N HIS F 379 16.10 44.55 -3.04
CA HIS F 379 15.06 44.01 -3.90
C HIS F 379 13.67 44.51 -3.53
N LYS F 380 13.41 44.74 -2.24
CA LYS F 380 12.10 45.17 -1.79
C LYS F 380 11.71 46.55 -2.31
N LEU F 381 12.66 47.30 -2.85
CA LEU F 381 12.48 48.70 -3.20
C LEU F 381 12.69 48.92 -4.69
N SER F 382 12.45 47.88 -5.50
CA SER F 382 12.67 47.98 -6.93
C SER F 382 11.72 48.98 -7.59
N HIS F 383 10.47 49.00 -7.13
CA HIS F 383 9.45 49.87 -7.72
C HIS F 383 9.62 51.33 -7.34
N LYS F 384 10.51 51.66 -6.41
CA LYS F 384 10.67 53.02 -5.93
C LYS F 384 11.89 53.68 -6.56
N ASN F 385 11.76 54.97 -6.85
CA ASN F 385 12.81 55.73 -7.51
C ASN F 385 13.98 55.97 -6.56
N PRO F 386 15.15 56.32 -7.08
CA PRO F 386 16.28 56.64 -6.19
C PRO F 386 15.98 57.76 -5.20
N ASN F 387 15.15 58.73 -5.58
CA ASN F 387 14.82 59.81 -4.66
C ASN F 387 14.00 59.29 -3.47
N GLU F 388 13.19 58.26 -3.69
CA GLU F 388 12.40 57.71 -2.59
C GLU F 388 13.26 56.89 -1.64
N ILE F 389 14.16 56.06 -2.18
CA ILE F 389 14.94 55.16 -1.33
C ILE F 389 16.06 55.91 -0.63
N ILE F 390 16.51 57.04 -1.20
CA ILE F 390 17.53 57.84 -0.53
C ILE F 390 16.96 58.51 0.73
N ARG F 391 15.64 58.64 0.82
CA ARG F 391 15.02 59.32 1.94
C ARG F 391 14.73 58.40 3.11
N MET F 392 14.16 57.23 2.86
CA MET F 392 13.77 56.34 3.95
C MET F 392 14.99 55.80 4.71
N ILE F 393 16.12 55.66 4.03
CA ILE F 393 17.31 55.12 4.69
C ILE F 393 17.80 56.05 5.78
N LEU F 394 17.67 57.36 5.56
CA LEU F 394 18.10 58.33 6.57
C LEU F 394 17.19 58.33 7.79
N HIS F 395 16.00 57.74 7.71
CA HIS F 395 15.08 57.70 8.84
C HIS F 395 15.47 56.66 9.89
N CYS F 396 16.40 55.77 9.57
CA CYS F 396 16.78 54.68 10.48
C CYS F 396 15.56 53.87 10.92
N ASP F 397 14.69 53.57 9.96
CA ASP F 397 13.46 52.83 10.26
C ASP F 397 13.76 51.36 10.51
N ASP F 398 12.76 50.66 11.05
CA ASP F 398 12.92 49.24 11.36
C ASP F 398 12.91 48.36 10.11
N SER F 399 12.37 48.86 8.99
CA SER F 399 12.14 48.01 7.83
C SER F 399 13.42 47.64 7.08
N MET F 400 14.53 48.33 7.32
CA MET F 400 15.79 48.02 6.67
C MET F 400 16.95 47.88 7.66
N ASN F 401 16.65 47.35 8.85
CA ASN F 401 17.71 47.02 9.80
C ASN F 401 18.65 45.96 9.25
N GLU F 402 18.23 45.24 8.23
CA GLU F 402 19.07 44.22 7.60
C GLU F 402 19.88 44.77 6.43
N CYS F 403 19.27 45.62 5.60
CA CYS F 403 19.97 46.13 4.43
C CYS F 403 21.11 47.07 4.81
N VAL F 404 20.98 47.79 5.92
CA VAL F 404 22.03 48.69 6.36
C VAL F 404 23.31 47.95 6.68
N GLU F 405 23.22 46.66 7.04
CA GLU F 405 24.42 45.89 7.32
C GLU F 405 25.18 45.58 6.03
N PHE F 406 24.46 45.38 4.93
CA PHE F 406 25.12 45.09 3.66
C PHE F 406 25.97 46.27 3.20
N LEU F 407 25.43 47.49 3.29
CA LEU F 407 26.22 48.67 2.95
C LEU F 407 27.29 48.95 4.01
N SER F 408 27.26 48.24 5.12
CA SER F 408 28.26 48.35 6.17
C SER F 408 29.49 47.48 5.90
N SER F 409 29.47 46.66 4.85
CA SER F 409 30.57 45.75 4.59
C SER F 409 31.78 46.47 4.02
N ASP F 410 32.93 45.79 4.08
CA ASP F 410 34.15 46.34 3.52
C ASP F 410 34.12 46.34 2.00
N LYS F 411 33.37 45.42 1.38
CA LYS F 411 33.33 45.32 -0.07
C LYS F 411 32.82 46.62 -0.69
N VAL F 412 31.71 47.16 -0.17
CA VAL F 412 31.15 48.38 -0.73
C VAL F 412 32.03 49.58 -0.43
N LEU F 413 32.62 49.63 0.77
CA LEU F 413 33.42 50.79 1.15
C LEU F 413 34.77 50.80 0.45
N ASN F 414 35.42 49.64 0.34
CA ASN F 414 36.76 49.56 -0.24
C ASN F 414 36.63 49.45 -1.76
N GLN F 415 36.35 50.58 -2.38
CA GLN F 415 36.29 50.69 -3.85
C GLN F 415 36.95 52.01 -4.25
N PRO F 416 38.28 52.07 -4.21
CA PRO F 416 38.96 53.34 -4.50
C PRO F 416 38.71 53.86 -5.91
N LYS F 417 38.57 52.98 -6.90
CA LYS F 417 38.47 53.45 -8.28
C LYS F 417 37.14 54.14 -8.55
N LEU F 418 36.04 53.59 -8.03
CA LEU F 418 34.75 54.26 -8.19
C LEU F 418 34.71 55.58 -7.43
N LYS F 419 35.31 55.63 -6.24
CA LYS F 419 35.28 56.85 -5.46
C LYS F 419 35.94 58.00 -6.21
N ALA F 420 37.00 57.71 -6.97
CA ALA F 420 37.57 58.73 -7.85
C ALA F 420 36.63 59.06 -9.00
N ASP F 421 35.96 58.04 -9.55
CA ASP F 421 35.07 58.27 -10.69
C ASP F 421 33.86 59.11 -10.31
N LEU F 422 33.22 58.80 -9.18
CA LEU F 422 32.04 59.51 -8.72
C LEU F 422 32.37 60.75 -7.90
N GLU F 423 33.66 61.03 -7.67
CA GLU F 423 34.04 62.22 -6.92
C GLU F 423 33.59 63.51 -7.59
N PRO F 424 33.75 63.71 -8.91
CA PRO F 424 33.24 64.95 -9.51
C PRO F 424 31.73 65.10 -9.40
N TYR F 425 31.00 64.01 -9.25
CA TYR F 425 29.55 64.05 -9.08
C TYR F 425 29.13 64.30 -7.63
N ARG F 426 30.07 64.33 -6.70
CA ARG F 426 29.72 64.50 -5.30
C ARG F 426 29.26 65.94 -5.02
N ILE F 427 28.40 66.06 -4.02
CA ILE F 427 27.92 67.35 -3.53
C ILE F 427 28.60 67.63 -2.20
N ASP F 428 29.26 68.78 -2.10
CA ASP F 428 29.98 69.16 -0.89
C ASP F 428 28.96 69.55 0.17
N TRP F 429 28.39 68.54 0.83
CA TRP F 429 27.38 68.78 1.86
C TRP F 429 27.97 69.27 3.17
N ALA F 430 29.28 69.10 3.36
CA ALA F 430 29.92 69.57 4.60
C ALA F 430 29.80 71.08 4.74
N ASN F 431 30.03 71.82 3.65
CA ASN F 431 29.88 73.26 3.64
C ASN F 431 29.26 73.69 2.31
N GLY F 432 28.32 74.61 2.37
CA GLY F 432 27.63 75.12 1.18
C GLY F 432 26.52 74.23 0.66
N GLY F 433 26.70 72.92 0.72
CA GLY F 433 25.72 71.99 0.18
C GLY F 433 25.53 72.12 -1.31
N ASP F 434 26.62 72.29 -2.06
CA ASP F 434 26.55 72.52 -3.49
C ASP F 434 27.46 71.54 -4.21
N LEU F 435 27.16 71.33 -5.49
CA LEU F 435 27.97 70.45 -6.32
C LEU F 435 29.39 71.00 -6.47
N VAL F 436 30.37 70.10 -6.40
CA VAL F 436 31.77 70.51 -6.50
C VAL F 436 32.07 71.07 -7.88
N ASN F 437 31.63 70.39 -8.93
CA ASN F 437 31.88 70.82 -10.29
C ASN F 437 30.69 71.62 -10.82
N SER F 438 30.69 71.91 -12.12
CA SER F 438 29.73 72.85 -12.67
C SER F 438 28.36 72.23 -12.94
N GLU F 439 28.28 71.25 -13.86
CA GLU F 439 27.01 70.66 -14.22
C GLU F 439 26.81 69.27 -13.61
N LYS F 440 27.65 68.31 -13.97
CA LYS F 440 27.69 66.95 -13.41
C LYS F 440 26.29 66.42 -13.07
N ASP F 441 25.45 66.38 -14.10
CA ASP F 441 24.08 65.94 -13.91
C ASP F 441 24.01 64.52 -13.35
N ALA F 442 23.12 64.31 -12.38
CA ALA F 442 22.97 63.00 -11.75
C ALA F 442 21.94 62.12 -12.44
N SER F 443 21.16 62.67 -13.36
CA SER F 443 20.21 61.84 -14.10
C SER F 443 20.91 60.92 -15.08
N GLU F 444 22.06 61.34 -15.63
CA GLU F 444 22.82 60.49 -16.53
C GLU F 444 23.31 59.22 -15.85
N LEU F 445 23.59 59.27 -14.56
CA LEU F 445 24.01 58.08 -13.83
C LEU F 445 22.88 57.06 -13.76
N SER F 446 23.24 55.80 -13.61
CA SER F 446 22.25 54.73 -13.57
C SER F 446 21.53 54.74 -12.22
N ARG F 447 20.68 53.72 -12.03
CA ARG F 447 19.88 53.66 -10.80
C ARG F 447 20.75 53.51 -9.56
N TRP F 448 21.67 52.53 -9.58
CA TRP F 448 22.52 52.31 -8.42
C TRP F 448 23.67 53.30 -8.35
N ASP F 449 24.07 53.89 -9.48
CA ASP F 449 25.12 54.89 -9.46
C ASP F 449 24.71 56.12 -8.67
N TYR F 450 23.44 56.52 -8.79
CA TYR F 450 22.94 57.66 -8.03
C TYR F 450 23.03 57.41 -6.53
N LEU F 451 22.71 56.19 -6.10
CA LEU F 451 22.71 55.89 -4.66
C LEU F 451 24.11 55.92 -4.08
N TYR F 452 25.09 55.31 -4.77
CA TYR F 452 26.42 55.20 -4.21
C TYR F 452 27.07 56.57 -4.00
N VAL F 453 26.96 57.45 -5.00
CA VAL F 453 27.59 58.76 -4.87
C VAL F 453 26.90 59.61 -3.82
N ARG F 454 25.58 59.49 -3.71
CA ARG F 454 24.83 60.30 -2.76
C ARG F 454 24.90 59.75 -1.34
N LEU F 455 25.36 58.52 -1.15
CA LEU F 455 25.41 57.88 0.15
C LEU F 455 26.82 57.57 0.61
N ILE F 456 27.65 57.00 -0.26
CA ILE F 456 29.00 56.62 0.13
C ILE F 456 29.96 57.78 -0.04
N VAL F 457 30.01 58.34 -1.26
CA VAL F 457 30.94 59.43 -1.53
C VAL F 457 30.52 60.72 -0.82
N ASP F 458 29.21 61.02 -0.86
CA ASP F 458 28.74 62.29 -0.33
C ASP F 458 28.84 62.33 1.19
N LEU F 459 28.38 61.27 1.86
CA LEU F 459 28.32 61.23 3.32
C LEU F 459 29.47 60.47 3.95
N GLY F 460 30.52 60.18 3.18
CA GLY F 460 31.63 59.38 3.69
C GLY F 460 32.36 59.99 4.86
N GLY F 461 32.23 61.30 5.07
CA GLY F 461 32.88 61.93 6.21
C GLY F 461 32.37 61.39 7.53
N TYR F 462 31.06 61.22 7.65
CA TYR F 462 30.45 60.64 8.84
C TYR F 462 29.73 59.33 8.55
N TRP F 463 29.96 58.74 7.38
CA TRP F 463 29.32 57.47 7.05
C TRP F 463 29.79 56.36 7.98
N ASN F 464 31.10 56.21 8.13
CA ASN F 464 31.64 55.19 9.02
C ASN F 464 31.26 55.46 10.46
N GLN F 465 31.18 56.74 10.84
CA GLN F 465 30.74 57.09 12.19
C GLN F 465 29.27 56.79 12.39
N ARG F 466 28.43 57.08 11.38
CA ARG F 466 27.00 56.84 11.51
C ARG F 466 26.69 55.35 11.56
N MET F 467 27.33 54.56 10.71
CA MET F 467 27.13 53.11 10.74
C MET F 467 27.57 52.52 12.06
N ASN F 468 28.63 53.08 12.66
CA ASN F 468 29.07 52.61 13.97
C ASN F 468 28.00 52.86 15.02
N ALA F 469 27.35 54.03 14.96
CA ALA F 469 26.26 54.31 15.89
C ALA F 469 25.08 53.38 15.67
N LEU F 470 24.92 52.85 14.46
CA LEU F 470 23.81 51.97 14.16
C LEU F 470 24.18 50.49 14.28
N LYS F 471 25.41 50.11 13.97
CA LYS F 471 25.85 48.74 14.22
C LYS F 471 25.82 48.42 15.71
N VAL F 472 26.30 49.34 16.53
CA VAL F 472 26.24 49.16 17.98
C VAL F 472 24.79 49.22 18.45
N LYS F 473 23.94 49.96 17.73
CA LYS F 473 22.52 50.05 18.11
C LYS F 473 21.85 48.68 18.06
N ASN F 474 22.08 47.92 16.98
CA ASN F 474 21.43 46.63 16.83
C ASN F 474 21.95 45.60 17.82
N ILE F 475 23.26 45.55 18.04
CA ILE F 475 23.84 44.50 18.88
C ILE F 475 23.37 44.66 20.32
N ILE F 476 23.35 45.90 20.84
CA ILE F 476 22.96 46.11 22.23
C ILE F 476 21.50 45.75 22.43
N GLU F 477 20.64 46.11 21.48
CA GLU F 477 19.19 45.96 21.66
C GLU F 477 18.78 44.51 21.91
N THR F 478 19.61 43.54 21.53
CA THR F 478 19.24 42.14 21.63
C THR F 478 20.10 41.32 22.57
N ASN F 479 21.30 41.80 22.96
CA ASN F 479 22.19 40.99 23.75
C ASN F 479 22.17 41.31 25.24
N TYR F 480 21.74 42.51 25.63
CA TYR F 480 21.76 42.87 27.04
C TYR F 480 20.83 41.98 27.85
N GLU F 481 19.71 41.56 27.26
CA GLU F 481 18.78 40.68 27.97
C GLU F 481 19.41 39.33 28.27
N ASN F 482 20.09 38.74 27.28
CA ASN F 482 20.69 37.42 27.47
C ASN F 482 21.97 37.50 28.29
N LEU F 483 22.76 38.56 28.09
CA LEU F 483 24.04 38.66 28.78
C LEU F 483 23.85 38.72 30.29
N VAL F 484 22.78 39.36 30.75
CA VAL F 484 22.47 39.38 32.18
C VAL F 484 22.10 37.97 32.65
N ARG F 485 21.39 37.21 31.81
CA ARG F 485 21.04 35.85 32.17
C ARG F 485 22.28 34.97 32.33
N GLN F 486 23.24 35.11 31.41
CA GLN F 486 24.44 34.28 31.45
C GLN F 486 25.27 34.57 32.69
N THR F 487 25.46 35.86 33.00
CA THR F 487 26.29 36.21 34.15
C THR F 487 25.62 35.85 35.47
N LYS F 488 24.28 35.82 35.50
CA LYS F 488 23.59 35.42 36.72
C LYS F 488 23.76 33.92 36.98
N LEU F 489 23.69 33.10 35.92
CA LEU F 489 23.82 31.66 36.09
C LEU F 489 25.22 31.29 36.59
N ILE F 490 26.26 31.90 36.04
CA ILE F 490 27.63 31.58 36.45
C ILE F 490 27.85 31.99 37.90
N GLY F 491 27.38 33.18 38.28
CA GLY F 491 27.52 33.61 39.66
C GLY F 491 26.76 32.73 40.63
N ARG F 492 25.53 32.35 40.27
CA ARG F 492 24.75 31.45 41.11
C ARG F 492 25.39 30.07 41.20
N ALA F 493 25.93 29.57 40.08
CA ALA F 493 26.56 28.25 40.09
C ALA F 493 27.80 28.23 40.98
N ALA F 494 28.61 29.30 40.91
CA ALA F 494 29.80 29.36 41.75
C ALA F 494 29.42 29.43 43.24
N LEU F 495 28.40 30.23 43.58
CA LEU F 495 27.97 30.33 44.96
C LEU F 495 27.38 29.01 45.46
N GLU F 496 26.61 28.33 44.61
CA GLU F 496 26.01 27.06 45.02
C GLU F 496 27.06 26.01 45.31
N LEU F 497 28.11 25.94 44.47
CA LEU F 497 29.19 24.98 44.71
C LEU F 497 29.94 25.30 46.00
N ARG F 498 30.19 26.58 46.27
CA ARG F 498 30.88 26.96 47.48
C ARG F 498 30.03 26.72 48.72
N ASP F 499 28.72 26.87 48.61
CA ASP F 499 27.80 26.72 49.75
C ASP F 499 27.10 25.38 49.74
N SER F 500 27.78 24.31 49.32
CA SER F 500 27.21 22.97 49.26
C SER F 500 28.01 22.06 50.18
N LYS F 501 27.38 21.61 51.27
CA LYS F 501 28.03 20.66 52.17
C LYS F 501 28.19 19.30 51.50
N VAL F 502 27.24 18.92 50.64
CA VAL F 502 27.29 17.60 50.00
C VAL F 502 28.55 17.45 49.16
N PHE F 503 28.89 18.50 48.39
CA PHE F 503 30.11 18.44 47.59
C PHE F 503 31.34 18.39 48.48
N LYS F 504 31.33 19.14 49.58
CA LYS F 504 32.44 19.08 50.53
C LYS F 504 32.55 17.72 51.19
N GLY F 505 31.41 17.12 51.54
CA GLY F 505 31.43 15.85 52.25
C GLY F 505 32.01 14.71 51.43
N LEU F 506 31.65 14.65 50.14
CA LEU F 506 32.17 13.58 49.29
C LEU F 506 33.67 13.72 49.08
N LEU F 507 34.17 14.96 48.99
CA LEU F 507 35.61 15.17 48.83
C LEU F 507 36.36 14.71 50.07
N TYR F 508 35.81 14.98 51.26
CA TYR F 508 36.44 14.49 52.49
C TYR F 508 36.45 12.96 52.53
N LEU F 509 35.36 12.33 52.11
CA LEU F 509 35.31 10.88 52.09
C LEU F 509 36.33 10.31 51.10
N ILE F 510 36.46 10.94 49.93
CA ILE F 510 37.45 10.50 48.95
C ILE F 510 38.85 10.68 49.50
N LEU F 511 39.12 11.82 50.14
CA LEU F 511 40.44 12.06 50.71
C LEU F 511 40.76 11.06 51.81
N TYR F 512 39.80 10.79 52.69
CA TYR F 512 40.05 9.83 53.77
C TYR F 512 40.27 8.44 53.22
N LEU F 513 39.45 8.02 52.25
CA LEU F 513 39.69 6.73 51.60
C LEU F 513 41.01 6.73 50.83
N GLY F 514 41.29 7.82 50.12
CA GLY F 514 42.50 7.88 49.32
C GLY F 514 43.77 7.76 50.16
N ASN F 515 43.79 8.38 51.33
CA ASN F 515 44.94 8.30 52.21
C ASN F 515 45.16 6.90 52.76
N TYR F 516 44.13 6.05 52.73
CA TYR F 516 44.27 4.70 53.28
C TYR F 516 45.20 3.85 52.44
N MET F 517 44.98 3.81 51.12
CA MET F 517 45.81 2.97 50.26
C MET F 517 47.14 3.63 49.90
N ASN F 518 47.27 4.94 50.13
CA ASN F 518 48.49 5.62 49.76
C ASN F 518 49.60 5.38 50.78
N ASP F 519 50.83 5.63 50.36
CA ASP F 519 51.99 5.42 51.22
C ASP F 519 52.04 6.47 52.33
N TYR F 520 52.84 6.17 53.36
CA TYR F 520 52.98 7.10 54.48
C TYR F 520 53.68 8.38 54.06
N VAL F 521 54.61 8.31 53.10
CA VAL F 521 55.34 9.49 52.66
C VAL F 521 54.51 10.41 51.79
N ARG F 522 53.34 9.97 51.34
CA ARG F 522 52.46 10.76 50.48
C ARG F 522 51.07 10.91 51.10
N GLN F 523 51.02 11.21 52.40
CA GLN F 523 49.75 11.39 53.10
C GLN F 523 49.39 12.86 53.16
N ALA F 524 49.05 13.40 51.99
CA ALA F 524 48.63 14.80 51.90
C ALA F 524 47.21 14.98 52.41
N LYS F 525 46.94 16.16 52.96
CA LYS F 525 45.64 16.49 53.52
C LYS F 525 44.73 17.23 52.55
N GLY F 526 45.12 17.35 51.29
CA GLY F 526 44.29 18.04 50.32
C GLY F 526 44.69 17.69 48.90
N PHE F 527 43.77 17.99 47.98
CA PHE F 527 44.01 17.72 46.56
C PHE F 527 43.13 18.66 45.74
N ALA F 528 43.49 18.80 44.46
CA ALA F 528 42.76 19.67 43.55
C ALA F 528 41.58 18.92 42.93
N ILE F 529 40.69 19.70 42.32
CA ILE F 529 39.51 19.12 41.68
C ILE F 529 39.93 18.30 40.46
N GLY F 530 40.96 18.76 39.74
CA GLY F 530 41.42 18.07 38.54
C GLY F 530 41.99 16.68 38.79
N SER F 531 42.23 16.33 40.04
CA SER F 531 42.74 15.01 40.40
C SER F 531 41.65 13.95 40.49
N LEU F 532 40.38 14.33 40.32
CA LEU F 532 39.28 13.39 40.43
C LEU F 532 39.16 12.47 39.22
N GLN F 533 39.92 12.72 38.15
CA GLN F 533 39.84 11.90 36.95
C GLN F 533 40.64 10.60 37.06
N ARG F 534 41.43 10.42 38.12
CA ARG F 534 42.21 9.21 38.28
C ARG F 534 41.38 8.03 38.76
N LEU F 535 40.18 8.27 39.29
CA LEU F 535 39.36 7.17 39.79
C LEU F 535 38.94 6.19 38.70
N PRO F 536 38.42 6.61 37.54
CA PRO F 536 38.09 5.62 36.50
C PRO F 536 39.30 4.93 35.92
N LEU F 537 40.50 5.48 36.07
CA LEU F 537 41.70 4.90 35.49
C LEU F 537 42.30 3.79 36.35
N ILE F 538 41.71 3.49 37.50
CA ILE F 538 42.20 2.45 38.40
C ILE F 538 41.21 1.30 38.36
N LYS F 539 41.71 0.10 38.07
CA LYS F 539 40.88 -1.10 37.98
C LYS F 539 41.37 -2.14 38.98
N ASN F 540 40.47 -3.04 39.36
CA ASN F 540 40.78 -4.10 40.31
C ASN F 540 41.48 -5.25 39.57
N ALA F 541 41.60 -6.39 40.25
CA ALA F 541 42.37 -7.51 39.69
C ALA F 541 41.77 -8.02 38.40
N ASN F 542 40.46 -8.17 38.34
CA ASN F 542 39.79 -8.67 37.14
C ASN F 542 39.28 -7.57 36.23
N ASN F 543 39.57 -6.30 36.54
CA ASN F 543 39.21 -5.14 35.75
C ASN F 543 37.71 -4.95 35.60
N THR F 544 36.90 -5.70 36.35
CA THR F 544 35.46 -5.58 36.24
C THR F 544 34.94 -4.33 36.95
N LYS F 545 35.51 -3.99 38.10
CA LYS F 545 35.01 -2.91 38.94
C LYS F 545 36.12 -1.88 39.15
N SER F 546 35.80 -0.62 38.88
CA SER F 546 36.74 0.48 39.05
C SER F 546 36.58 1.10 40.44
N LEU F 547 37.51 1.99 40.80
CA LEU F 547 37.53 2.57 42.14
C LEU F 547 36.25 3.32 42.45
N LEU F 548 35.75 4.10 41.48
CA LEU F 548 34.52 4.86 41.71
C LEU F 548 33.32 3.94 41.89
N HIS F 549 33.39 2.71 41.37
CA HIS F 549 32.27 1.79 41.51
C HIS F 549 32.10 1.33 42.96
N ILE F 550 33.20 1.15 43.69
CA ILE F 550 33.09 0.85 45.12
C ILE F 550 32.44 2.02 45.86
N LEU F 551 32.77 3.25 45.45
CA LEU F 551 32.23 4.43 46.12
C LEU F 551 30.71 4.49 46.02
N ASP F 552 30.15 4.11 44.87
CA ASP F 552 28.69 4.15 44.71
C ASP F 552 28.00 3.20 45.68
N ILE F 553 28.54 1.99 45.83
CA ILE F 553 27.92 1.03 46.75
C ILE F 553 28.30 1.34 48.20
N THR F 554 29.49 1.92 48.42
CA THR F 554 29.87 2.32 49.77
C THR F 554 28.99 3.45 50.27
N ILE F 555 28.75 4.46 49.44
CA ILE F 555 27.90 5.57 49.83
C ILE F 555 26.46 5.09 50.03
N ARG F 556 25.95 4.28 49.11
CA ARG F 556 24.57 3.83 49.21
C ARG F 556 24.33 3.02 50.48
N LYS F 557 25.28 2.17 50.85
CA LYS F 557 25.09 1.29 52.00
C LYS F 557 25.18 2.06 53.32
N HIS F 558 26.10 3.01 53.42
CA HIS F 558 26.41 3.64 54.70
C HIS F 558 26.19 5.15 54.75
N PHE F 559 26.11 5.83 53.61
CA PHE F 559 26.00 7.28 53.56
C PHE F 559 24.76 7.65 52.75
N PRO F 560 23.56 7.53 53.34
CA PRO F 560 22.34 7.86 52.59
C PRO F 560 22.25 9.33 52.22
N GLN F 561 22.98 10.21 52.91
CA GLN F 561 22.90 11.63 52.59
C GLN F 561 23.61 11.97 51.28
N PHE F 562 24.63 11.19 50.93
CA PHE F 562 25.41 11.41 49.71
C PHE F 562 24.94 10.53 48.55
N ASP F 563 23.75 9.93 48.65
CA ASP F 563 23.32 8.96 47.65
C ASP F 563 23.18 9.60 46.27
N ASN F 564 22.59 10.79 46.21
CA ASN F 564 22.34 11.45 44.92
C ASN F 564 22.50 12.95 45.10
N PHE F 565 23.61 13.49 44.60
CA PHE F 565 23.88 14.92 44.69
C PHE F 565 23.66 15.66 43.38
N SER F 566 23.52 14.94 42.27
CA SER F 566 23.28 15.61 40.99
C SER F 566 22.00 16.42 40.97
N PRO F 567 20.84 15.91 41.41
CA PRO F 567 19.65 16.78 41.48
C PRO F 567 19.84 17.96 42.42
N GLU F 568 20.60 17.79 43.51
CA GLU F 568 20.80 18.88 44.45
C GLU F 568 21.56 20.04 43.81
N LEU F 569 22.59 19.74 43.01
CA LEU F 569 23.42 20.75 42.36
C LEU F 569 23.25 20.58 40.85
N SER F 570 22.40 21.41 40.25
CA SER F 570 22.13 21.34 38.82
C SER F 570 22.71 22.50 38.03
N THR F 571 22.81 23.69 38.63
CA THR F 571 23.29 24.86 37.89
C THR F 571 24.74 24.71 37.43
N VAL F 572 25.50 23.84 38.08
CA VAL F 572 26.88 23.61 37.67
C VAL F 572 26.94 22.97 36.30
N THR F 573 26.05 22.01 36.03
CA THR F 573 26.06 21.32 34.75
C THR F 573 25.77 22.27 33.59
N GLU F 574 24.78 23.15 33.76
CA GLU F 574 24.48 24.12 32.70
C GLU F 574 25.59 25.17 32.58
N ALA F 575 26.25 25.48 33.70
CA ALA F 575 27.36 26.42 33.65
C ALA F 575 28.57 25.86 32.93
N ALA F 576 28.65 24.53 32.78
CA ALA F 576 29.76 23.91 32.06
C ALA F 576 29.62 24.02 30.55
N LYS F 577 28.48 24.48 30.04
CA LYS F 577 28.27 24.65 28.62
C LYS F 577 28.60 26.05 28.13
N LEU F 578 29.11 26.92 28.99
CA LEU F 578 29.43 28.30 28.65
C LEU F 578 30.90 28.57 28.89
N ASN F 579 31.50 29.35 27.99
CA ASN F 579 32.91 29.70 28.08
C ASN F 579 33.04 31.00 28.87
N ILE F 580 33.81 30.96 29.97
CA ILE F 580 33.92 32.13 30.84
C ILE F 580 34.68 33.26 30.15
N GLU F 581 35.82 32.95 29.52
CA GLU F 581 36.59 33.98 28.85
C GLU F 581 35.83 34.55 27.66
N ALA F 582 35.16 33.71 26.89
CA ALA F 582 34.39 34.19 25.74
C ALA F 582 33.24 35.09 26.19
N ILE F 583 32.54 34.70 27.25
CA ILE F 583 31.45 35.53 27.77
C ILE F 583 32.00 36.84 28.31
N GLU F 584 33.11 36.77 29.06
CA GLU F 584 33.69 37.98 29.62
C GLU F 584 34.17 38.94 28.53
N GLN F 585 34.78 38.40 27.47
CA GLN F 585 35.20 39.23 26.35
C GLN F 585 34.00 39.81 25.62
N GLU F 586 32.93 39.02 25.46
CA GLU F 586 31.75 39.49 24.74
C GLU F 586 31.11 40.67 25.47
N CYS F 587 30.94 40.57 26.78
CA CYS F 587 30.40 41.69 27.55
C CYS F 587 31.36 42.88 27.52
N SER F 588 32.66 42.63 27.67
CA SER F 588 33.63 43.72 27.68
C SER F 588 33.65 44.48 26.37
N GLU F 589 33.27 43.81 25.27
CA GLU F 589 33.18 44.51 23.99
C GLU F 589 32.10 45.58 24.02
N LEU F 590 31.02 45.34 24.76
CA LEU F 590 29.91 46.30 24.80
C LEU F 590 30.33 47.61 25.44
N ILE F 591 31.09 47.55 26.54
CA ILE F 591 31.51 48.78 27.21
C ILE F 591 32.44 49.59 26.30
N ARG F 592 33.36 48.92 25.61
CA ARG F 592 34.28 49.63 24.72
C ARG F 592 33.53 50.37 23.62
N GLY F 593 32.52 49.73 23.03
CA GLY F 593 31.72 50.41 22.02
C GLY F 593 30.91 51.55 22.60
N CYS F 594 30.43 51.39 23.84
CA CYS F 594 29.62 52.44 24.45
C CYS F 594 30.45 53.68 24.74
N GLN F 595 31.62 53.52 25.36
CA GLN F 595 32.46 54.66 25.67
C GLN F 595 33.01 55.30 24.40
N ASN F 596 33.31 54.49 23.39
CA ASN F 596 33.72 55.05 22.10
C ASN F 596 32.58 55.83 21.45
N LEU F 597 31.33 55.45 21.75
CA LEU F 597 30.19 56.20 21.21
C LEU F 597 30.05 57.55 21.90
N GLN F 598 30.34 57.61 23.21
CA GLN F 598 30.16 58.85 23.96
C GLN F 598 31.07 59.96 23.43
N ILE F 599 32.34 59.65 23.17
CA ILE F 599 33.26 60.63 22.62
C ILE F 599 32.93 60.99 21.18
N ASP F 600 32.18 60.14 20.48
CA ASP F 600 31.80 60.41 19.09
C ASP F 600 30.57 61.31 19.00
N CYS F 601 29.54 61.05 19.81
CA CYS F 601 28.34 61.88 19.78
C CYS F 601 28.59 63.25 20.41
N ASP F 602 29.44 63.32 21.43
CA ASP F 602 29.67 64.57 22.14
C ASP F 602 30.80 65.40 21.53
N SER F 603 31.89 64.75 21.10
CA SER F 603 33.04 65.48 20.59
C SER F 603 33.60 64.89 19.31
N GLY F 604 32.98 63.87 18.73
CA GLY F 604 33.45 63.26 17.51
C GLY F 604 32.79 63.84 16.28
N ALA F 605 32.75 63.03 15.22
CA ALA F 605 32.12 63.48 13.97
C ALA F 605 30.63 63.69 14.14
N LEU F 606 29.97 62.86 14.95
CA LEU F 606 28.55 63.04 15.21
C LEU F 606 28.24 64.35 15.92
N SER F 607 29.21 64.93 16.63
CA SER F 607 28.94 66.15 17.37
C SER F 607 28.59 67.30 16.43
N ASP F 608 29.26 67.40 15.30
CA ASP F 608 29.01 68.47 14.35
C ASP F 608 27.69 68.23 13.62
N PRO F 609 26.71 69.14 13.73
CA PRO F 609 25.46 68.97 12.99
C PRO F 609 25.41 69.71 11.67
N THR F 610 26.41 70.54 11.37
CA THR F 610 26.41 71.28 10.10
C THR F 610 26.52 70.33 8.91
N VAL F 611 27.36 69.31 9.02
CA VAL F 611 27.50 68.32 7.95
C VAL F 611 26.32 67.37 7.87
N PHE F 612 25.34 67.50 8.77
CA PHE F 612 24.19 66.61 8.78
C PHE F 612 23.09 67.16 7.90
N HIS F 613 22.43 66.26 7.17
CA HIS F 613 21.30 66.66 6.34
C HIS F 613 20.10 66.98 7.24
N PRO F 614 19.25 67.94 6.86
CA PRO F 614 18.06 68.22 7.69
C PRO F 614 17.17 67.01 7.90
N ASP F 615 17.03 66.14 6.89
CA ASP F 615 16.24 64.92 7.05
C ASP F 615 17.09 63.75 7.50
N ASP F 616 17.88 63.96 8.56
CA ASP F 616 18.77 62.95 9.12
C ASP F 616 18.52 62.91 10.62
N LYS F 617 17.59 62.06 11.04
CA LYS F 617 17.23 61.92 12.44
C LYS F 617 18.17 60.99 13.21
N ILE F 618 19.35 60.71 12.66
CA ILE F 618 20.32 59.88 13.37
C ILE F 618 20.72 60.54 14.68
N LEU F 619 20.83 61.86 14.69
CA LEU F 619 21.07 62.58 15.95
C LEU F 619 19.82 62.56 16.83
N SER F 620 18.64 62.56 16.20
CA SER F 620 17.38 62.60 16.94
C SER F 620 16.97 61.25 17.50
N VAL F 621 17.65 60.16 17.14
CA VAL F 621 17.31 58.83 17.62
C VAL F 621 18.34 58.30 18.60
N ILE F 622 19.62 58.62 18.39
CA ILE F 622 20.66 58.15 19.29
C ILE F 622 20.57 58.85 20.64
N LEU F 623 20.34 60.17 20.63
CA LEU F 623 20.29 60.92 21.88
C LEU F 623 19.21 60.44 22.85
N PRO F 624 17.98 60.13 22.43
CA PRO F 624 17.02 59.55 23.40
C PRO F 624 17.52 58.26 24.03
N TRP F 625 18.24 57.43 23.28
CA TRP F 625 18.79 56.21 23.85
C TRP F 625 20.06 56.50 24.64
N LEU F 626 20.66 57.67 24.44
CA LEU F 626 21.95 57.96 25.08
C LEU F 626 21.86 57.92 26.60
N MET F 627 20.78 58.48 27.16
CA MET F 627 20.60 58.41 28.61
C MET F 627 20.28 57.00 29.07
N GLU F 628 19.35 56.33 28.38
CA GLU F 628 18.99 54.96 28.75
C GLU F 628 20.13 54.00 28.51
N GLY F 629 20.88 54.20 27.41
CA GLY F 629 22.02 53.33 27.14
C GLY F 629 23.08 53.40 28.21
N THR F 630 23.28 54.57 28.80
CA THR F 630 24.22 54.69 29.91
C THR F 630 23.77 53.87 31.11
N LYS F 631 22.45 53.78 31.33
CA LYS F 631 21.94 52.95 32.41
C LYS F 631 22.25 51.47 32.18
N LYS F 632 22.12 51.02 30.92
CA LYS F 632 22.37 49.61 30.62
C LYS F 632 23.82 49.22 30.86
N MET F 633 24.76 50.09 30.48
CA MET F 633 26.17 49.76 30.65
C MET F 633 26.56 49.77 32.12
N ASP F 634 25.93 50.63 32.93
CA ASP F 634 26.23 50.65 34.35
C ASP F 634 25.75 49.38 35.04
N PHE F 635 24.52 48.93 34.72
CA PHE F 635 24.02 47.69 35.30
C PHE F 635 24.87 46.50 34.88
N LEU F 636 25.20 46.41 33.59
CA LEU F 636 26.01 45.29 33.11
C LEU F 636 27.40 45.32 33.71
N LYS F 637 27.96 46.53 33.90
CA LYS F 637 29.25 46.64 34.56
C LYS F 637 29.19 46.11 35.99
N GLU F 638 28.10 46.42 36.71
CA GLU F 638 27.92 45.88 38.05
C GLU F 638 27.80 44.36 38.02
N HIS F 639 27.03 43.83 37.06
CA HIS F 639 26.90 42.37 36.94
C HIS F 639 28.24 41.73 36.55
N LEU F 640 29.00 42.40 35.67
CA LEU F 640 30.30 41.88 35.30
C LEU F 640 31.23 41.78 36.51
N ARG F 641 31.24 42.81 37.35
CA ARG F 641 32.03 42.75 38.57
C ARG F 641 31.46 41.72 39.54
N THR F 642 30.14 41.58 39.59
CA THR F 642 29.52 40.60 40.50
C THR F 642 29.94 39.19 40.14
N MET F 643 29.93 38.84 38.85
CA MET F 643 30.32 37.49 38.44
C MET F 643 31.79 37.23 38.75
N ASN F 644 32.65 38.22 38.49
CA ASN F 644 34.08 38.02 38.68
C ASN F 644 34.41 37.72 40.14
N THR F 645 33.86 38.49 41.08
CA THR F 645 34.16 38.25 42.49
C THR F 645 33.45 36.99 42.99
N THR F 646 32.24 36.73 42.50
CA THR F 646 31.51 35.55 42.93
C THR F 646 32.20 34.27 42.46
N LEU F 647 32.77 34.30 41.25
CA LEU F 647 33.58 33.18 40.78
C LEU F 647 34.86 33.06 41.58
N ASN F 648 35.44 34.20 41.98
CA ASN F 648 36.77 34.20 42.57
C ASN F 648 36.76 33.67 44.01
N ASN F 649 35.78 34.06 44.81
CA ASN F 649 35.79 33.62 46.21
C ASN F 649 35.57 32.11 46.30
N ALA F 650 34.70 31.57 45.44
CA ALA F 650 34.57 30.12 45.31
C ALA F 650 35.75 29.50 44.57
N MET F 651 36.63 30.31 44.01
CA MET F 651 37.77 29.78 43.24
C MET F 651 38.93 29.43 44.15
N ARG F 652 39.30 30.32 45.07
CA ARG F 652 40.26 29.97 46.12
C ARG F 652 39.73 28.90 47.06
N TYR F 653 38.40 28.84 47.24
CA TYR F 653 37.82 27.99 48.27
C TYR F 653 38.14 26.52 48.05
N PHE F 654 38.47 26.14 46.82
CA PHE F 654 38.77 24.75 46.50
C PHE F 654 40.22 24.54 46.08
N GLY F 655 41.05 25.59 46.17
CA GLY F 655 42.48 25.47 46.01
C GLY F 655 43.04 25.88 44.66
N GLU F 656 42.19 26.14 43.67
CA GLU F 656 42.67 26.47 42.34
C GLU F 656 42.69 27.98 42.14
N GLN F 657 43.35 28.43 41.08
CA GLN F 657 43.54 29.85 40.83
C GLN F 657 43.10 30.23 39.43
N PRO F 658 42.57 31.44 39.25
CA PRO F 658 42.20 31.91 37.90
C PRO F 658 43.39 32.32 37.05
N ASN F 659 44.58 32.48 37.64
CA ASN F 659 45.74 32.90 36.87
C ASN F 659 46.03 31.96 35.70
N ASP F 660 45.82 30.67 35.89
CA ASP F 660 45.86 29.72 34.78
C ASP F 660 44.61 29.92 33.94
N PRO F 661 44.75 30.32 32.67
CA PRO F 661 43.54 30.55 31.85
C PRO F 661 42.69 29.30 31.67
N ASN F 662 43.31 28.12 31.57
CA ASN F 662 42.52 26.90 31.47
C ASN F 662 41.75 26.63 32.76
N SER F 663 42.37 26.89 33.92
CA SER F 663 41.68 26.68 35.19
C SER F 663 40.50 27.64 35.34
N LYS F 664 40.66 28.88 34.88
CA LYS F 664 39.55 29.83 34.92
C LYS F 664 38.39 29.38 34.04
N ASN F 665 38.70 28.86 32.85
CA ASN F 665 37.66 28.36 31.97
C ASN F 665 37.19 26.98 32.39
N LEU F 666 38.10 26.01 32.41
CA LEU F 666 37.75 24.63 32.73
C LEU F 666 37.68 24.41 34.24
N PHE F 667 36.80 25.16 34.90
CA PHE F 667 36.56 24.97 36.34
C PHE F 667 35.30 24.15 36.56
N PHE F 668 34.18 24.59 35.99
CA PHE F 668 32.94 23.83 36.08
C PHE F 668 32.97 22.56 35.24
N LYS F 669 33.80 22.52 34.18
CA LYS F 669 33.87 21.34 33.34
C LYS F 669 34.41 20.15 34.11
N ARG F 670 35.45 20.36 34.92
CA ARG F 670 36.00 19.26 35.72
C ARG F 670 34.98 18.75 36.73
N VAL F 671 34.24 19.65 37.37
CA VAL F 671 33.18 19.23 38.27
C VAL F 671 32.08 18.51 37.51
N ASP F 672 31.70 19.05 36.34
CA ASP F 672 30.70 18.38 35.52
C ASP F 672 31.21 17.05 34.99
N SER F 673 32.51 16.96 34.69
CA SER F 673 33.09 15.70 34.24
C SER F 673 32.97 14.63 35.31
N PHE F 674 33.15 15.01 36.58
CA PHE F 674 32.97 14.07 37.67
C PHE F 674 31.49 13.73 37.88
N ILE F 675 30.60 14.68 37.60
CA ILE F 675 29.17 14.43 37.78
C ILE F 675 28.69 13.34 36.83
N ILE F 676 29.04 13.45 35.55
CA ILE F 676 28.65 12.43 34.58
C ILE F 676 29.39 11.12 34.86
N ASP F 677 30.66 11.22 35.28
CA ASP F 677 31.44 10.03 35.60
C ASP F 677 30.81 9.28 36.77
N TYR F 678 30.36 10.01 37.79
CA TYR F 678 29.64 9.38 38.90
C TYR F 678 28.30 8.83 38.44
N SER F 679 27.66 9.49 37.46
CA SER F 679 26.37 9.03 36.98
C SER F 679 26.48 7.69 36.26
N LYS F 680 27.45 7.56 35.35
CA LYS F 680 27.63 6.30 34.64
C LYS F 680 28.09 5.19 35.58
N ALA F 681 28.92 5.53 36.57
CA ALA F 681 29.36 4.55 37.55
C ALA F 681 28.19 3.99 38.34
N ARG F 682 27.27 4.87 38.77
CA ARG F 682 26.10 4.41 39.50
C ARG F 682 25.18 3.58 38.59
N SER F 683 24.98 4.03 37.35
CA SER F 683 24.09 3.30 36.45
C SER F 683 24.61 1.90 36.15
N ASP F 684 25.92 1.77 35.92
CA ASP F 684 26.50 0.45 35.68
C ASP F 684 26.41 -0.42 36.92
N ASN F 685 26.63 0.17 38.10
CA ASN F 685 26.57 -0.60 39.34
C ASN F 685 25.17 -1.14 39.59
N LEU F 686 24.14 -0.30 39.38
CA LEU F 686 22.77 -0.74 39.58
C LEU F 686 22.35 -1.79 38.57
N LYS F 687 22.71 -1.60 37.30
CA LYS F 687 22.30 -2.53 36.26
C LYS F 687 22.89 -3.92 36.48
N SER F 688 24.18 -3.99 36.82
CA SER F 688 24.83 -5.28 36.95
C SER F 688 24.30 -6.06 38.15
N GLU F 689 24.12 -5.39 39.29
CA GLU F 689 23.71 -6.09 40.50
C GLU F 689 22.25 -6.53 40.43
N GLU F 690 21.37 -5.65 39.94
CA GLU F 690 19.95 -5.97 39.82
C GLU F 690 19.73 -7.06 38.78
N TRP G 1 -60.13 -20.02 4.47
CA TRP G 1 -59.60 -18.66 4.42
C TRP G 1 -60.72 -17.64 4.20
N ALA G 3 -60.29 -14.27 2.11
CA ALA G 3 -60.17 -13.91 0.70
C ALA G 3 -59.27 -14.96 0.05
N CYS G 5 -59.53 -19.23 -1.55
CA CYS G 5 -60.10 -20.53 -1.17
C CYS G 5 -61.45 -20.42 -0.47
N ALA G 7 -61.61 -21.98 2.95
CA ALA G 7 -61.25 -22.11 4.35
C ALA G 7 -61.06 -20.75 5.00
N TRP H 1 -29.87 -18.76 -12.70
CA TRP H 1 -28.52 -19.22 -12.99
C TRP H 1 -28.48 -20.73 -13.15
N ALA H 3 -25.72 -22.84 -11.97
CA ALA H 3 -25.34 -23.24 -10.62
C ALA H 3 -25.63 -22.10 -9.65
N CYS H 5 -29.03 -20.25 -7.32
CA CYS H 5 -30.32 -19.61 -7.62
C CYS H 5 -31.17 -20.41 -8.62
N ALA H 7 -32.19 -18.74 -11.76
CA ALA H 7 -31.86 -18.18 -13.07
C ALA H 7 -30.69 -18.91 -13.72
N TRP I 1 -8.61 -3.44 9.52
CA TRP I 1 -7.88 -2.40 10.25
C TRP I 1 -8.83 -1.31 10.72
N ALA I 3 -7.97 2.46 10.39
CA ALA I 3 -7.90 3.38 9.26
C ALA I 3 -7.31 2.66 8.06
N CYS I 5 -8.45 -0.64 4.89
CA CYS I 5 -8.97 -2.00 4.70
C CYS I 5 -10.25 -2.27 5.50
N ALA I 7 -10.01 -4.89 8.12
CA ALA I 7 -9.49 -5.37 9.39
C ALA I 7 -9.25 -4.22 10.36
N ALA J 1 55.75 33.32 -32.62
CA ALA J 1 56.87 34.26 -32.54
C ALA J 1 56.68 35.22 -31.38
N GLY J 2 57.78 35.53 -30.68
CA GLY J 2 57.71 36.48 -29.59
C GLY J 2 56.81 36.07 -28.44
N TRP J 3 57.24 35.08 -27.65
CA TRP J 3 56.47 34.56 -26.52
C TRP J 3 55.83 35.67 -25.69
N ASN J 4 56.49 36.83 -25.62
CA ASN J 4 55.92 37.97 -24.90
C ASN J 4 54.68 38.51 -25.59
N ALA J 5 54.59 38.36 -26.91
CA ALA J 5 53.44 38.91 -27.64
C ALA J 5 52.13 38.26 -27.21
N TYR J 6 52.18 36.99 -26.79
CA TYR J 6 50.98 36.36 -26.25
C TYR J 6 50.51 37.08 -24.99
N ILE J 7 51.45 37.47 -24.12
CA ILE J 7 51.09 38.24 -22.94
C ILE J 7 50.39 39.54 -23.34
N ASP J 8 50.87 40.17 -24.42
CA ASP J 8 50.19 41.33 -24.97
C ASP J 8 48.80 40.96 -25.47
N ASN J 9 48.70 39.83 -26.16
CA ASN J 9 47.39 39.31 -26.57
C ASN J 9 46.55 38.99 -25.35
N LEU J 10 47.17 38.47 -24.29
CA LEU J 10 46.44 38.20 -23.06
C LEU J 10 45.94 39.48 -22.39
N MET J 11 46.66 40.59 -22.54
CA MET J 11 46.30 41.86 -21.92
C MET J 11 45.62 42.83 -22.87
N ALA J 12 45.13 42.37 -24.02
CA ALA J 12 44.49 43.29 -24.96
C ALA J 12 43.21 43.88 -24.37
N ASP J 13 42.36 43.04 -23.78
CA ASP J 13 41.07 43.48 -23.29
C ASP J 13 41.14 44.16 -21.92
N GLY J 14 42.22 43.97 -21.17
CA GLY J 14 42.36 44.60 -19.88
C GLY J 14 41.55 43.98 -18.76
N THR J 15 40.92 42.82 -18.99
CA THR J 15 40.16 42.16 -17.94
C THR J 15 41.04 41.44 -16.94
N CYS J 16 42.32 41.23 -17.26
CA CYS J 16 43.27 40.56 -16.39
C CYS J 16 44.40 41.50 -16.02
N GLN J 17 44.99 41.28 -14.85
CA GLN J 17 46.14 42.05 -14.40
C GLN J 17 47.42 41.24 -14.33
N ASP J 18 47.35 39.91 -14.45
CA ASP J 18 48.55 39.09 -14.56
C ASP J 18 48.29 37.93 -15.52
N ALA J 19 49.32 37.59 -16.28
CA ALA J 19 49.26 36.53 -17.27
C ALA J 19 50.66 35.98 -17.50
N ALA J 20 50.76 34.67 -17.73
CA ALA J 20 52.06 34.07 -17.92
C ALA J 20 51.94 32.77 -18.72
N ILE J 21 53.08 32.34 -19.26
CA ILE J 21 53.23 31.06 -19.93
C ILE J 21 54.47 30.38 -19.36
N VAL J 22 54.35 29.12 -18.98
CA VAL J 22 55.44 28.36 -18.39
C VAL J 22 55.48 26.98 -19.04
N GLY J 23 56.68 26.51 -19.38
CA GLY J 23 56.83 25.17 -19.90
C GLY J 23 57.06 24.18 -18.76
N TYR J 24 56.11 23.28 -18.57
CA TYR J 24 56.14 22.35 -17.45
C TYR J 24 56.93 21.08 -17.72
N LYS J 25 57.48 20.93 -18.92
CA LYS J 25 58.31 19.77 -19.22
C LYS J 25 59.75 20.01 -18.79
N ASP J 26 60.39 18.95 -18.32
CA ASP J 26 61.79 18.95 -17.87
C ASP J 26 61.92 19.94 -16.73
N SER J 27 62.73 21.00 -16.82
CA SER J 27 62.86 21.97 -15.75
C SER J 27 61.85 23.09 -15.99
N PRO J 28 60.85 23.26 -15.12
CA PRO J 28 59.88 24.35 -15.32
C PRO J 28 60.55 25.71 -15.28
N CYS J 29 60.08 26.60 -16.15
CA CYS J 29 60.60 27.96 -16.23
C CYS J 29 59.61 28.82 -16.98
N VAL J 30 59.56 30.11 -16.64
CA VAL J 30 58.64 31.01 -17.30
C VAL J 30 59.19 31.44 -18.64
N TRP J 31 58.36 31.36 -19.68
CA TRP J 31 58.79 31.78 -21.00
C TRP J 31 58.41 33.24 -21.27
N ALA J 32 57.30 33.69 -20.71
CA ALA J 32 56.86 35.07 -20.83
C ALA J 32 55.84 35.37 -19.74
N ALA J 33 55.97 36.53 -19.12
CA ALA J 33 55.10 36.92 -18.03
C ALA J 33 55.11 38.43 -17.89
N VAL J 34 54.12 38.95 -17.18
CA VAL J 34 54.02 40.39 -16.92
C VAL J 34 55.10 40.77 -15.92
N PRO J 35 55.98 41.72 -16.26
CA PRO J 35 57.04 42.10 -15.31
C PRO J 35 56.47 42.73 -14.05
N GLY J 36 57.12 42.42 -12.92
CA GLY J 36 56.74 43.00 -11.65
C GLY J 36 55.49 42.40 -11.02
N LYS J 37 54.87 41.41 -11.66
CA LYS J 37 53.63 40.85 -11.15
C LYS J 37 53.81 39.50 -10.47
N THR J 38 52.70 38.88 -10.10
CA THR J 38 52.64 37.58 -9.43
C THR J 38 53.19 36.44 -10.27
N PHE J 39 52.81 36.37 -11.54
CA PHE J 39 53.07 35.17 -12.33
C PHE J 39 54.55 35.06 -12.74
N VAL J 40 55.32 36.12 -12.60
CA VAL J 40 56.71 36.07 -13.06
C VAL J 40 57.60 35.28 -12.11
N ASN J 41 57.12 34.99 -10.91
CA ASN J 41 57.93 34.36 -9.87
C ASN J 41 57.59 32.89 -9.64
N ILE J 42 57.14 32.18 -10.67
CA ILE J 42 56.75 30.79 -10.49
C ILE J 42 57.97 29.90 -10.34
N THR J 43 57.97 29.08 -9.28
CA THR J 43 59.02 28.12 -9.01
C THR J 43 58.68 26.76 -9.63
N PRO J 44 59.69 25.96 -9.97
CA PRO J 44 59.41 24.61 -10.48
C PRO J 44 58.64 23.73 -9.49
N ALA J 45 58.84 23.93 -8.19
CA ALA J 45 58.13 23.13 -7.20
C ALA J 45 56.63 23.37 -7.29
N GLU J 46 56.23 24.63 -7.47
CA GLU J 46 54.81 24.94 -7.63
C GLU J 46 54.25 24.32 -8.90
N VAL J 47 55.05 24.31 -9.98
CA VAL J 47 54.63 23.66 -11.21
C VAL J 47 54.42 22.17 -10.98
N GLY J 48 55.32 21.54 -10.23
CA GLY J 48 55.18 20.12 -9.94
C GLY J 48 53.91 19.81 -9.18
N VAL J 49 53.53 20.68 -8.25
CA VAL J 49 52.27 20.50 -7.52
C VAL J 49 51.09 20.60 -8.48
N LEU J 50 51.15 21.58 -9.40
CA LEU J 50 50.05 21.81 -10.32
C LEU J 50 49.84 20.61 -11.25
N VAL J 51 50.93 20.01 -11.73
CA VAL J 51 50.84 18.88 -12.65
C VAL J 51 51.13 17.54 -11.98
N GLY J 52 51.19 17.51 -10.65
CA GLY J 52 51.54 16.28 -9.95
C GLY J 52 50.44 15.24 -10.01
N LYS J 53 50.83 14.01 -9.69
CA LYS J 53 49.87 12.90 -9.68
C LYS J 53 48.85 13.07 -8.57
N ASP J 54 49.25 13.67 -7.45
CA ASP J 54 48.36 13.86 -6.32
C ASP J 54 47.37 14.98 -6.66
N ARG J 55 46.09 14.63 -6.76
CA ARG J 55 45.03 15.58 -7.06
C ARG J 55 44.13 15.85 -5.87
N SER J 56 44.61 15.58 -4.65
CA SER J 56 43.80 15.72 -3.45
C SER J 56 44.49 16.49 -2.33
N SER J 57 45.83 16.53 -2.33
CA SER J 57 46.54 17.20 -1.24
C SER J 57 46.27 18.70 -1.22
N PHE J 58 46.17 19.34 -2.38
CA PHE J 58 45.93 20.78 -2.41
C PHE J 58 44.52 21.15 -1.93
N TYR J 59 43.71 20.18 -1.51
CA TYR J 59 42.42 20.50 -0.94
C TYR J 59 42.47 20.76 0.56
N VAL J 60 43.56 20.38 1.25
CA VAL J 60 43.59 20.53 2.69
C VAL J 60 43.88 21.98 3.08
N ASN J 61 44.82 22.63 2.39
CA ASN J 61 45.17 24.01 2.70
C ASN J 61 45.42 24.83 1.45
N GLY J 62 44.87 24.40 0.32
CA GLY J 62 45.16 25.12 -0.90
C GLY J 62 46.59 24.92 -1.34
N LEU J 63 47.06 25.85 -2.16
CA LEU J 63 48.44 25.84 -2.64
C LEU J 63 48.89 27.28 -2.83
N THR J 64 50.18 27.44 -3.09
CA THR J 64 50.78 28.74 -3.39
C THR J 64 51.22 28.76 -4.85
N LEU J 65 51.01 29.90 -5.48
CA LEU J 65 51.34 30.07 -6.90
C LEU J 65 52.13 31.36 -7.03
N GLY J 66 53.45 31.24 -7.13
CA GLY J 66 54.31 32.42 -7.06
C GLY J 66 54.48 32.96 -5.66
N GLY J 67 54.14 32.15 -4.66
CA GLY J 67 54.19 32.56 -3.27
C GLY J 67 52.93 33.18 -2.72
N GLN J 68 51.93 33.41 -3.57
CA GLN J 68 50.68 34.01 -3.13
C GLN J 68 49.66 32.91 -2.84
N LYS J 69 49.04 32.98 -1.66
CA LYS J 69 48.13 31.93 -1.22
C LYS J 69 46.81 32.00 -2.00
N CYS J 70 46.33 30.84 -2.42
CA CYS J 70 45.12 30.74 -3.23
C CYS J 70 44.39 29.44 -2.92
N MET J 71 43.08 29.44 -3.13
CA MET J 71 42.22 28.31 -2.79
C MET J 71 41.76 27.61 -4.07
N VAL J 72 41.50 26.31 -3.96
CA VAL J 72 41.15 25.49 -5.12
C VAL J 72 39.64 25.48 -5.28
N ILE J 73 39.18 25.73 -6.51
CA ILE J 73 37.76 25.69 -6.82
C ILE J 73 37.41 24.35 -7.48
N ARG J 74 38.03 24.07 -8.62
CA ARG J 74 37.77 22.84 -9.37
C ARG J 74 39.02 22.43 -10.12
N ASP J 75 39.27 21.12 -10.20
CA ASP J 75 40.48 20.56 -10.82
C ASP J 75 40.07 19.68 -11.99
N SER J 76 40.44 20.08 -13.21
CA SER J 76 40.15 19.33 -14.42
C SER J 76 41.32 19.36 -15.39
N LEU J 77 42.54 19.56 -14.88
CA LEU J 77 43.72 19.61 -15.75
C LEU J 77 43.97 18.29 -16.47
N LEU J 78 43.88 17.17 -15.75
CA LEU J 78 44.25 15.88 -16.30
C LEU J 78 43.09 15.18 -17.00
N GLN J 79 41.94 15.85 -17.11
CA GLN J 79 40.78 15.30 -17.79
C GLN J 79 40.71 15.85 -19.20
N ASP J 80 40.51 14.97 -20.17
CA ASP J 80 40.48 15.38 -21.57
C ASP J 80 39.28 16.26 -21.85
N GLY J 81 39.47 17.22 -22.76
CA GLY J 81 38.41 18.12 -23.18
C GLY J 81 38.58 19.56 -22.73
N GLU J 82 39.03 19.75 -21.48
CA GLU J 82 39.20 21.10 -20.94
C GLU J 82 40.64 21.38 -20.55
N PHE J 83 41.30 20.45 -19.85
CA PHE J 83 42.69 20.61 -19.42
C PHE J 83 42.87 21.92 -18.66
N SER J 84 41.89 22.27 -17.83
CA SER J 84 41.82 23.59 -17.22
C SER J 84 41.73 23.48 -15.71
N MET J 85 42.15 24.54 -15.03
CA MET J 85 42.20 24.59 -13.57
C MET J 85 41.63 25.93 -13.12
N ASP J 86 40.96 25.95 -11.98
CA ASP J 86 40.39 27.18 -11.44
C ASP J 86 40.87 27.40 -10.01
N LEU J 87 41.30 28.62 -9.71
CA LEU J 87 41.80 28.98 -8.40
C LEU J 87 41.26 30.36 -8.03
N ARG J 88 41.21 30.64 -6.74
CA ARG J 88 40.91 31.96 -6.23
C ARG J 88 41.93 32.34 -5.17
N THR J 89 42.52 33.52 -5.29
CA THR J 89 43.56 33.94 -4.36
C THR J 89 43.00 34.09 -2.95
N LYS J 90 43.87 33.81 -1.97
CA LYS J 90 43.52 33.91 -0.56
C LYS J 90 44.24 35.10 0.04
N SER J 91 43.48 35.94 0.74
CA SER J 91 43.99 37.21 1.24
C SER J 91 43.72 37.32 2.74
N THR J 92 44.40 38.26 3.38
CA THR J 92 44.31 38.48 4.81
C THR J 92 43.92 39.93 5.09
N GLY J 93 43.07 40.11 6.11
CA GLY J 93 42.61 41.43 6.49
C GLY J 93 41.70 42.08 5.48
N GLY J 94 40.82 41.29 4.87
CA GLY J 94 39.88 41.80 3.89
C GLY J 94 40.53 42.36 2.65
N ALA J 95 41.70 41.84 2.30
CA ALA J 95 42.36 42.27 1.07
C ALA J 95 41.64 41.66 -0.14
N PRO J 96 41.69 42.34 -1.29
CA PRO J 96 40.97 41.83 -2.47
C PRO J 96 41.48 40.47 -2.90
N THR J 97 40.55 39.63 -3.35
CA THR J 97 40.85 38.30 -3.86
C THR J 97 40.48 38.24 -5.34
N PHE J 98 41.21 37.41 -6.08
CA PHE J 98 41.07 37.34 -7.53
C PHE J 98 40.97 35.90 -7.99
N ASN J 99 40.27 35.70 -9.10
CA ASN J 99 40.10 34.38 -9.68
C ASN J 99 41.30 34.03 -10.56
N VAL J 100 41.79 32.80 -10.40
CA VAL J 100 42.96 32.31 -11.10
C VAL J 100 42.57 31.08 -11.92
N THR J 101 42.96 31.08 -13.19
CA THR J 101 42.73 29.93 -14.05
C THR J 101 44.06 29.47 -14.67
N VAL J 102 44.20 28.16 -14.81
CA VAL J 102 45.37 27.55 -15.42
C VAL J 102 44.89 26.50 -16.42
N THR J 103 45.42 26.56 -17.64
CA THR J 103 45.12 25.58 -18.67
C THR J 103 46.41 24.86 -19.08
N LYS J 104 46.28 23.54 -19.25
CA LYS J 104 47.42 22.68 -19.52
C LYS J 104 47.43 22.30 -21.00
N THR J 105 48.56 22.56 -21.66
CA THR J 105 48.77 22.18 -23.04
C THR J 105 49.80 21.03 -23.10
N ASP J 106 50.20 20.68 -24.32
CA ASP J 106 51.16 19.60 -24.49
C ASP J 106 52.50 19.93 -23.84
N LYS J 107 52.96 21.17 -23.99
CA LYS J 107 54.26 21.58 -23.47
C LYS J 107 54.19 22.73 -22.47
N THR J 108 53.09 23.49 -22.43
CA THR J 108 53.04 24.72 -21.68
C THR J 108 51.88 24.72 -20.71
N LEU J 109 51.94 25.65 -19.76
CA LEU J 109 50.85 25.95 -18.85
C LEU J 109 50.50 27.43 -18.98
N VAL J 110 49.24 27.71 -19.26
CA VAL J 110 48.78 29.09 -19.46
C VAL J 110 48.04 29.51 -18.19
N LEU J 111 48.47 30.63 -17.61
CA LEU J 111 47.95 31.09 -16.33
C LEU J 111 47.37 32.49 -16.47
N LEU J 112 46.14 32.67 -16.01
CA LEU J 112 45.48 33.96 -16.01
C LEU J 112 44.84 34.20 -14.65
N MET J 113 45.04 35.40 -14.11
CA MET J 113 44.30 35.87 -12.95
C MET J 113 43.75 37.26 -13.26
N GLY J 114 42.45 37.43 -13.08
CA GLY J 114 41.80 38.66 -13.49
C GLY J 114 41.93 39.76 -12.47
N LYS J 115 41.42 40.94 -12.84
CA LYS J 115 41.37 42.07 -11.94
C LYS J 115 40.24 41.91 -10.94
N GLU J 116 40.08 42.93 -10.09
CA GLU J 116 39.05 42.90 -9.06
C GLU J 116 37.66 42.91 -9.68
N GLY J 117 36.74 42.15 -9.10
CA GLY J 117 35.37 42.13 -9.53
C GLY J 117 35.09 41.38 -10.82
N VAL J 118 36.08 40.69 -11.36
CA VAL J 118 35.90 40.00 -12.64
C VAL J 118 35.49 38.55 -12.38
N HIS J 119 34.42 38.11 -13.05
CA HIS J 119 33.93 36.76 -12.87
C HIS J 119 34.93 35.74 -13.41
N GLY J 120 35.01 34.60 -12.74
CA GLY J 120 35.94 33.55 -13.16
C GLY J 120 35.62 32.96 -14.51
N GLY J 121 34.33 32.93 -14.88
CA GLY J 121 33.95 32.39 -16.17
C GLY J 121 34.58 33.15 -17.33
N LEU J 122 34.66 34.47 -17.22
CA LEU J 122 35.34 35.26 -18.25
C LEU J 122 36.82 34.92 -18.30
N ILE J 123 37.45 34.74 -17.15
CA ILE J 123 38.87 34.38 -17.11
C ILE J 123 39.08 32.98 -17.66
N ASN J 124 38.16 32.06 -17.35
CA ASN J 124 38.30 30.68 -17.80
C ASN J 124 38.12 30.57 -19.31
N LYS J 125 37.11 31.25 -19.86
CA LYS J 125 36.82 31.08 -21.28
C LYS J 125 37.97 31.55 -22.15
N LYS J 126 38.65 32.63 -21.75
CA LYS J 126 39.79 33.11 -22.52
C LYS J 126 40.94 32.11 -22.48
N CYS J 127 41.32 31.67 -21.28
CA CYS J 127 42.47 30.78 -21.14
C CYS J 127 42.23 29.47 -21.87
N TYR J 128 40.99 28.99 -21.88
CA TYR J 128 40.65 27.81 -22.66
C TYR J 128 40.81 28.07 -24.16
N GLU J 129 40.46 29.28 -24.61
CA GLU J 129 40.54 29.57 -26.04
C GLU J 129 41.98 29.60 -26.54
N MET J 130 42.85 30.34 -25.86
CA MET J 130 44.25 30.38 -26.28
C MET J 130 44.93 29.04 -26.06
N ALA J 131 44.55 28.32 -25.01
CA ALA J 131 45.05 26.95 -24.85
C ALA J 131 44.58 26.07 -26.00
N SER J 132 43.32 26.23 -26.40
CA SER J 132 42.81 25.45 -27.54
C SER J 132 43.57 25.78 -28.81
N HIS J 133 43.84 27.07 -29.05
CA HIS J 133 44.64 27.47 -30.21
C HIS J 133 46.05 26.90 -30.12
N LEU J 134 46.65 26.98 -28.92
CA LEU J 134 48.05 26.58 -28.77
C LEU J 134 48.24 25.08 -28.96
N ARG J 135 47.28 24.27 -28.52
CA ARG J 135 47.38 22.83 -28.77
C ARG J 135 47.21 22.51 -30.24
N ARG J 136 46.42 23.31 -30.97
CA ARG J 136 46.32 23.13 -32.41
C ARG J 136 47.63 23.45 -33.12
N SER J 137 48.55 24.13 -32.44
CA SER J 137 49.87 24.43 -32.98
C SER J 137 50.92 23.42 -32.52
N GLN J 138 50.49 22.30 -31.95
CA GLN J 138 51.39 21.24 -31.48
C GLN J 138 52.36 21.73 -30.41
N TYR J 139 51.87 22.51 -29.47
CA TYR J 139 52.66 22.94 -28.31
C TYR J 139 51.91 22.64 -27.03
#